data_1F9X
# 
_entry.id   1F9X 
# 
_audit_conform.dict_name       mmcif_pdbx.dic 
_audit_conform.dict_version    5.392 
_audit_conform.dict_location   http://mmcif.pdb.org/dictionaries/ascii/mmcif_pdbx.dic 
# 
loop_
_database_2.database_id 
_database_2.database_code 
_database_2.pdbx_database_accession 
_database_2.pdbx_DOI 
PDB   1F9X         pdb_00001f9x 10.2210/pdb1f9x/pdb 
RCSB  RCSB011424   ?            ?                   
WWPDB D_1000011424 ?            ?                   
# 
loop_
_pdbx_audit_revision_history.ordinal 
_pdbx_audit_revision_history.data_content_type 
_pdbx_audit_revision_history.major_revision 
_pdbx_audit_revision_history.minor_revision 
_pdbx_audit_revision_history.revision_date 
1 'Structure model' 1 0 2001-07-11 
2 'Structure model' 1 1 2008-04-27 
3 'Structure model' 1 2 2011-07-13 
4 'Structure model' 1 3 2022-02-23 
5 'Structure model' 1 4 2024-05-22 
# 
_pdbx_audit_revision_details.ordinal             1 
_pdbx_audit_revision_details.revision_ordinal    1 
_pdbx_audit_revision_details.data_content_type   'Structure model' 
_pdbx_audit_revision_details.provider            repository 
_pdbx_audit_revision_details.type                'Initial release' 
_pdbx_audit_revision_details.description         ? 
_pdbx_audit_revision_details.details             ? 
# 
loop_
_pdbx_audit_revision_group.ordinal 
_pdbx_audit_revision_group.revision_ordinal 
_pdbx_audit_revision_group.data_content_type 
_pdbx_audit_revision_group.group 
1 2 'Structure model' 'Version format compliance' 
2 3 'Structure model' 'Version format compliance' 
3 4 'Structure model' 'Database references'       
4 4 'Structure model' 'Derived calculations'      
5 5 'Structure model' 'Data collection'           
# 
loop_
_pdbx_audit_revision_category.ordinal 
_pdbx_audit_revision_category.revision_ordinal 
_pdbx_audit_revision_category.data_content_type 
_pdbx_audit_revision_category.category 
1 4 'Structure model' database_2             
2 4 'Structure model' pdbx_struct_assembly   
3 4 'Structure model' pdbx_struct_conn_angle 
4 4 'Structure model' pdbx_struct_oper_list  
5 4 'Structure model' struct_conn            
6 4 'Structure model' struct_ref_seq_dif     
7 4 'Structure model' struct_site            
8 5 'Structure model' chem_comp_atom         
9 5 'Structure model' chem_comp_bond         
# 
loop_
_pdbx_audit_revision_item.ordinal 
_pdbx_audit_revision_item.revision_ordinal 
_pdbx_audit_revision_item.data_content_type 
_pdbx_audit_revision_item.item 
1  4 'Structure model' '_database_2.pdbx_DOI'                        
2  4 'Structure model' '_database_2.pdbx_database_accession'         
3  4 'Structure model' '_pdbx_struct_conn_angle.ptnr1_auth_comp_id'  
4  4 'Structure model' '_pdbx_struct_conn_angle.ptnr1_auth_seq_id'   
5  4 'Structure model' '_pdbx_struct_conn_angle.ptnr1_label_atom_id' 
6  4 'Structure model' '_pdbx_struct_conn_angle.ptnr1_label_comp_id' 
7  4 'Structure model' '_pdbx_struct_conn_angle.ptnr1_label_seq_id'  
8  4 'Structure model' '_pdbx_struct_conn_angle.ptnr3_auth_comp_id'  
9  4 'Structure model' '_pdbx_struct_conn_angle.ptnr3_auth_seq_id'   
10 4 'Structure model' '_pdbx_struct_conn_angle.ptnr3_label_atom_id' 
11 4 'Structure model' '_pdbx_struct_conn_angle.ptnr3_label_comp_id' 
12 4 'Structure model' '_pdbx_struct_conn_angle.ptnr3_label_seq_id'  
13 4 'Structure model' '_pdbx_struct_conn_angle.value'               
14 4 'Structure model' '_struct_conn.pdbx_dist_value'                
15 4 'Structure model' '_struct_conn.ptnr1_auth_comp_id'             
16 4 'Structure model' '_struct_conn.ptnr1_auth_seq_id'              
17 4 'Structure model' '_struct_conn.ptnr1_label_asym_id'            
18 4 'Structure model' '_struct_conn.ptnr1_label_atom_id'            
19 4 'Structure model' '_struct_conn.ptnr1_label_comp_id'            
20 4 'Structure model' '_struct_conn.ptnr1_label_seq_id'             
21 4 'Structure model' '_struct_conn.ptnr2_auth_comp_id'             
22 4 'Structure model' '_struct_conn.ptnr2_auth_seq_id'              
23 4 'Structure model' '_struct_conn.ptnr2_label_asym_id'            
24 4 'Structure model' '_struct_conn.ptnr2_label_atom_id'            
25 4 'Structure model' '_struct_conn.ptnr2_label_comp_id'            
26 4 'Structure model' '_struct_conn.ptnr2_label_seq_id'             
27 4 'Structure model' '_struct_ref_seq_dif.details'                 
28 4 'Structure model' '_struct_site.pdbx_auth_asym_id'              
29 4 'Structure model' '_struct_site.pdbx_auth_comp_id'              
30 4 'Structure model' '_struct_site.pdbx_auth_seq_id'               
# 
_pdbx_database_status.status_code                     REL 
_pdbx_database_status.entry_id                        1F9X 
_pdbx_database_status.recvd_initial_deposition_date   2000-07-11 
_pdbx_database_status.deposit_site                    RCSB 
_pdbx_database_status.process_site                    RCSB 
_pdbx_database_status.SG_entry                        . 
_pdbx_database_status.pdb_format_compatible           Y 
_pdbx_database_status.status_code_mr                  ? 
_pdbx_database_status.status_code_sf                  ? 
_pdbx_database_status.status_code_cs                  ? 
_pdbx_database_status.status_code_nmr_data            ? 
_pdbx_database_status.methods_development_category    ? 
# 
loop_
_audit_author.name 
_audit_author.pdbx_ordinal 
'Sun, C.'       1 
'Cai, M.'       2 
'Meadows, R.P.' 3 
'Fesik, S.W.'   4 
# 
_citation.id                        primary 
_citation.title                     
'NMR structure and mutagenesis of the third Bir domain of the inhibitor of apoptosis protein XIAP.' 
_citation.journal_abbrev            J.Biol.Chem. 
_citation.journal_volume            275 
_citation.page_first                33777 
_citation.page_last                 33781 
_citation.year                      2000 
_citation.journal_id_ASTM           JBCHA3 
_citation.country                   US 
_citation.journal_id_ISSN           0021-9258 
_citation.journal_id_CSD            0071 
_citation.book_publisher            ? 
_citation.pdbx_database_id_PubMed   10934209 
_citation.pdbx_database_id_DOI      10.1074/jbc.M006226200 
# 
loop_
_citation_author.citation_id 
_citation_author.name 
_citation_author.ordinal 
_citation_author.identifier_ORCID 
primary 'Sun, C.'          1 ? 
primary 'Cai, M.'          2 ? 
primary 'Meadows, R.P.'    3 ? 
primary 'Xu, N.'           4 ? 
primary 'Gunasekera, A.H.' 5 ? 
primary 'Herrmann, J.'     6 ? 
primary 'Wu, J.C.'         7 ? 
primary 'Fesik, S.W.'      8 ? 
# 
loop_
_entity.id 
_entity.type 
_entity.src_method 
_entity.pdbx_description 
_entity.formula_weight 
_entity.pdbx_number_of_molecules 
_entity.pdbx_ec 
_entity.pdbx_mutation 
_entity.pdbx_fragment 
_entity.details 
1 polymer     man 'INHIBITOR OF APOPTOSIS PROTEIN XIAP' 13707.228 1 ? ? 'RESIDUES 241-356' ? 
2 non-polymer syn 'ZINC ION'                            65.409    1 ? ? ?                  ? 
# 
_entity_name_com.entity_id   1 
_entity_name_com.name        'APOPTOSIS INHIBITOR 3' 
# 
_entity_poly.entity_id                      1 
_entity_poly.type                           'polypeptide(L)' 
_entity_poly.nstd_linkage                   no 
_entity_poly.nstd_monomer                   no 
_entity_poly.pdbx_seq_one_letter_code       
;GSHMSDAVSSDRNFPNSTNLPRNPSMADYEARIFTFGTWIYSVNKEQLARAGFYALGEGDKVKCFHCGGGLTDWKPSEDP
WEQHAKWYPGCKYLLEQKGQEYINNIHLTHSLEECLVRTT
;
_entity_poly.pdbx_seq_one_letter_code_can   
;GSHMSDAVSSDRNFPNSTNLPRNPSMADYEARIFTFGTWIYSVNKEQLARAGFYALGEGDKVKCFHCGGGLTDWKPSEDP
WEQHAKWYPGCKYLLEQKGQEYINNIHLTHSLEECLVRTT
;
_entity_poly.pdbx_strand_id                 A 
_entity_poly.pdbx_target_identifier         ? 
# 
_pdbx_entity_nonpoly.entity_id   2 
_pdbx_entity_nonpoly.name        'ZINC ION' 
_pdbx_entity_nonpoly.comp_id     ZN 
# 
loop_
_entity_poly_seq.entity_id 
_entity_poly_seq.num 
_entity_poly_seq.mon_id 
_entity_poly_seq.hetero 
1 1   GLY n 
1 2   SER n 
1 3   HIS n 
1 4   MET n 
1 5   SER n 
1 6   ASP n 
1 7   ALA n 
1 8   VAL n 
1 9   SER n 
1 10  SER n 
1 11  ASP n 
1 12  ARG n 
1 13  ASN n 
1 14  PHE n 
1 15  PRO n 
1 16  ASN n 
1 17  SER n 
1 18  THR n 
1 19  ASN n 
1 20  LEU n 
1 21  PRO n 
1 22  ARG n 
1 23  ASN n 
1 24  PRO n 
1 25  SER n 
1 26  MET n 
1 27  ALA n 
1 28  ASP n 
1 29  TYR n 
1 30  GLU n 
1 31  ALA n 
1 32  ARG n 
1 33  ILE n 
1 34  PHE n 
1 35  THR n 
1 36  PHE n 
1 37  GLY n 
1 38  THR n 
1 39  TRP n 
1 40  ILE n 
1 41  TYR n 
1 42  SER n 
1 43  VAL n 
1 44  ASN n 
1 45  LYS n 
1 46  GLU n 
1 47  GLN n 
1 48  LEU n 
1 49  ALA n 
1 50  ARG n 
1 51  ALA n 
1 52  GLY n 
1 53  PHE n 
1 54  TYR n 
1 55  ALA n 
1 56  LEU n 
1 57  GLY n 
1 58  GLU n 
1 59  GLY n 
1 60  ASP n 
1 61  LYS n 
1 62  VAL n 
1 63  LYS n 
1 64  CYS n 
1 65  PHE n 
1 66  HIS n 
1 67  CYS n 
1 68  GLY n 
1 69  GLY n 
1 70  GLY n 
1 71  LEU n 
1 72  THR n 
1 73  ASP n 
1 74  TRP n 
1 75  LYS n 
1 76  PRO n 
1 77  SER n 
1 78  GLU n 
1 79  ASP n 
1 80  PRO n 
1 81  TRP n 
1 82  GLU n 
1 83  GLN n 
1 84  HIS n 
1 85  ALA n 
1 86  LYS n 
1 87  TRP n 
1 88  TYR n 
1 89  PRO n 
1 90  GLY n 
1 91  CYS n 
1 92  LYS n 
1 93  TYR n 
1 94  LEU n 
1 95  LEU n 
1 96  GLU n 
1 97  GLN n 
1 98  LYS n 
1 99  GLY n 
1 100 GLN n 
1 101 GLU n 
1 102 TYR n 
1 103 ILE n 
1 104 ASN n 
1 105 ASN n 
1 106 ILE n 
1 107 HIS n 
1 108 LEU n 
1 109 THR n 
1 110 HIS n 
1 111 SER n 
1 112 LEU n 
1 113 GLU n 
1 114 GLU n 
1 115 CYS n 
1 116 LEU n 
1 117 VAL n 
1 118 ARG n 
1 119 THR n 
1 120 THR n 
# 
_entity_src_gen.entity_id                          1 
_entity_src_gen.pdbx_src_id                        1 
_entity_src_gen.pdbx_alt_source_flag               sample 
_entity_src_gen.pdbx_seq_type                      ? 
_entity_src_gen.pdbx_beg_seq_num                   ? 
_entity_src_gen.pdbx_end_seq_num                   ? 
_entity_src_gen.gene_src_common_name               human 
_entity_src_gen.gene_src_genus                     Homo 
_entity_src_gen.pdbx_gene_src_gene                 ? 
_entity_src_gen.gene_src_species                   ? 
_entity_src_gen.gene_src_strain                    ? 
_entity_src_gen.gene_src_tissue                    ? 
_entity_src_gen.gene_src_tissue_fraction           ? 
_entity_src_gen.gene_src_details                   ? 
_entity_src_gen.pdbx_gene_src_fragment             ? 
_entity_src_gen.pdbx_gene_src_scientific_name      'Homo sapiens' 
_entity_src_gen.pdbx_gene_src_ncbi_taxonomy_id     9606 
_entity_src_gen.pdbx_gene_src_variant              ? 
_entity_src_gen.pdbx_gene_src_cell_line            ? 
_entity_src_gen.pdbx_gene_src_atcc                 ? 
_entity_src_gen.pdbx_gene_src_organ                ? 
_entity_src_gen.pdbx_gene_src_organelle            ? 
_entity_src_gen.pdbx_gene_src_cell                 ? 
_entity_src_gen.pdbx_gene_src_cellular_location    ? 
_entity_src_gen.host_org_common_name               ? 
_entity_src_gen.pdbx_host_org_scientific_name      'Escherichia coli' 
_entity_src_gen.pdbx_host_org_ncbi_taxonomy_id     562 
_entity_src_gen.host_org_genus                     Escherichia 
_entity_src_gen.pdbx_host_org_gene                 ? 
_entity_src_gen.pdbx_host_org_organ                ? 
_entity_src_gen.host_org_species                   ? 
_entity_src_gen.pdbx_host_org_tissue               ? 
_entity_src_gen.pdbx_host_org_tissue_fraction      ? 
_entity_src_gen.pdbx_host_org_strain               ? 
_entity_src_gen.pdbx_host_org_variant              ? 
_entity_src_gen.pdbx_host_org_cell_line            ? 
_entity_src_gen.pdbx_host_org_atcc                 ? 
_entity_src_gen.pdbx_host_org_culture_collection   ? 
_entity_src_gen.pdbx_host_org_cell                 ? 
_entity_src_gen.pdbx_host_org_organelle            ? 
_entity_src_gen.pdbx_host_org_cellular_location    ? 
_entity_src_gen.pdbx_host_org_vector_type          PLASMID 
_entity_src_gen.pdbx_host_org_vector               ? 
_entity_src_gen.host_org_details                   ? 
_entity_src_gen.expression_system_id               ? 
_entity_src_gen.plasmid_name                       PET28B 
_entity_src_gen.plasmid_details                    ? 
_entity_src_gen.pdbx_description                   ? 
# 
loop_
_chem_comp.id 
_chem_comp.type 
_chem_comp.mon_nstd_flag 
_chem_comp.name 
_chem_comp.pdbx_synonyms 
_chem_comp.formula 
_chem_comp.formula_weight 
ALA 'L-peptide linking' y ALANINE         ? 'C3 H7 N O2'     89.093  
ARG 'L-peptide linking' y ARGININE        ? 'C6 H15 N4 O2 1' 175.209 
ASN 'L-peptide linking' y ASPARAGINE      ? 'C4 H8 N2 O3'    132.118 
ASP 'L-peptide linking' y 'ASPARTIC ACID' ? 'C4 H7 N O4'     133.103 
CYS 'L-peptide linking' y CYSTEINE        ? 'C3 H7 N O2 S'   121.158 
GLN 'L-peptide linking' y GLUTAMINE       ? 'C5 H10 N2 O3'   146.144 
GLU 'L-peptide linking' y 'GLUTAMIC ACID' ? 'C5 H9 N O4'     147.129 
GLY 'peptide linking'   y GLYCINE         ? 'C2 H5 N O2'     75.067  
HIS 'L-peptide linking' y HISTIDINE       ? 'C6 H10 N3 O2 1' 156.162 
ILE 'L-peptide linking' y ISOLEUCINE      ? 'C6 H13 N O2'    131.173 
LEU 'L-peptide linking' y LEUCINE         ? 'C6 H13 N O2'    131.173 
LYS 'L-peptide linking' y LYSINE          ? 'C6 H15 N2 O2 1' 147.195 
MET 'L-peptide linking' y METHIONINE      ? 'C5 H11 N O2 S'  149.211 
PHE 'L-peptide linking' y PHENYLALANINE   ? 'C9 H11 N O2'    165.189 
PRO 'L-peptide linking' y PROLINE         ? 'C5 H9 N O2'     115.130 
SER 'L-peptide linking' y SERINE          ? 'C3 H7 N O3'     105.093 
THR 'L-peptide linking' y THREONINE       ? 'C4 H9 N O3'     119.119 
TRP 'L-peptide linking' y TRYPTOPHAN      ? 'C11 H12 N2 O2'  204.225 
TYR 'L-peptide linking' y TYROSINE        ? 'C9 H11 N O3'    181.189 
VAL 'L-peptide linking' y VALINE          ? 'C5 H11 N O2'    117.146 
ZN  non-polymer         . 'ZINC ION'      ? 'Zn 2'           65.409  
# 
loop_
_pdbx_poly_seq_scheme.asym_id 
_pdbx_poly_seq_scheme.entity_id 
_pdbx_poly_seq_scheme.seq_id 
_pdbx_poly_seq_scheme.mon_id 
_pdbx_poly_seq_scheme.ndb_seq_num 
_pdbx_poly_seq_scheme.pdb_seq_num 
_pdbx_poly_seq_scheme.auth_seq_num 
_pdbx_poly_seq_scheme.pdb_mon_id 
_pdbx_poly_seq_scheme.auth_mon_id 
_pdbx_poly_seq_scheme.pdb_strand_id 
_pdbx_poly_seq_scheme.pdb_ins_code 
_pdbx_poly_seq_scheme.hetero 
A 1 1   GLY 1   237 ?   ?   ?   A . n 
A 1 2   SER 2   238 ?   ?   ?   A . n 
A 1 3   HIS 3   239 ?   ?   ?   A . n 
A 1 4   MET 4   240 240 MET MET A . n 
A 1 5   SER 5   241 241 SER SER A . n 
A 1 6   ASP 6   242 242 ASP ASP A . n 
A 1 7   ALA 7   243 243 ALA ALA A . n 
A 1 8   VAL 8   244 244 VAL VAL A . n 
A 1 9   SER 9   245 245 SER SER A . n 
A 1 10  SER 10  246 246 SER SER A . n 
A 1 11  ASP 11  247 247 ASP ASP A . n 
A 1 12  ARG 12  248 248 ARG ARG A . n 
A 1 13  ASN 13  249 249 ASN ASN A . n 
A 1 14  PHE 14  250 250 PHE PHE A . n 
A 1 15  PRO 15  251 251 PRO PRO A . n 
A 1 16  ASN 16  252 252 ASN ASN A . n 
A 1 17  SER 17  253 253 SER SER A . n 
A 1 18  THR 18  254 254 THR THR A . n 
A 1 19  ASN 19  255 255 ASN ASN A . n 
A 1 20  LEU 20  256 256 LEU LEU A . n 
A 1 21  PRO 21  257 257 PRO PRO A . n 
A 1 22  ARG 22  258 258 ARG ARG A . n 
A 1 23  ASN 23  259 259 ASN ASN A . n 
A 1 24  PRO 24  260 260 PRO PRO A . n 
A 1 25  SER 25  261 261 SER SER A . n 
A 1 26  MET 26  262 262 MET MET A . n 
A 1 27  ALA 27  263 263 ALA ALA A . n 
A 1 28  ASP 28  264 264 ASP ASP A . n 
A 1 29  TYR 29  265 265 TYR TYR A . n 
A 1 30  GLU 30  266 266 GLU GLU A . n 
A 1 31  ALA 31  267 267 ALA ALA A . n 
A 1 32  ARG 32  268 268 ARG ARG A . n 
A 1 33  ILE 33  269 269 ILE ILE A . n 
A 1 34  PHE 34  270 270 PHE PHE A . n 
A 1 35  THR 35  271 271 THR THR A . n 
A 1 36  PHE 36  272 272 PHE PHE A . n 
A 1 37  GLY 37  273 273 GLY GLY A . n 
A 1 38  THR 38  274 274 THR THR A . n 
A 1 39  TRP 39  275 275 TRP TRP A . n 
A 1 40  ILE 40  276 276 ILE ILE A . n 
A 1 41  TYR 41  277 277 TYR TYR A . n 
A 1 42  SER 42  278 278 SER SER A . n 
A 1 43  VAL 43  279 279 VAL VAL A . n 
A 1 44  ASN 44  280 280 ASN ASN A . n 
A 1 45  LYS 45  281 281 LYS LYS A . n 
A 1 46  GLU 46  282 282 GLU GLU A . n 
A 1 47  GLN 47  283 283 GLN GLN A . n 
A 1 48  LEU 48  284 284 LEU LEU A . n 
A 1 49  ALA 49  285 285 ALA ALA A . n 
A 1 50  ARG 50  286 286 ARG ARG A . n 
A 1 51  ALA 51  287 287 ALA ALA A . n 
A 1 52  GLY 52  288 288 GLY GLY A . n 
A 1 53  PHE 53  289 289 PHE PHE A . n 
A 1 54  TYR 54  290 290 TYR TYR A . n 
A 1 55  ALA 55  291 291 ALA ALA A . n 
A 1 56  LEU 56  292 292 LEU LEU A . n 
A 1 57  GLY 57  293 293 GLY GLY A . n 
A 1 58  GLU 58  294 294 GLU GLU A . n 
A 1 59  GLY 59  295 295 GLY GLY A . n 
A 1 60  ASP 60  296 296 ASP ASP A . n 
A 1 61  LYS 61  297 297 LYS LYS A . n 
A 1 62  VAL 62  298 298 VAL VAL A . n 
A 1 63  LYS 63  299 299 LYS LYS A . n 
A 1 64  CYS 64  300 300 CYS CYS A . n 
A 1 65  PHE 65  301 301 PHE PHE A . n 
A 1 66  HIS 66  302 302 HIS HIS A . n 
A 1 67  CYS 67  303 303 CYS CYS A . n 
A 1 68  GLY 68  304 304 GLY GLY A . n 
A 1 69  GLY 69  305 305 GLY GLY A . n 
A 1 70  GLY 70  306 306 GLY GLY A . n 
A 1 71  LEU 71  307 307 LEU LEU A . n 
A 1 72  THR 72  308 308 THR THR A . n 
A 1 73  ASP 73  309 309 ASP ASP A . n 
A 1 74  TRP 74  310 310 TRP TRP A . n 
A 1 75  LYS 75  311 311 LYS LYS A . n 
A 1 76  PRO 76  312 312 PRO PRO A . n 
A 1 77  SER 77  313 313 SER SER A . n 
A 1 78  GLU 78  314 314 GLU GLU A . n 
A 1 79  ASP 79  315 315 ASP ASP A . n 
A 1 80  PRO 80  316 316 PRO PRO A . n 
A 1 81  TRP 81  317 317 TRP TRP A . n 
A 1 82  GLU 82  318 318 GLU GLU A . n 
A 1 83  GLN 83  319 319 GLN GLN A . n 
A 1 84  HIS 84  320 320 HIS HIS A . n 
A 1 85  ALA 85  321 321 ALA ALA A . n 
A 1 86  LYS 86  322 322 LYS LYS A . n 
A 1 87  TRP 87  323 323 TRP TRP A . n 
A 1 88  TYR 88  324 324 TYR TYR A . n 
A 1 89  PRO 89  325 325 PRO PRO A . n 
A 1 90  GLY 90  326 326 GLY GLY A . n 
A 1 91  CYS 91  327 327 CYS CYS A . n 
A 1 92  LYS 92  328 328 LYS LYS A . n 
A 1 93  TYR 93  329 329 TYR TYR A . n 
A 1 94  LEU 94  330 330 LEU LEU A . n 
A 1 95  LEU 95  331 331 LEU LEU A . n 
A 1 96  GLU 96  332 332 GLU GLU A . n 
A 1 97  GLN 97  333 333 GLN GLN A . n 
A 1 98  LYS 98  334 334 LYS LYS A . n 
A 1 99  GLY 99  335 335 GLY GLY A . n 
A 1 100 GLN 100 336 336 GLN GLN A . n 
A 1 101 GLU 101 337 337 GLU GLU A . n 
A 1 102 TYR 102 338 338 TYR TYR A . n 
A 1 103 ILE 103 339 339 ILE ILE A . n 
A 1 104 ASN 104 340 340 ASN ASN A . n 
A 1 105 ASN 105 341 341 ASN ASN A . n 
A 1 106 ILE 106 342 342 ILE ILE A . n 
A 1 107 HIS 107 343 343 HIS HIS A . n 
A 1 108 LEU 108 344 344 LEU LEU A . n 
A 1 109 THR 109 345 345 THR THR A . n 
A 1 110 HIS 110 346 346 HIS HIS A . n 
A 1 111 SER 111 347 347 SER SER A . n 
A 1 112 LEU 112 348 348 LEU LEU A . n 
A 1 113 GLU 113 349 349 GLU GLU A . n 
A 1 114 GLU 114 350 350 GLU GLU A . n 
A 1 115 CYS 115 351 351 CYS CYS A . n 
A 1 116 LEU 116 352 352 LEU LEU A . n 
A 1 117 VAL 117 353 353 VAL VAL A . n 
A 1 118 ARG 118 354 354 ARG ARG A . n 
A 1 119 THR 119 355 355 THR THR A . n 
A 1 120 THR 120 356 356 THR THR A . n 
# 
_pdbx_nonpoly_scheme.asym_id         B 
_pdbx_nonpoly_scheme.entity_id       2 
_pdbx_nonpoly_scheme.mon_id          ZN 
_pdbx_nonpoly_scheme.ndb_seq_num     1 
_pdbx_nonpoly_scheme.pdb_seq_num     999 
_pdbx_nonpoly_scheme.auth_seq_num    999 
_pdbx_nonpoly_scheme.pdb_mon_id      ZN 
_pdbx_nonpoly_scheme.auth_mon_id     ZN 
_pdbx_nonpoly_scheme.pdb_strand_id   A 
_pdbx_nonpoly_scheme.pdb_ins_code    . 
# 
_cell.entry_id           1F9X 
_cell.length_a           ? 
_cell.length_b           ? 
_cell.length_c           ? 
_cell.angle_alpha        ? 
_cell.angle_beta         ? 
_cell.angle_gamma        ? 
_cell.Z_PDB              1 
_cell.pdbx_unique_axis   ? 
# 
_exptl.entry_id          1F9X 
_exptl.method            'SOLUTION NMR' 
_exptl.crystals_number   ? 
# 
_struct.entry_id                  1F9X 
_struct.title                     'AVERAGE NMR SOLUTION STRUCTURE OF THE BIR-3 DOMAIN OF XIAP' 
_struct.pdbx_model_details        ? 
_struct.pdbx_CASP_flag            ? 
_struct.pdbx_model_type_details   ? 
# 
_struct_keywords.entry_id        1F9X 
_struct_keywords.pdbx_keywords   'apoptosis inhibitor' 
_struct_keywords.text            
'Bir3 domain, inhibitor of apoptosis protein XIAP, Zinc finger, caspase-9 inhibition, apoptosis inhibitor' 
# 
loop_
_struct_asym.id 
_struct_asym.pdbx_blank_PDB_chainid_flag 
_struct_asym.pdbx_modified 
_struct_asym.entity_id 
_struct_asym.details 
A N N 1 ? 
B N N 2 ? 
# 
_struct_ref.id                         1 
_struct_ref.db_code                    BIRC4_HUMAN 
_struct_ref.db_name                    UNP 
_struct_ref.entity_id                  1 
_struct_ref.pdbx_db_accession          P98170 
_struct_ref.pdbx_align_begin           241 
_struct_ref.pdbx_seq_one_letter_code   
;SDAVSSDRNFPNSTNLPRNPSMADYEARIFTFGTWIYSVNKEQLARAGFYALGEGDKVKCFHCGGGLTDWKPSEDPWEQH
AKWYPGCKYLLEQKGQEYINNIHLTHSLEECLVRTT
;
_struct_ref.pdbx_db_isoform            ? 
# 
_struct_ref_seq.align_id                      1 
_struct_ref_seq.ref_id                        1 
_struct_ref_seq.pdbx_PDB_id_code              1F9X 
_struct_ref_seq.pdbx_strand_id                A 
_struct_ref_seq.seq_align_beg                 5 
_struct_ref_seq.pdbx_seq_align_beg_ins_code   ? 
_struct_ref_seq.seq_align_end                 120 
_struct_ref_seq.pdbx_seq_align_end_ins_code   ? 
_struct_ref_seq.pdbx_db_accession             P98170 
_struct_ref_seq.db_align_beg                  241 
_struct_ref_seq.pdbx_db_align_beg_ins_code    ? 
_struct_ref_seq.db_align_end                  356 
_struct_ref_seq.pdbx_db_align_end_ins_code    ? 
_struct_ref_seq.pdbx_auth_seq_align_beg       241 
_struct_ref_seq.pdbx_auth_seq_align_end       356 
# 
loop_
_struct_ref_seq_dif.align_id 
_struct_ref_seq_dif.pdbx_pdb_id_code 
_struct_ref_seq_dif.mon_id 
_struct_ref_seq_dif.pdbx_pdb_strand_id 
_struct_ref_seq_dif.seq_num 
_struct_ref_seq_dif.pdbx_pdb_ins_code 
_struct_ref_seq_dif.pdbx_seq_db_name 
_struct_ref_seq_dif.pdbx_seq_db_accession_code 
_struct_ref_seq_dif.db_mon_id 
_struct_ref_seq_dif.pdbx_seq_db_seq_num 
_struct_ref_seq_dif.details 
_struct_ref_seq_dif.pdbx_auth_seq_num 
_struct_ref_seq_dif.pdbx_ordinal 
1 1F9X GLY A 1 ? UNP P98170 ? ? 'cloning artifact' 237 1 
1 1F9X SER A 2 ? UNP P98170 ? ? 'cloning artifact' 238 2 
1 1F9X HIS A 3 ? UNP P98170 ? ? 'cloning artifact' 239 3 
1 1F9X MET A 4 ? UNP P98170 ? ? 'cloning artifact' 240 4 
# 
_pdbx_struct_assembly.id                   1 
_pdbx_struct_assembly.details              author_defined_assembly 
_pdbx_struct_assembly.method_details       ? 
_pdbx_struct_assembly.oligomeric_details   monomeric 
_pdbx_struct_assembly.oligomeric_count     1 
# 
_pdbx_struct_assembly_gen.assembly_id       1 
_pdbx_struct_assembly_gen.oper_expression   1 
_pdbx_struct_assembly_gen.asym_id_list      A,B 
# 
_pdbx_struct_oper_list.id                   1 
_pdbx_struct_oper_list.type                 'identity operation' 
_pdbx_struct_oper_list.name                 1_555 
_pdbx_struct_oper_list.symmetry_operation   x,y,z 
_pdbx_struct_oper_list.matrix[1][1]         1.0000000000 
_pdbx_struct_oper_list.matrix[1][2]         0.0000000000 
_pdbx_struct_oper_list.matrix[1][3]         0.0000000000 
_pdbx_struct_oper_list.vector[1]            0.0000000000 
_pdbx_struct_oper_list.matrix[2][1]         0.0000000000 
_pdbx_struct_oper_list.matrix[2][2]         1.0000000000 
_pdbx_struct_oper_list.matrix[2][3]         0.0000000000 
_pdbx_struct_oper_list.vector[2]            0.0000000000 
_pdbx_struct_oper_list.matrix[3][1]         0.0000000000 
_pdbx_struct_oper_list.matrix[3][2]         0.0000000000 
_pdbx_struct_oper_list.matrix[3][3]         1.0000000000 
_pdbx_struct_oper_list.vector[3]            0.0000000000 
# 
_struct_biol.id   1 
# 
loop_
_struct_conf.conf_type_id 
_struct_conf.id 
_struct_conf.pdbx_PDB_helix_id 
_struct_conf.beg_label_comp_id 
_struct_conf.beg_label_asym_id 
_struct_conf.beg_label_seq_id 
_struct_conf.pdbx_beg_PDB_ins_code 
_struct_conf.end_label_comp_id 
_struct_conf.end_label_asym_id 
_struct_conf.end_label_seq_id 
_struct_conf.pdbx_end_PDB_ins_code 
_struct_conf.beg_auth_comp_id 
_struct_conf.beg_auth_asym_id 
_struct_conf.beg_auth_seq_id 
_struct_conf.end_auth_comp_id 
_struct_conf.end_auth_asym_id 
_struct_conf.end_auth_seq_id 
_struct_conf.pdbx_PDB_helix_class 
_struct_conf.details 
_struct_conf.pdbx_PDB_helix_length 
HELX_P HELX_P1 1 ALA A 7  ? ASP A 11  ? ALA A 243 ASP A 247 5 ? 5  
HELX_P HELX_P2 2 ASP A 28 ? GLY A 37  ? ASP A 264 GLY A 273 1 ? 10 
HELX_P HELX_P3 3 VAL A 43 ? GLY A 52  ? VAL A 279 GLY A 288 1 ? 10 
HELX_P HELX_P4 4 ASP A 79 ? TYR A 88  ? ASP A 315 TYR A 324 1 ? 10 
HELX_P HELX_P5 5 CYS A 91 ? GLY A 99  ? CYS A 327 GLY A 335 1 ? 9  
HELX_P HELX_P6 6 LYS A 98 ? LEU A 108 ? LYS A 334 LEU A 344 1 ? 11 
# 
_struct_conf_type.id          HELX_P 
_struct_conf_type.criteria    ? 
_struct_conf_type.reference   ? 
# 
loop_
_struct_conn.id 
_struct_conn.conn_type_id 
_struct_conn.pdbx_leaving_atom_flag 
_struct_conn.pdbx_PDB_id 
_struct_conn.ptnr1_label_asym_id 
_struct_conn.ptnr1_label_comp_id 
_struct_conn.ptnr1_label_seq_id 
_struct_conn.ptnr1_label_atom_id 
_struct_conn.pdbx_ptnr1_label_alt_id 
_struct_conn.pdbx_ptnr1_PDB_ins_code 
_struct_conn.pdbx_ptnr1_standard_comp_id 
_struct_conn.ptnr1_symmetry 
_struct_conn.ptnr2_label_asym_id 
_struct_conn.ptnr2_label_comp_id 
_struct_conn.ptnr2_label_seq_id 
_struct_conn.ptnr2_label_atom_id 
_struct_conn.pdbx_ptnr2_label_alt_id 
_struct_conn.pdbx_ptnr2_PDB_ins_code 
_struct_conn.ptnr1_auth_asym_id 
_struct_conn.ptnr1_auth_comp_id 
_struct_conn.ptnr1_auth_seq_id 
_struct_conn.ptnr2_auth_asym_id 
_struct_conn.ptnr2_auth_comp_id 
_struct_conn.ptnr2_auth_seq_id 
_struct_conn.ptnr2_symmetry 
_struct_conn.pdbx_ptnr3_label_atom_id 
_struct_conn.pdbx_ptnr3_label_seq_id 
_struct_conn.pdbx_ptnr3_label_comp_id 
_struct_conn.pdbx_ptnr3_label_asym_id 
_struct_conn.pdbx_ptnr3_label_alt_id 
_struct_conn.pdbx_ptnr3_PDB_ins_code 
_struct_conn.details 
_struct_conn.pdbx_dist_value 
_struct_conn.pdbx_value_order 
_struct_conn.pdbx_role 
metalc1 metalc ? ? A CYS 64 SG  ? ? ? 1_555 B ZN . ZN ? ? A CYS 300 A ZN 999 1_555 ? ? ? ? ? ? ? 2.113 ? ? 
metalc2 metalc ? ? A CYS 67 SG  ? ? ? 1_555 B ZN . ZN ? ? A CYS 303 A ZN 999 1_555 ? ? ? ? ? ? ? 2.112 ? ? 
metalc3 metalc ? ? A HIS 84 NE2 ? ? ? 1_555 B ZN . ZN ? ? A HIS 320 A ZN 999 1_555 ? ? ? ? ? ? ? 2.197 ? ? 
metalc4 metalc ? ? A CYS 91 SG  ? ? ? 1_555 B ZN . ZN ? ? A CYS 327 A ZN 999 1_555 ? ? ? ? ? ? ? 2.111 ? ? 
# 
_struct_conn_type.id          metalc 
_struct_conn_type.criteria    ? 
_struct_conn_type.reference   ? 
# 
loop_
_pdbx_struct_conn_angle.id 
_pdbx_struct_conn_angle.ptnr1_label_atom_id 
_pdbx_struct_conn_angle.ptnr1_label_alt_id 
_pdbx_struct_conn_angle.ptnr1_label_asym_id 
_pdbx_struct_conn_angle.ptnr1_label_comp_id 
_pdbx_struct_conn_angle.ptnr1_label_seq_id 
_pdbx_struct_conn_angle.ptnr1_auth_atom_id 
_pdbx_struct_conn_angle.ptnr1_auth_asym_id 
_pdbx_struct_conn_angle.ptnr1_auth_comp_id 
_pdbx_struct_conn_angle.ptnr1_auth_seq_id 
_pdbx_struct_conn_angle.ptnr1_PDB_ins_code 
_pdbx_struct_conn_angle.ptnr1_symmetry 
_pdbx_struct_conn_angle.ptnr2_label_atom_id 
_pdbx_struct_conn_angle.ptnr2_label_alt_id 
_pdbx_struct_conn_angle.ptnr2_label_asym_id 
_pdbx_struct_conn_angle.ptnr2_label_comp_id 
_pdbx_struct_conn_angle.ptnr2_label_seq_id 
_pdbx_struct_conn_angle.ptnr2_auth_atom_id 
_pdbx_struct_conn_angle.ptnr2_auth_asym_id 
_pdbx_struct_conn_angle.ptnr2_auth_comp_id 
_pdbx_struct_conn_angle.ptnr2_auth_seq_id 
_pdbx_struct_conn_angle.ptnr2_PDB_ins_code 
_pdbx_struct_conn_angle.ptnr2_symmetry 
_pdbx_struct_conn_angle.ptnr3_label_atom_id 
_pdbx_struct_conn_angle.ptnr3_label_alt_id 
_pdbx_struct_conn_angle.ptnr3_label_asym_id 
_pdbx_struct_conn_angle.ptnr3_label_comp_id 
_pdbx_struct_conn_angle.ptnr3_label_seq_id 
_pdbx_struct_conn_angle.ptnr3_auth_atom_id 
_pdbx_struct_conn_angle.ptnr3_auth_asym_id 
_pdbx_struct_conn_angle.ptnr3_auth_comp_id 
_pdbx_struct_conn_angle.ptnr3_auth_seq_id 
_pdbx_struct_conn_angle.ptnr3_PDB_ins_code 
_pdbx_struct_conn_angle.ptnr3_symmetry 
_pdbx_struct_conn_angle.value 
_pdbx_struct_conn_angle.value_esd 
1 SG  ? A CYS 64 ? A CYS 300 ? 1_555 ZN ? B ZN . ? A ZN 999 ? 1_555 SG  ? A CYS 67 ? A CYS 303 ? 1_555 109.3 ? 
2 SG  ? A CYS 64 ? A CYS 300 ? 1_555 ZN ? B ZN . ? A ZN 999 ? 1_555 NE2 ? A HIS 84 ? A HIS 320 ? 1_555 103.3 ? 
3 SG  ? A CYS 67 ? A CYS 303 ? 1_555 ZN ? B ZN . ? A ZN 999 ? 1_555 NE2 ? A HIS 84 ? A HIS 320 ? 1_555 116.6 ? 
4 SG  ? A CYS 64 ? A CYS 300 ? 1_555 ZN ? B ZN . ? A ZN 999 ? 1_555 SG  ? A CYS 91 ? A CYS 327 ? 1_555 115.6 ? 
5 SG  ? A CYS 67 ? A CYS 303 ? 1_555 ZN ? B ZN . ? A ZN 999 ? 1_555 SG  ? A CYS 91 ? A CYS 327 ? 1_555 108.5 ? 
6 NE2 ? A HIS 84 ? A HIS 320 ? 1_555 ZN ? B ZN . ? A ZN 999 ? 1_555 SG  ? A CYS 91 ? A CYS 327 ? 1_555 103.7 ? 
# 
_struct_sheet.id               A 
_struct_sheet.type             ? 
_struct_sheet.number_strands   3 
_struct_sheet.details          ? 
# 
loop_
_struct_sheet_order.sheet_id 
_struct_sheet_order.range_id_1 
_struct_sheet_order.range_id_2 
_struct_sheet_order.offset 
_struct_sheet_order.sense 
A 1 2 ? anti-parallel 
A 2 3 ? anti-parallel 
# 
loop_
_struct_sheet_range.sheet_id 
_struct_sheet_range.id 
_struct_sheet_range.beg_label_comp_id 
_struct_sheet_range.beg_label_asym_id 
_struct_sheet_range.beg_label_seq_id 
_struct_sheet_range.pdbx_beg_PDB_ins_code 
_struct_sheet_range.end_label_comp_id 
_struct_sheet_range.end_label_asym_id 
_struct_sheet_range.end_label_seq_id 
_struct_sheet_range.pdbx_end_PDB_ins_code 
_struct_sheet_range.beg_auth_comp_id 
_struct_sheet_range.beg_auth_asym_id 
_struct_sheet_range.beg_auth_seq_id 
_struct_sheet_range.end_auth_comp_id 
_struct_sheet_range.end_auth_asym_id 
_struct_sheet_range.end_auth_seq_id 
A 1 PHE A 53 ? TYR A 54 ? PHE A 289 TYR A 290 
A 2 LYS A 63 ? CYS A 64 ? LYS A 299 CYS A 300 
A 3 GLY A 69 ? GLY A 70 ? GLY A 305 GLY A 306 
# 
loop_
_pdbx_struct_sheet_hbond.sheet_id 
_pdbx_struct_sheet_hbond.range_id_1 
_pdbx_struct_sheet_hbond.range_id_2 
_pdbx_struct_sheet_hbond.range_1_label_atom_id 
_pdbx_struct_sheet_hbond.range_1_label_comp_id 
_pdbx_struct_sheet_hbond.range_1_label_asym_id 
_pdbx_struct_sheet_hbond.range_1_label_seq_id 
_pdbx_struct_sheet_hbond.range_1_PDB_ins_code 
_pdbx_struct_sheet_hbond.range_1_auth_atom_id 
_pdbx_struct_sheet_hbond.range_1_auth_comp_id 
_pdbx_struct_sheet_hbond.range_1_auth_asym_id 
_pdbx_struct_sheet_hbond.range_1_auth_seq_id 
_pdbx_struct_sheet_hbond.range_2_label_atom_id 
_pdbx_struct_sheet_hbond.range_2_label_comp_id 
_pdbx_struct_sheet_hbond.range_2_label_asym_id 
_pdbx_struct_sheet_hbond.range_2_label_seq_id 
_pdbx_struct_sheet_hbond.range_2_PDB_ins_code 
_pdbx_struct_sheet_hbond.range_2_auth_atom_id 
_pdbx_struct_sheet_hbond.range_2_auth_comp_id 
_pdbx_struct_sheet_hbond.range_2_auth_asym_id 
_pdbx_struct_sheet_hbond.range_2_auth_seq_id 
A 1 2 N TYR A 54 ? N TYR A 290 O LYS A 63 ? O LYS A 299 
A 2 3 N CYS A 64 ? N CYS A 300 O GLY A 69 ? O GLY A 305 
# 
_struct_site.id                   AC1 
_struct_site.pdbx_evidence_code   Software 
_struct_site.pdbx_auth_asym_id    A 
_struct_site.pdbx_auth_comp_id    ZN 
_struct_site.pdbx_auth_seq_id     999 
_struct_site.pdbx_auth_ins_code   ? 
_struct_site.pdbx_num_residues    4 
_struct_site.details              'BINDING SITE FOR RESIDUE ZN A 999' 
# 
loop_
_struct_site_gen.id 
_struct_site_gen.site_id 
_struct_site_gen.pdbx_num_res 
_struct_site_gen.label_comp_id 
_struct_site_gen.label_asym_id 
_struct_site_gen.label_seq_id 
_struct_site_gen.pdbx_auth_ins_code 
_struct_site_gen.auth_comp_id 
_struct_site_gen.auth_asym_id 
_struct_site_gen.auth_seq_id 
_struct_site_gen.label_atom_id 
_struct_site_gen.label_alt_id 
_struct_site_gen.symmetry 
_struct_site_gen.details 
1 AC1 4 CYS A 64 ? CYS A 300 . ? 1_555 ? 
2 AC1 4 CYS A 67 ? CYS A 303 . ? 1_555 ? 
3 AC1 4 HIS A 84 ? HIS A 320 . ? 1_555 ? 
4 AC1 4 CYS A 91 ? CYS A 327 . ? 1_555 ? 
# 
loop_
_pdbx_validate_torsion.id 
_pdbx_validate_torsion.PDB_model_num 
_pdbx_validate_torsion.auth_comp_id 
_pdbx_validate_torsion.auth_asym_id 
_pdbx_validate_torsion.auth_seq_id 
_pdbx_validate_torsion.PDB_ins_code 
_pdbx_validate_torsion.label_alt_id 
_pdbx_validate_torsion.phi 
_pdbx_validate_torsion.psi 
1  1 SER A 241 ? ? 73.35   -165.17 
2  1 ASP A 242 ? ? -69.27  70.18   
3  1 ALA A 243 ? ? 57.98   106.29  
4  1 ASP A 247 ? ? -139.13 -86.58  
5  1 ARG A 248 ? ? 176.19  34.98   
6  1 ASN A 249 ? ? 46.71   26.12   
7  1 PHE A 250 ? ? 169.15  157.62  
8  1 ASN A 252 ? ? 49.50   86.48   
9  1 THR A 254 ? ? -68.30  98.08   
10 1 PRO A 257 ? ? -80.07  -150.75 
11 1 ASP A 264 ? ? -50.43  -173.84 
12 1 ARG A 268 ? ? -59.89  -70.28  
13 1 TRP A 275 ? ? -133.79 -44.08  
14 1 ILE A 276 ? ? -62.25  -172.38 
15 1 TYR A 277 ? ? -57.13  -176.96 
16 1 LYS A 281 ? ? -48.57  -74.80  
17 1 ASP A 296 ? ? 88.96   -6.84   
18 1 TRP A 310 ? ? -155.79 28.49   
19 1 PRO A 312 ? ? -43.66  170.56  
20 1 SER A 313 ? ? -32.33  -39.28  
21 1 GLU A 314 ? ? 17.15   100.31  
22 1 TYR A 324 ? ? 172.40  124.16  
23 1 LYS A 328 ? ? -32.91  -88.66  
24 1 LEU A 344 ? ? -64.21  -93.76  
25 1 THR A 345 ? ? 166.72  -176.05 
26 1 SER A 347 ? ? 170.70  -33.44  
27 1 LEU A 348 ? ? -46.89  -82.58  
28 1 CYS A 351 ? ? 66.04   87.08   
29 1 LEU A 352 ? ? 85.95   -45.96  
30 1 VAL A 353 ? ? 166.42  -52.14  
31 1 ARG A 354 ? ? 55.17   -86.26  
32 1 THR A 355 ? ? -147.19 50.61   
# 
_pdbx_nmr_ensemble.entry_id                                      1F9X 
_pdbx_nmr_ensemble.conformers_calculated_total_number            ? 
_pdbx_nmr_ensemble.conformers_submitted_total_number             1 
_pdbx_nmr_ensemble.conformer_selection_criteria                  ? 
_pdbx_nmr_ensemble.average_constraints_per_residue               ? 
_pdbx_nmr_ensemble.average_constraint_violations_per_residue     ? 
_pdbx_nmr_ensemble.maximum_distance_constraint_violation         ? 
_pdbx_nmr_ensemble.average_distance_constraint_violation         ? 
_pdbx_nmr_ensemble.maximum_upper_distance_constraint_violation   ? 
_pdbx_nmr_ensemble.maximum_lower_distance_constraint_violation   ? 
_pdbx_nmr_ensemble.distance_constraint_violation_method          ? 
_pdbx_nmr_ensemble.maximum_torsion_angle_constraint_violation    ? 
_pdbx_nmr_ensemble.average_torsion_angle_constraint_violation    ? 
_pdbx_nmr_ensemble.torsion_angle_constraint_violation_method     ? 
# 
_pdbx_nmr_sample_details.solution_id      1 
_pdbx_nmr_sample_details.contents         
;1.7 mM XIAP(residues 241-356)U-15N; 
1.7 mM XIAP(residues 241-356)U-15N, 13C;
;
_pdbx_nmr_sample_details.solvent_system   '50 mM bis-Tris-d12 (pH=7.2), 300 mM KCl, 50 uM Zinc Acetate, 1 mM DTT;  95% H2O, 5% D2O' 
# 
_pdbx_nmr_exptl_sample_conditions.conditions_id       1 
_pdbx_nmr_exptl_sample_conditions.temperature         303 
_pdbx_nmr_exptl_sample_conditions.pressure            1 
_pdbx_nmr_exptl_sample_conditions.pH                  7.2 
_pdbx_nmr_exptl_sample_conditions.ionic_strength      '300 mM KCl' 
_pdbx_nmr_exptl_sample_conditions.pressure_units      atm 
_pdbx_nmr_exptl_sample_conditions.temperature_units   K 
# 
loop_
_pdbx_nmr_exptl.experiment_id 
_pdbx_nmr_exptl.solution_id 
_pdbx_nmr_exptl.conditions_id 
_pdbx_nmr_exptl.type 
1 1 1 CBCANH                 
2 1 1 CBCACONH               
3 1 1 CCH-COSY               
4 1 1 HNCO                   
5 1 1 3D_13C-separated_NOESY 
6 1 1 3D_15N-separated_NOESY 
# 
_pdbx_nmr_refine.entry_id           1F9X 
_pdbx_nmr_refine.method             'simulated annealing' 
_pdbx_nmr_refine.details            ? 
_pdbx_nmr_refine.software_ordinal   1 
# 
loop_
_pdbx_nmr_software.name 
_pdbx_nmr_software.version 
_pdbx_nmr_software.classification 
_pdbx_nmr_software.authors 
_pdbx_nmr_software.ordinal 
CNX ? 'structure solution' 'MSI Inc.' 1 
CNX ? refinement           'MSI Inc.' 2 
# 
loop_
_pdbx_unobs_or_zero_occ_residues.id 
_pdbx_unobs_or_zero_occ_residues.PDB_model_num 
_pdbx_unobs_or_zero_occ_residues.polymer_flag 
_pdbx_unobs_or_zero_occ_residues.occupancy_flag 
_pdbx_unobs_or_zero_occ_residues.auth_asym_id 
_pdbx_unobs_or_zero_occ_residues.auth_comp_id 
_pdbx_unobs_or_zero_occ_residues.auth_seq_id 
_pdbx_unobs_or_zero_occ_residues.PDB_ins_code 
_pdbx_unobs_or_zero_occ_residues.label_asym_id 
_pdbx_unobs_or_zero_occ_residues.label_comp_id 
_pdbx_unobs_or_zero_occ_residues.label_seq_id 
1 1 Y 1 A GLY 237 ? A GLY 1 
2 1 Y 1 A SER 238 ? A SER 2 
3 1 Y 1 A HIS 239 ? A HIS 3 
# 
loop_
_chem_comp_atom.comp_id 
_chem_comp_atom.atom_id 
_chem_comp_atom.type_symbol 
_chem_comp_atom.pdbx_aromatic_flag 
_chem_comp_atom.pdbx_stereo_config 
_chem_comp_atom.pdbx_ordinal 
ALA N    N  N N 1   
ALA CA   C  N S 2   
ALA C    C  N N 3   
ALA O    O  N N 4   
ALA CB   C  N N 5   
ALA OXT  O  N N 6   
ALA H    H  N N 7   
ALA H2   H  N N 8   
ALA HA   H  N N 9   
ALA HB1  H  N N 10  
ALA HB2  H  N N 11  
ALA HB3  H  N N 12  
ALA HXT  H  N N 13  
ARG N    N  N N 14  
ARG CA   C  N S 15  
ARG C    C  N N 16  
ARG O    O  N N 17  
ARG CB   C  N N 18  
ARG CG   C  N N 19  
ARG CD   C  N N 20  
ARG NE   N  N N 21  
ARG CZ   C  N N 22  
ARG NH1  N  N N 23  
ARG NH2  N  N N 24  
ARG OXT  O  N N 25  
ARG H    H  N N 26  
ARG H2   H  N N 27  
ARG HA   H  N N 28  
ARG HB2  H  N N 29  
ARG HB3  H  N N 30  
ARG HG2  H  N N 31  
ARG HG3  H  N N 32  
ARG HD2  H  N N 33  
ARG HD3  H  N N 34  
ARG HE   H  N N 35  
ARG HH11 H  N N 36  
ARG HH12 H  N N 37  
ARG HH21 H  N N 38  
ARG HH22 H  N N 39  
ARG HXT  H  N N 40  
ASN N    N  N N 41  
ASN CA   C  N S 42  
ASN C    C  N N 43  
ASN O    O  N N 44  
ASN CB   C  N N 45  
ASN CG   C  N N 46  
ASN OD1  O  N N 47  
ASN ND2  N  N N 48  
ASN OXT  O  N N 49  
ASN H    H  N N 50  
ASN H2   H  N N 51  
ASN HA   H  N N 52  
ASN HB2  H  N N 53  
ASN HB3  H  N N 54  
ASN HD21 H  N N 55  
ASN HD22 H  N N 56  
ASN HXT  H  N N 57  
ASP N    N  N N 58  
ASP CA   C  N S 59  
ASP C    C  N N 60  
ASP O    O  N N 61  
ASP CB   C  N N 62  
ASP CG   C  N N 63  
ASP OD1  O  N N 64  
ASP OD2  O  N N 65  
ASP OXT  O  N N 66  
ASP H    H  N N 67  
ASP H2   H  N N 68  
ASP HA   H  N N 69  
ASP HB2  H  N N 70  
ASP HB3  H  N N 71  
ASP HD2  H  N N 72  
ASP HXT  H  N N 73  
CYS N    N  N N 74  
CYS CA   C  N R 75  
CYS C    C  N N 76  
CYS O    O  N N 77  
CYS CB   C  N N 78  
CYS SG   S  N N 79  
CYS OXT  O  N N 80  
CYS H    H  N N 81  
CYS H2   H  N N 82  
CYS HA   H  N N 83  
CYS HB2  H  N N 84  
CYS HB3  H  N N 85  
CYS HG   H  N N 86  
CYS HXT  H  N N 87  
GLN N    N  N N 88  
GLN CA   C  N S 89  
GLN C    C  N N 90  
GLN O    O  N N 91  
GLN CB   C  N N 92  
GLN CG   C  N N 93  
GLN CD   C  N N 94  
GLN OE1  O  N N 95  
GLN NE2  N  N N 96  
GLN OXT  O  N N 97  
GLN H    H  N N 98  
GLN H2   H  N N 99  
GLN HA   H  N N 100 
GLN HB2  H  N N 101 
GLN HB3  H  N N 102 
GLN HG2  H  N N 103 
GLN HG3  H  N N 104 
GLN HE21 H  N N 105 
GLN HE22 H  N N 106 
GLN HXT  H  N N 107 
GLU N    N  N N 108 
GLU CA   C  N S 109 
GLU C    C  N N 110 
GLU O    O  N N 111 
GLU CB   C  N N 112 
GLU CG   C  N N 113 
GLU CD   C  N N 114 
GLU OE1  O  N N 115 
GLU OE2  O  N N 116 
GLU OXT  O  N N 117 
GLU H    H  N N 118 
GLU H2   H  N N 119 
GLU HA   H  N N 120 
GLU HB2  H  N N 121 
GLU HB3  H  N N 122 
GLU HG2  H  N N 123 
GLU HG3  H  N N 124 
GLU HE2  H  N N 125 
GLU HXT  H  N N 126 
GLY N    N  N N 127 
GLY CA   C  N N 128 
GLY C    C  N N 129 
GLY O    O  N N 130 
GLY OXT  O  N N 131 
GLY H    H  N N 132 
GLY H2   H  N N 133 
GLY HA2  H  N N 134 
GLY HA3  H  N N 135 
GLY HXT  H  N N 136 
HIS N    N  N N 137 
HIS CA   C  N S 138 
HIS C    C  N N 139 
HIS O    O  N N 140 
HIS CB   C  N N 141 
HIS CG   C  Y N 142 
HIS ND1  N  Y N 143 
HIS CD2  C  Y N 144 
HIS CE1  C  Y N 145 
HIS NE2  N  Y N 146 
HIS OXT  O  N N 147 
HIS H    H  N N 148 
HIS H2   H  N N 149 
HIS HA   H  N N 150 
HIS HB2  H  N N 151 
HIS HB3  H  N N 152 
HIS HD1  H  N N 153 
HIS HD2  H  N N 154 
HIS HE1  H  N N 155 
HIS HE2  H  N N 156 
HIS HXT  H  N N 157 
ILE N    N  N N 158 
ILE CA   C  N S 159 
ILE C    C  N N 160 
ILE O    O  N N 161 
ILE CB   C  N S 162 
ILE CG1  C  N N 163 
ILE CG2  C  N N 164 
ILE CD1  C  N N 165 
ILE OXT  O  N N 166 
ILE H    H  N N 167 
ILE H2   H  N N 168 
ILE HA   H  N N 169 
ILE HB   H  N N 170 
ILE HG12 H  N N 171 
ILE HG13 H  N N 172 
ILE HG21 H  N N 173 
ILE HG22 H  N N 174 
ILE HG23 H  N N 175 
ILE HD11 H  N N 176 
ILE HD12 H  N N 177 
ILE HD13 H  N N 178 
ILE HXT  H  N N 179 
LEU N    N  N N 180 
LEU CA   C  N S 181 
LEU C    C  N N 182 
LEU O    O  N N 183 
LEU CB   C  N N 184 
LEU CG   C  N N 185 
LEU CD1  C  N N 186 
LEU CD2  C  N N 187 
LEU OXT  O  N N 188 
LEU H    H  N N 189 
LEU H2   H  N N 190 
LEU HA   H  N N 191 
LEU HB2  H  N N 192 
LEU HB3  H  N N 193 
LEU HG   H  N N 194 
LEU HD11 H  N N 195 
LEU HD12 H  N N 196 
LEU HD13 H  N N 197 
LEU HD21 H  N N 198 
LEU HD22 H  N N 199 
LEU HD23 H  N N 200 
LEU HXT  H  N N 201 
LYS N    N  N N 202 
LYS CA   C  N S 203 
LYS C    C  N N 204 
LYS O    O  N N 205 
LYS CB   C  N N 206 
LYS CG   C  N N 207 
LYS CD   C  N N 208 
LYS CE   C  N N 209 
LYS NZ   N  N N 210 
LYS OXT  O  N N 211 
LYS H    H  N N 212 
LYS H2   H  N N 213 
LYS HA   H  N N 214 
LYS HB2  H  N N 215 
LYS HB3  H  N N 216 
LYS HG2  H  N N 217 
LYS HG3  H  N N 218 
LYS HD2  H  N N 219 
LYS HD3  H  N N 220 
LYS HE2  H  N N 221 
LYS HE3  H  N N 222 
LYS HZ1  H  N N 223 
LYS HZ2  H  N N 224 
LYS HZ3  H  N N 225 
LYS HXT  H  N N 226 
MET N    N  N N 227 
MET CA   C  N S 228 
MET C    C  N N 229 
MET O    O  N N 230 
MET CB   C  N N 231 
MET CG   C  N N 232 
MET SD   S  N N 233 
MET CE   C  N N 234 
MET OXT  O  N N 235 
MET H    H  N N 236 
MET H2   H  N N 237 
MET HA   H  N N 238 
MET HB2  H  N N 239 
MET HB3  H  N N 240 
MET HG2  H  N N 241 
MET HG3  H  N N 242 
MET HE1  H  N N 243 
MET HE2  H  N N 244 
MET HE3  H  N N 245 
MET HXT  H  N N 246 
PHE N    N  N N 247 
PHE CA   C  N S 248 
PHE C    C  N N 249 
PHE O    O  N N 250 
PHE CB   C  N N 251 
PHE CG   C  Y N 252 
PHE CD1  C  Y N 253 
PHE CD2  C  Y N 254 
PHE CE1  C  Y N 255 
PHE CE2  C  Y N 256 
PHE CZ   C  Y N 257 
PHE OXT  O  N N 258 
PHE H    H  N N 259 
PHE H2   H  N N 260 
PHE HA   H  N N 261 
PHE HB2  H  N N 262 
PHE HB3  H  N N 263 
PHE HD1  H  N N 264 
PHE HD2  H  N N 265 
PHE HE1  H  N N 266 
PHE HE2  H  N N 267 
PHE HZ   H  N N 268 
PHE HXT  H  N N 269 
PRO N    N  N N 270 
PRO CA   C  N S 271 
PRO C    C  N N 272 
PRO O    O  N N 273 
PRO CB   C  N N 274 
PRO CG   C  N N 275 
PRO CD   C  N N 276 
PRO OXT  O  N N 277 
PRO H    H  N N 278 
PRO HA   H  N N 279 
PRO HB2  H  N N 280 
PRO HB3  H  N N 281 
PRO HG2  H  N N 282 
PRO HG3  H  N N 283 
PRO HD2  H  N N 284 
PRO HD3  H  N N 285 
PRO HXT  H  N N 286 
SER N    N  N N 287 
SER CA   C  N S 288 
SER C    C  N N 289 
SER O    O  N N 290 
SER CB   C  N N 291 
SER OG   O  N N 292 
SER OXT  O  N N 293 
SER H    H  N N 294 
SER H2   H  N N 295 
SER HA   H  N N 296 
SER HB2  H  N N 297 
SER HB3  H  N N 298 
SER HG   H  N N 299 
SER HXT  H  N N 300 
THR N    N  N N 301 
THR CA   C  N S 302 
THR C    C  N N 303 
THR O    O  N N 304 
THR CB   C  N R 305 
THR OG1  O  N N 306 
THR CG2  C  N N 307 
THR OXT  O  N N 308 
THR H    H  N N 309 
THR H2   H  N N 310 
THR HA   H  N N 311 
THR HB   H  N N 312 
THR HG1  H  N N 313 
THR HG21 H  N N 314 
THR HG22 H  N N 315 
THR HG23 H  N N 316 
THR HXT  H  N N 317 
TRP N    N  N N 318 
TRP CA   C  N S 319 
TRP C    C  N N 320 
TRP O    O  N N 321 
TRP CB   C  N N 322 
TRP CG   C  Y N 323 
TRP CD1  C  Y N 324 
TRP CD2  C  Y N 325 
TRP NE1  N  Y N 326 
TRP CE2  C  Y N 327 
TRP CE3  C  Y N 328 
TRP CZ2  C  Y N 329 
TRP CZ3  C  Y N 330 
TRP CH2  C  Y N 331 
TRP OXT  O  N N 332 
TRP H    H  N N 333 
TRP H2   H  N N 334 
TRP HA   H  N N 335 
TRP HB2  H  N N 336 
TRP HB3  H  N N 337 
TRP HD1  H  N N 338 
TRP HE1  H  N N 339 
TRP HE3  H  N N 340 
TRP HZ2  H  N N 341 
TRP HZ3  H  N N 342 
TRP HH2  H  N N 343 
TRP HXT  H  N N 344 
TYR N    N  N N 345 
TYR CA   C  N S 346 
TYR C    C  N N 347 
TYR O    O  N N 348 
TYR CB   C  N N 349 
TYR CG   C  Y N 350 
TYR CD1  C  Y N 351 
TYR CD2  C  Y N 352 
TYR CE1  C  Y N 353 
TYR CE2  C  Y N 354 
TYR CZ   C  Y N 355 
TYR OH   O  N N 356 
TYR OXT  O  N N 357 
TYR H    H  N N 358 
TYR H2   H  N N 359 
TYR HA   H  N N 360 
TYR HB2  H  N N 361 
TYR HB3  H  N N 362 
TYR HD1  H  N N 363 
TYR HD2  H  N N 364 
TYR HE1  H  N N 365 
TYR HE2  H  N N 366 
TYR HH   H  N N 367 
TYR HXT  H  N N 368 
VAL N    N  N N 369 
VAL CA   C  N S 370 
VAL C    C  N N 371 
VAL O    O  N N 372 
VAL CB   C  N N 373 
VAL CG1  C  N N 374 
VAL CG2  C  N N 375 
VAL OXT  O  N N 376 
VAL H    H  N N 377 
VAL H2   H  N N 378 
VAL HA   H  N N 379 
VAL HB   H  N N 380 
VAL HG11 H  N N 381 
VAL HG12 H  N N 382 
VAL HG13 H  N N 383 
VAL HG21 H  N N 384 
VAL HG22 H  N N 385 
VAL HG23 H  N N 386 
VAL HXT  H  N N 387 
ZN  ZN   ZN N N 388 
# 
loop_
_chem_comp_bond.comp_id 
_chem_comp_bond.atom_id_1 
_chem_comp_bond.atom_id_2 
_chem_comp_bond.value_order 
_chem_comp_bond.pdbx_aromatic_flag 
_chem_comp_bond.pdbx_stereo_config 
_chem_comp_bond.pdbx_ordinal 
ALA N   CA   sing N N 1   
ALA N   H    sing N N 2   
ALA N   H2   sing N N 3   
ALA CA  C    sing N N 4   
ALA CA  CB   sing N N 5   
ALA CA  HA   sing N N 6   
ALA C   O    doub N N 7   
ALA C   OXT  sing N N 8   
ALA CB  HB1  sing N N 9   
ALA CB  HB2  sing N N 10  
ALA CB  HB3  sing N N 11  
ALA OXT HXT  sing N N 12  
ARG N   CA   sing N N 13  
ARG N   H    sing N N 14  
ARG N   H2   sing N N 15  
ARG CA  C    sing N N 16  
ARG CA  CB   sing N N 17  
ARG CA  HA   sing N N 18  
ARG C   O    doub N N 19  
ARG C   OXT  sing N N 20  
ARG CB  CG   sing N N 21  
ARG CB  HB2  sing N N 22  
ARG CB  HB3  sing N N 23  
ARG CG  CD   sing N N 24  
ARG CG  HG2  sing N N 25  
ARG CG  HG3  sing N N 26  
ARG CD  NE   sing N N 27  
ARG CD  HD2  sing N N 28  
ARG CD  HD3  sing N N 29  
ARG NE  CZ   sing N N 30  
ARG NE  HE   sing N N 31  
ARG CZ  NH1  sing N N 32  
ARG CZ  NH2  doub N N 33  
ARG NH1 HH11 sing N N 34  
ARG NH1 HH12 sing N N 35  
ARG NH2 HH21 sing N N 36  
ARG NH2 HH22 sing N N 37  
ARG OXT HXT  sing N N 38  
ASN N   CA   sing N N 39  
ASN N   H    sing N N 40  
ASN N   H2   sing N N 41  
ASN CA  C    sing N N 42  
ASN CA  CB   sing N N 43  
ASN CA  HA   sing N N 44  
ASN C   O    doub N N 45  
ASN C   OXT  sing N N 46  
ASN CB  CG   sing N N 47  
ASN CB  HB2  sing N N 48  
ASN CB  HB3  sing N N 49  
ASN CG  OD1  doub N N 50  
ASN CG  ND2  sing N N 51  
ASN ND2 HD21 sing N N 52  
ASN ND2 HD22 sing N N 53  
ASN OXT HXT  sing N N 54  
ASP N   CA   sing N N 55  
ASP N   H    sing N N 56  
ASP N   H2   sing N N 57  
ASP CA  C    sing N N 58  
ASP CA  CB   sing N N 59  
ASP CA  HA   sing N N 60  
ASP C   O    doub N N 61  
ASP C   OXT  sing N N 62  
ASP CB  CG   sing N N 63  
ASP CB  HB2  sing N N 64  
ASP CB  HB3  sing N N 65  
ASP CG  OD1  doub N N 66  
ASP CG  OD2  sing N N 67  
ASP OD2 HD2  sing N N 68  
ASP OXT HXT  sing N N 69  
CYS N   CA   sing N N 70  
CYS N   H    sing N N 71  
CYS N   H2   sing N N 72  
CYS CA  C    sing N N 73  
CYS CA  CB   sing N N 74  
CYS CA  HA   sing N N 75  
CYS C   O    doub N N 76  
CYS C   OXT  sing N N 77  
CYS CB  SG   sing N N 78  
CYS CB  HB2  sing N N 79  
CYS CB  HB3  sing N N 80  
CYS SG  HG   sing N N 81  
CYS OXT HXT  sing N N 82  
GLN N   CA   sing N N 83  
GLN N   H    sing N N 84  
GLN N   H2   sing N N 85  
GLN CA  C    sing N N 86  
GLN CA  CB   sing N N 87  
GLN CA  HA   sing N N 88  
GLN C   O    doub N N 89  
GLN C   OXT  sing N N 90  
GLN CB  CG   sing N N 91  
GLN CB  HB2  sing N N 92  
GLN CB  HB3  sing N N 93  
GLN CG  CD   sing N N 94  
GLN CG  HG2  sing N N 95  
GLN CG  HG3  sing N N 96  
GLN CD  OE1  doub N N 97  
GLN CD  NE2  sing N N 98  
GLN NE2 HE21 sing N N 99  
GLN NE2 HE22 sing N N 100 
GLN OXT HXT  sing N N 101 
GLU N   CA   sing N N 102 
GLU N   H    sing N N 103 
GLU N   H2   sing N N 104 
GLU CA  C    sing N N 105 
GLU CA  CB   sing N N 106 
GLU CA  HA   sing N N 107 
GLU C   O    doub N N 108 
GLU C   OXT  sing N N 109 
GLU CB  CG   sing N N 110 
GLU CB  HB2  sing N N 111 
GLU CB  HB3  sing N N 112 
GLU CG  CD   sing N N 113 
GLU CG  HG2  sing N N 114 
GLU CG  HG3  sing N N 115 
GLU CD  OE1  doub N N 116 
GLU CD  OE2  sing N N 117 
GLU OE2 HE2  sing N N 118 
GLU OXT HXT  sing N N 119 
GLY N   CA   sing N N 120 
GLY N   H    sing N N 121 
GLY N   H2   sing N N 122 
GLY CA  C    sing N N 123 
GLY CA  HA2  sing N N 124 
GLY CA  HA3  sing N N 125 
GLY C   O    doub N N 126 
GLY C   OXT  sing N N 127 
GLY OXT HXT  sing N N 128 
HIS N   CA   sing N N 129 
HIS N   H    sing N N 130 
HIS N   H2   sing N N 131 
HIS CA  C    sing N N 132 
HIS CA  CB   sing N N 133 
HIS CA  HA   sing N N 134 
HIS C   O    doub N N 135 
HIS C   OXT  sing N N 136 
HIS CB  CG   sing N N 137 
HIS CB  HB2  sing N N 138 
HIS CB  HB3  sing N N 139 
HIS CG  ND1  sing Y N 140 
HIS CG  CD2  doub Y N 141 
HIS ND1 CE1  doub Y N 142 
HIS ND1 HD1  sing N N 143 
HIS CD2 NE2  sing Y N 144 
HIS CD2 HD2  sing N N 145 
HIS CE1 NE2  sing Y N 146 
HIS CE1 HE1  sing N N 147 
HIS NE2 HE2  sing N N 148 
HIS OXT HXT  sing N N 149 
ILE N   CA   sing N N 150 
ILE N   H    sing N N 151 
ILE N   H2   sing N N 152 
ILE CA  C    sing N N 153 
ILE CA  CB   sing N N 154 
ILE CA  HA   sing N N 155 
ILE C   O    doub N N 156 
ILE C   OXT  sing N N 157 
ILE CB  CG1  sing N N 158 
ILE CB  CG2  sing N N 159 
ILE CB  HB   sing N N 160 
ILE CG1 CD1  sing N N 161 
ILE CG1 HG12 sing N N 162 
ILE CG1 HG13 sing N N 163 
ILE CG2 HG21 sing N N 164 
ILE CG2 HG22 sing N N 165 
ILE CG2 HG23 sing N N 166 
ILE CD1 HD11 sing N N 167 
ILE CD1 HD12 sing N N 168 
ILE CD1 HD13 sing N N 169 
ILE OXT HXT  sing N N 170 
LEU N   CA   sing N N 171 
LEU N   H    sing N N 172 
LEU N   H2   sing N N 173 
LEU CA  C    sing N N 174 
LEU CA  CB   sing N N 175 
LEU CA  HA   sing N N 176 
LEU C   O    doub N N 177 
LEU C   OXT  sing N N 178 
LEU CB  CG   sing N N 179 
LEU CB  HB2  sing N N 180 
LEU CB  HB3  sing N N 181 
LEU CG  CD1  sing N N 182 
LEU CG  CD2  sing N N 183 
LEU CG  HG   sing N N 184 
LEU CD1 HD11 sing N N 185 
LEU CD1 HD12 sing N N 186 
LEU CD1 HD13 sing N N 187 
LEU CD2 HD21 sing N N 188 
LEU CD2 HD22 sing N N 189 
LEU CD2 HD23 sing N N 190 
LEU OXT HXT  sing N N 191 
LYS N   CA   sing N N 192 
LYS N   H    sing N N 193 
LYS N   H2   sing N N 194 
LYS CA  C    sing N N 195 
LYS CA  CB   sing N N 196 
LYS CA  HA   sing N N 197 
LYS C   O    doub N N 198 
LYS C   OXT  sing N N 199 
LYS CB  CG   sing N N 200 
LYS CB  HB2  sing N N 201 
LYS CB  HB3  sing N N 202 
LYS CG  CD   sing N N 203 
LYS CG  HG2  sing N N 204 
LYS CG  HG3  sing N N 205 
LYS CD  CE   sing N N 206 
LYS CD  HD2  sing N N 207 
LYS CD  HD3  sing N N 208 
LYS CE  NZ   sing N N 209 
LYS CE  HE2  sing N N 210 
LYS CE  HE3  sing N N 211 
LYS NZ  HZ1  sing N N 212 
LYS NZ  HZ2  sing N N 213 
LYS NZ  HZ3  sing N N 214 
LYS OXT HXT  sing N N 215 
MET N   CA   sing N N 216 
MET N   H    sing N N 217 
MET N   H2   sing N N 218 
MET CA  C    sing N N 219 
MET CA  CB   sing N N 220 
MET CA  HA   sing N N 221 
MET C   O    doub N N 222 
MET C   OXT  sing N N 223 
MET CB  CG   sing N N 224 
MET CB  HB2  sing N N 225 
MET CB  HB3  sing N N 226 
MET CG  SD   sing N N 227 
MET CG  HG2  sing N N 228 
MET CG  HG3  sing N N 229 
MET SD  CE   sing N N 230 
MET CE  HE1  sing N N 231 
MET CE  HE2  sing N N 232 
MET CE  HE3  sing N N 233 
MET OXT HXT  sing N N 234 
PHE N   CA   sing N N 235 
PHE N   H    sing N N 236 
PHE N   H2   sing N N 237 
PHE CA  C    sing N N 238 
PHE CA  CB   sing N N 239 
PHE CA  HA   sing N N 240 
PHE C   O    doub N N 241 
PHE C   OXT  sing N N 242 
PHE CB  CG   sing N N 243 
PHE CB  HB2  sing N N 244 
PHE CB  HB3  sing N N 245 
PHE CG  CD1  doub Y N 246 
PHE CG  CD2  sing Y N 247 
PHE CD1 CE1  sing Y N 248 
PHE CD1 HD1  sing N N 249 
PHE CD2 CE2  doub Y N 250 
PHE CD2 HD2  sing N N 251 
PHE CE1 CZ   doub Y N 252 
PHE CE1 HE1  sing N N 253 
PHE CE2 CZ   sing Y N 254 
PHE CE2 HE2  sing N N 255 
PHE CZ  HZ   sing N N 256 
PHE OXT HXT  sing N N 257 
PRO N   CA   sing N N 258 
PRO N   CD   sing N N 259 
PRO N   H    sing N N 260 
PRO CA  C    sing N N 261 
PRO CA  CB   sing N N 262 
PRO CA  HA   sing N N 263 
PRO C   O    doub N N 264 
PRO C   OXT  sing N N 265 
PRO CB  CG   sing N N 266 
PRO CB  HB2  sing N N 267 
PRO CB  HB3  sing N N 268 
PRO CG  CD   sing N N 269 
PRO CG  HG2  sing N N 270 
PRO CG  HG3  sing N N 271 
PRO CD  HD2  sing N N 272 
PRO CD  HD3  sing N N 273 
PRO OXT HXT  sing N N 274 
SER N   CA   sing N N 275 
SER N   H    sing N N 276 
SER N   H2   sing N N 277 
SER CA  C    sing N N 278 
SER CA  CB   sing N N 279 
SER CA  HA   sing N N 280 
SER C   O    doub N N 281 
SER C   OXT  sing N N 282 
SER CB  OG   sing N N 283 
SER CB  HB2  sing N N 284 
SER CB  HB3  sing N N 285 
SER OG  HG   sing N N 286 
SER OXT HXT  sing N N 287 
THR N   CA   sing N N 288 
THR N   H    sing N N 289 
THR N   H2   sing N N 290 
THR CA  C    sing N N 291 
THR CA  CB   sing N N 292 
THR CA  HA   sing N N 293 
THR C   O    doub N N 294 
THR C   OXT  sing N N 295 
THR CB  OG1  sing N N 296 
THR CB  CG2  sing N N 297 
THR CB  HB   sing N N 298 
THR OG1 HG1  sing N N 299 
THR CG2 HG21 sing N N 300 
THR CG2 HG22 sing N N 301 
THR CG2 HG23 sing N N 302 
THR OXT HXT  sing N N 303 
TRP N   CA   sing N N 304 
TRP N   H    sing N N 305 
TRP N   H2   sing N N 306 
TRP CA  C    sing N N 307 
TRP CA  CB   sing N N 308 
TRP CA  HA   sing N N 309 
TRP C   O    doub N N 310 
TRP C   OXT  sing N N 311 
TRP CB  CG   sing N N 312 
TRP CB  HB2  sing N N 313 
TRP CB  HB3  sing N N 314 
TRP CG  CD1  doub Y N 315 
TRP CG  CD2  sing Y N 316 
TRP CD1 NE1  sing Y N 317 
TRP CD1 HD1  sing N N 318 
TRP CD2 CE2  doub Y N 319 
TRP CD2 CE3  sing Y N 320 
TRP NE1 CE2  sing Y N 321 
TRP NE1 HE1  sing N N 322 
TRP CE2 CZ2  sing Y N 323 
TRP CE3 CZ3  doub Y N 324 
TRP CE3 HE3  sing N N 325 
TRP CZ2 CH2  doub Y N 326 
TRP CZ2 HZ2  sing N N 327 
TRP CZ3 CH2  sing Y N 328 
TRP CZ3 HZ3  sing N N 329 
TRP CH2 HH2  sing N N 330 
TRP OXT HXT  sing N N 331 
TYR N   CA   sing N N 332 
TYR N   H    sing N N 333 
TYR N   H2   sing N N 334 
TYR CA  C    sing N N 335 
TYR CA  CB   sing N N 336 
TYR CA  HA   sing N N 337 
TYR C   O    doub N N 338 
TYR C   OXT  sing N N 339 
TYR CB  CG   sing N N 340 
TYR CB  HB2  sing N N 341 
TYR CB  HB3  sing N N 342 
TYR CG  CD1  doub Y N 343 
TYR CG  CD2  sing Y N 344 
TYR CD1 CE1  sing Y N 345 
TYR CD1 HD1  sing N N 346 
TYR CD2 CE2  doub Y N 347 
TYR CD2 HD2  sing N N 348 
TYR CE1 CZ   doub Y N 349 
TYR CE1 HE1  sing N N 350 
TYR CE2 CZ   sing Y N 351 
TYR CE2 HE2  sing N N 352 
TYR CZ  OH   sing N N 353 
TYR OH  HH   sing N N 354 
TYR OXT HXT  sing N N 355 
VAL N   CA   sing N N 356 
VAL N   H    sing N N 357 
VAL N   H2   sing N N 358 
VAL CA  C    sing N N 359 
VAL CA  CB   sing N N 360 
VAL CA  HA   sing N N 361 
VAL C   O    doub N N 362 
VAL C   OXT  sing N N 363 
VAL CB  CG1  sing N N 364 
VAL CB  CG2  sing N N 365 
VAL CB  HB   sing N N 366 
VAL CG1 HG11 sing N N 367 
VAL CG1 HG12 sing N N 368 
VAL CG1 HG13 sing N N 369 
VAL CG2 HG21 sing N N 370 
VAL CG2 HG22 sing N N 371 
VAL CG2 HG23 sing N N 372 
VAL OXT HXT  sing N N 373 
# 
loop_
_pdbx_nmr_spectrometer.spectrometer_id 
_pdbx_nmr_spectrometer.type 
_pdbx_nmr_spectrometer.manufacturer 
_pdbx_nmr_spectrometer.model 
_pdbx_nmr_spectrometer.field_strength 
1 ? Bruker DRX 500 
2 ? Bruker DRX 800 
3 ? Bruker DRX 600 
# 
_atom_sites.entry_id                    1F9X 
_atom_sites.fract_transf_matrix[1][1]   1.000000 
_atom_sites.fract_transf_matrix[1][2]   0.000000 
_atom_sites.fract_transf_matrix[1][3]   0.000000 
_atom_sites.fract_transf_matrix[2][1]   0.000000 
_atom_sites.fract_transf_matrix[2][2]   1.000000 
_atom_sites.fract_transf_matrix[2][3]   0.000000 
_atom_sites.fract_transf_matrix[3][1]   0.000000 
_atom_sites.fract_transf_matrix[3][2]   0.000000 
_atom_sites.fract_transf_matrix[3][3]   1.000000 
_atom_sites.fract_transf_vector[1]      0.00000 
_atom_sites.fract_transf_vector[2]      0.00000 
_atom_sites.fract_transf_vector[3]      0.00000 
# 
loop_
_atom_type.symbol 
C  
H  
N  
O  
S  
ZN 
# 
loop_
_atom_site.group_PDB 
_atom_site.id 
_atom_site.type_symbol 
_atom_site.label_atom_id 
_atom_site.label_alt_id 
_atom_site.label_comp_id 
_atom_site.label_asym_id 
_atom_site.label_entity_id 
_atom_site.label_seq_id 
_atom_site.pdbx_PDB_ins_code 
_atom_site.Cartn_x 
_atom_site.Cartn_y 
_atom_site.Cartn_z 
_atom_site.occupancy 
_atom_site.B_iso_or_equiv 
_atom_site.pdbx_formal_charge 
_atom_site.auth_seq_id 
_atom_site.auth_comp_id 
_atom_site.auth_asym_id 
_atom_site.auth_atom_id 
_atom_site.pdbx_PDB_model_num 
ATOM   1    N  N    . MET A 1 4   ? 8.058   -17.727 -17.466 1.00 18.94 ? 240 MET A N    1 
ATOM   2    C  CA   . MET A 1 4   ? 7.360   -16.724 -18.314 1.00 18.28 ? 240 MET A CA   1 
ATOM   3    C  C    . MET A 1 4   ? 5.845   -16.834 -18.171 1.00 18.27 ? 240 MET A C    1 
ATOM   4    O  O    . MET A 1 4   ? 5.125   -15.848 -18.334 1.00 18.44 ? 240 MET A O    1 
ATOM   5    C  CB   . MET A 1 4   ? 7.769   -16.948 -19.771 1.00 17.91 ? 240 MET A CB   1 
ATOM   6    C  CG   . MET A 1 4   ? 7.775   -15.675 -20.602 1.00 17.49 ? 240 MET A CG   1 
ATOM   7    S  SD   . MET A 1 4   ? 8.106   -15.986 -22.347 1.00 17.62 ? 240 MET A SD   1 
ATOM   8    C  CE   . MET A 1 4   ? 6.651   -15.261 -23.100 1.00 16.94 ? 240 MET A CE   1 
ATOM   9    H  H    . MET A 1 4   ? 7.568   -17.762 -16.549 1.00 19.22 ? 240 MET A H    1 
ATOM   10   H  HA   . MET A 1 4   ? 7.671   -15.737 -18.006 1.00 18.21 ? 240 MET A HA   1 
ATOM   11   H  HB2  . MET A 1 4   ? 8.761   -17.373 -19.794 1.00 18.28 ? 240 MET A HB2  1 
ATOM   12   H  HB3  . MET A 1 4   ? 7.079   -17.644 -20.224 1.00 17.74 ? 240 MET A HB3  1 
ATOM   13   H  HG2  . MET A 1 4   ? 6.810   -15.199 -20.513 1.00 17.03 ? 240 MET A HG2  1 
ATOM   14   H  HG3  . MET A 1 4   ? 8.538   -15.015 -20.217 1.00 17.70 ? 240 MET A HG3  1 
ATOM   15   H  HE1  . MET A 1 4   ? 6.394   -14.350 -22.583 1.00 16.91 ? 240 MET A HE1  1 
ATOM   16   H  HE2  . MET A 1 4   ? 5.828   -15.958 -23.035 1.00 16.82 ? 240 MET A HE2  1 
ATOM   17   H  HE3  . MET A 1 4   ? 6.855   -15.041 -24.138 1.00 16.84 ? 240 MET A HE3  1 
ATOM   18   N  N    . SER A 1 5   ? 5.366   -18.036 -17.865 1.00 18.20 ? 241 SER A N    1 
ATOM   19   C  CA   . SER A 1 5   ? 3.936   -18.272 -17.701 1.00 18.34 ? 241 SER A CA   1 
ATOM   20   C  C    . SER A 1 5   ? 3.226   -18.262 -19.051 1.00 17.94 ? 241 SER A C    1 
ATOM   21   O  O    . SER A 1 5   ? 3.865   -18.347 -20.099 1.00 18.22 ? 241 SER A O    1 
ATOM   22   C  CB   . SER A 1 5   ? 3.327   -17.213 -16.780 1.00 18.83 ? 241 SER A CB   1 
ATOM   23   O  OG   . SER A 1 5   ? 4.187   -16.928 -15.690 1.00 19.21 ? 241 SER A OG   1 
ATOM   24   H  H    . SER A 1 5   ? 5.989   -18.784 -17.748 1.00 18.16 ? 241 SER A H    1 
ATOM   25   H  HA   . SER A 1 5   ? 3.811   -19.244 -17.249 1.00 18.52 ? 241 SER A HA   1 
ATOM   26   H  HB2  . SER A 1 5   ? 3.163   -16.304 -17.339 1.00 18.97 ? 241 SER A HB2  1 
ATOM   27   H  HB3  . SER A 1 5   ? 2.385   -17.574 -16.394 1.00 18.90 ? 241 SER A HB3  1 
ATOM   28   H  HG   . SER A 1 5   ? 4.818   -16.252 -15.948 1.00 19.41 ? 241 SER A HG   1 
ATOM   29   N  N    . ASP A 1 6   ? 1.900   -18.160 -19.019 1.00 17.43 ? 242 ASP A N    1 
ATOM   30   C  CA   . ASP A 1 6   ? 1.105   -18.141 -20.241 1.00 17.16 ? 242 ASP A CA   1 
ATOM   31   C  C    . ASP A 1 6   ? 1.330   -16.848 -21.017 1.00 16.54 ? 242 ASP A C    1 
ATOM   32   O  O    . ASP A 1 6   ? 0.443   -15.998 -21.097 1.00 16.51 ? 242 ASP A O    1 
ATOM   33   C  CB   . ASP A 1 6   ? -0.380  -18.298 -19.909 1.00 17.58 ? 242 ASP A CB   1 
ATOM   34   C  CG   . ASP A 1 6   ? -0.626  -19.344 -18.840 1.00 18.03 ? 242 ASP A CG   1 
ATOM   35   O  OD1  . ASP A 1 6   ? 0.043   -20.398 -18.875 1.00 18.34 ? 242 ASP A OD1  1 
ATOM   36   O  OD2  . ASP A 1 6   ? -1.488  -19.109 -17.967 1.00 18.20 ? 242 ASP A OD2  1 
ATOM   37   H  H    . ASP A 1 6   ? 1.447   -18.096 -18.152 1.00 17.31 ? 242 ASP A H    1 
ATOM   38   H  HA   . ASP A 1 6   ? 1.417   -18.973 -20.853 1.00 17.25 ? 242 ASP A HA   1 
ATOM   39   H  HB2  . ASP A 1 6   ? -0.766  -17.353 -19.557 1.00 17.51 ? 242 ASP A HB2  1 
ATOM   40   H  HB3  . ASP A 1 6   ? -0.913  -18.590 -20.802 1.00 17.79 ? 242 ASP A HB3  1 
ATOM   41   N  N    . ALA A 1 7   ? 2.521   -16.707 -21.589 1.00 16.19 ? 243 ALA A N    1 
ATOM   42   C  CA   . ALA A 1 7   ? 2.865   -15.521 -22.362 1.00 15.75 ? 243 ALA A CA   1 
ATOM   43   C  C    . ALA A 1 7   ? 2.727   -14.255 -21.521 1.00 15.35 ? 243 ALA A C    1 
ATOM   44   O  O    . ALA A 1 7   ? 1.618   -13.806 -21.232 1.00 15.42 ? 243 ALA A O    1 
ATOM   45   C  CB   . ALA A 1 7   ? 1.992   -15.432 -23.604 1.00 15.99 ? 243 ALA A CB   1 
ATOM   46   H  H    . ALA A 1 7   ? 3.185   -17.421 -21.492 1.00 16.34 ? 243 ALA A H    1 
ATOM   47   H  HA   . ALA A 1 7   ? 3.892   -15.618 -22.681 1.00 15.72 ? 243 ALA A HA   1 
ATOM   48   H  HB1  . ALA A 1 7   ? 1.615   -16.414 -23.850 1.00 16.14 ? 243 ALA A HB1  1 
ATOM   49   H  HB2  . ALA A 1 7   ? 2.577   -15.055 -24.430 1.00 16.13 ? 243 ALA A HB2  1 
ATOM   50   H  HB3  . ALA A 1 7   ? 1.164   -14.765 -23.416 1.00 16.00 ? 243 ALA A HB3  1 
ATOM   51   N  N    . VAL A 1 8   ? 3.865   -13.688 -21.131 1.00 15.09 ? 244 VAL A N    1 
ATOM   52   C  CA   . VAL A 1 8   ? 3.879   -12.475 -20.321 1.00 14.87 ? 244 VAL A CA   1 
ATOM   53   C  C    . VAL A 1 8   ? 2.932   -11.422 -20.887 1.00 14.09 ? 244 VAL A C    1 
ATOM   54   O  O    . VAL A 1 8   ? 2.361   -10.623 -20.145 1.00 13.83 ? 244 VAL A O    1 
ATOM   55   C  CB   . VAL A 1 8   ? 5.297   -11.878 -20.233 1.00 15.17 ? 244 VAL A CB   1 
ATOM   56   C  CG1  . VAL A 1 8   ? 5.999   -11.965 -21.580 1.00 15.50 ? 244 VAL A CG1  1 
ATOM   57   C  CG2  . VAL A 1 8   ? 5.244   -10.439 -19.746 1.00 15.48 ? 244 VAL A CG2  1 
ATOM   58   H  H    . VAL A 1 8   ? 4.715   -14.096 -21.394 1.00 15.15 ? 244 VAL A H    1 
ATOM   59   H  HA   . VAL A 1 8   ? 3.558   -12.735 -19.324 1.00 15.24 ? 244 VAL A HA   1 
ATOM   60   H  HB   . VAL A 1 8   ? 5.865   -12.457 -19.520 1.00 15.11 ? 244 VAL A HB   1 
ATOM   61   H  HG11 . VAL A 1 8   ? 5.289   -12.261 -22.338 1.00 15.52 ? 244 VAL A HG11 1 
ATOM   62   H  HG12 . VAL A 1 8   ? 6.793   -12.695 -21.526 1.00 15.57 ? 244 VAL A HG12 1 
ATOM   63   H  HG13 . VAL A 1 8   ? 6.414   -11.001 -21.832 1.00 15.81 ? 244 VAL A HG13 1 
ATOM   64   H  HG21 . VAL A 1 8   ? 5.236   -9.771  -20.595 1.00 15.52 ? 244 VAL A HG21 1 
ATOM   65   H  HG22 . VAL A 1 8   ? 6.110   -10.233 -19.135 1.00 15.63 ? 244 VAL A HG22 1 
ATOM   66   H  HG23 . VAL A 1 8   ? 4.349   -10.289 -19.162 1.00 15.67 ? 244 VAL A HG23 1 
ATOM   67   N  N    . SER A 1 9   ? 2.770   -11.425 -22.206 1.00 13.87 ? 245 SER A N    1 
ATOM   68   C  CA   . SER A 1 9   ? 1.894   -10.469 -22.871 1.00 13.30 ? 245 SER A CA   1 
ATOM   69   C  C    . SER A 1 9   ? 0.446   -10.949 -22.866 1.00 12.85 ? 245 SER A C    1 
ATOM   70   O  O    . SER A 1 9   ? -0.485  -10.141 -22.886 1.00 12.83 ? 245 SER A O    1 
ATOM   71   C  CB   . SER A 1 9   ? 2.361   -10.236 -24.310 1.00 13.10 ? 245 SER A CB   1 
ATOM   72   O  OG   . SER A 1 9   ? 1.327   -9.666  -25.095 1.00 12.87 ? 245 SER A OG   1 
ATOM   73   H  H    . SER A 1 9   ? 3.253   -12.086 -22.745 1.00 14.22 ? 245 SER A H    1 
ATOM   74   H  HA   . SER A 1 9   ? 1.953   -9.536  -22.330 1.00 13.54 ? 245 SER A HA   1 
ATOM   75   H  HB2  . SER A 1 9   ? 3.207   -9.563  -24.307 1.00 12.99 ? 245 SER A HB2  1 
ATOM   76   H  HB3  . SER A 1 9   ? 2.651   -11.180 -24.748 1.00 13.44 ? 245 SER A HB3  1 
ATOM   77   H  HG   . SER A 1 9   ? 0.876   -8.987  -24.587 1.00 12.94 ? 245 SER A HG   1 
ATOM   78   N  N    . SER A 1 10  ? 0.257   -12.265 -22.846 1.00 12.70 ? 246 SER A N    1 
ATOM   79   C  CA   . SER A 1 10  ? -1.082  -12.843 -22.845 1.00 12.50 ? 246 SER A CA   1 
ATOM   80   C  C    . SER A 1 10  ? -1.465  -13.349 -21.456 1.00 12.09 ? 246 SER A C    1 
ATOM   81   O  O    . SER A 1 10  ? -2.232  -14.303 -21.325 1.00 12.53 ? 246 SER A O    1 
ATOM   82   C  CB   . SER A 1 10  ? -1.168  -13.986 -23.858 1.00 13.05 ? 246 SER A CB   1 
ATOM   83   O  OG   . SER A 1 10  ? -0.275  -13.779 -24.937 1.00 13.57 ? 246 SER A OG   1 
ATOM   84   H  H    . SER A 1 10  ? 1.035   -12.860 -22.836 1.00 12.86 ? 246 SER A H    1 
ATOM   85   H  HA   . SER A 1 10  ? -1.776  -12.068 -23.134 1.00 12.47 ? 246 SER A HA   1 
ATOM   86   H  HB2  . SER A 1 10  ? -0.914  -14.916 -23.371 1.00 13.08 ? 246 SER A HB2  1 
ATOM   87   H  HB3  . SER A 1 10  ? -2.175  -14.045 -24.245 1.00 13.19 ? 246 SER A HB3  1 
ATOM   88   H  HG   . SER A 1 10  ? 0.165   -14.604 -25.152 1.00 13.88 ? 246 SER A HG   1 
ATOM   89   N  N    . ASP A 1 11  ? -0.933  -12.702 -20.424 1.00 11.44 ? 247 ASP A N    1 
ATOM   90   C  CA   . ASP A 1 11  ? -1.228  -13.090 -19.049 1.00 11.20 ? 247 ASP A CA   1 
ATOM   91   C  C    . ASP A 1 11  ? -1.426  -11.855 -18.166 1.00 10.52 ? 247 ASP A C    1 
ATOM   92   O  O    . ASP A 1 11  ? -2.552  -11.394 -17.984 1.00 10.50 ? 247 ASP A O    1 
ATOM   93   C  CB   . ASP A 1 11  ? -0.111  -13.978 -18.493 1.00 11.61 ? 247 ASP A CB   1 
ATOM   94   C  CG   . ASP A 1 11  ? -0.229  -14.187 -16.996 1.00 12.28 ? 247 ASP A CG   1 
ATOM   95   O  OD1  . ASP A 1 11  ? -1.190  -14.861 -16.565 1.00 12.70 ? 247 ASP A OD1  1 
ATOM   96   O  OD2  . ASP A 1 11  ? 0.637   -13.679 -16.254 1.00 12.54 ? 247 ASP A OD2  1 
ATOM   97   H  H    . ASP A 1 11  ? -0.331  -11.947 -20.591 1.00 11.24 ? 247 ASP A H    1 
ATOM   98   H  HA   . ASP A 1 11  ? -2.148  -13.654 -19.060 1.00 11.45 ? 247 ASP A HA   1 
ATOM   99   H  HB2  . ASP A 1 11  ? -0.152  -14.943 -18.976 1.00 11.94 ? 247 ASP A HB2  1 
ATOM   100  H  HB3  . ASP A 1 11  ? 0.844   -13.517 -18.699 1.00 11.29 ? 247 ASP A HB3  1 
ATOM   101  N  N    . ARG A 1 12  ? -0.333  -11.317 -17.622 1.00 10.16 ? 248 ARG A N    1 
ATOM   102  C  CA   . ARG A 1 12  ? -0.415  -10.134 -16.767 1.00 9.67  ? 248 ARG A CA   1 
ATOM   103  C  C    . ARG A 1 12  ? 0.950   -9.758  -16.187 1.00 9.10  ? 248 ARG A C    1 
ATOM   104  O  O    . ARG A 1 12  ? 1.038   -9.285  -15.056 1.00 9.41  ? 248 ARG A O    1 
ATOM   105  C  CB   . ARG A 1 12  ? -1.411  -10.373 -15.629 1.00 9.98  ? 248 ARG A CB   1 
ATOM   106  C  CG   . ARG A 1 12  ? -2.490  -9.306  -15.529 1.00 10.25 ? 248 ARG A CG   1 
ATOM   107  C  CD   . ARG A 1 12  ? -3.805  -9.787  -16.121 1.00 11.00 ? 248 ARG A CD   1 
ATOM   108  N  NE   . ARG A 1 12  ? -4.037  -9.238  -17.456 1.00 11.40 ? 248 ARG A NE   1 
ATOM   109  C  CZ   . ARG A 1 12  ? -4.338  -7.963  -17.693 1.00 11.99 ? 248 ARG A CZ   1 
ATOM   110  N  NH1  . ARG A 1 12  ? -4.446  -7.097  -16.692 1.00 12.27 ? 248 ARG A NH1  1 
ATOM   111  N  NH2  . ARG A 1 12  ? -4.530  -7.551  -18.940 1.00 12.48 ? 248 ARG A NH2  1 
ATOM   112  H  H    . ARG A 1 12  ? 0.539   -11.720 -17.800 1.00 10.37 ? 248 ARG A H    1 
ATOM   113  H  HA   . ARG A 1 12  ? -0.771  -9.314  -17.373 1.00 9.76  ? 248 ARG A HA   1 
ATOM   114  H  HB2  . ARG A 1 12  ? -1.892  -11.328 -15.779 1.00 10.42 ? 248 ARG A HB2  1 
ATOM   115  H  HB3  . ARG A 1 12  ? -0.872  -10.396 -14.693 1.00 9.81  ? 248 ARG A HB3  1 
ATOM   116  H  HG2  . ARG A 1 12  ? -2.644  -9.059  -14.490 1.00 10.12 ? 248 ARG A HG2  1 
ATOM   117  H  HG3  . ARG A 1 12  ? -2.164  -8.428  -16.066 1.00 10.27 ? 248 ARG A HG3  1 
ATOM   118  H  HD2  . ARG A 1 12  ? -3.787  -10.864 -16.184 1.00 11.34 ? 248 ARG A HD2  1 
ATOM   119  H  HD3  . ARG A 1 12  ? -4.611  -9.478  -15.471 1.00 11.09 ? 248 ARG A HD3  1 
ATOM   120  H  HE   . ARG A 1 12  ? -3.964  -9.853  -18.215 1.00 11.33 ? 248 ARG A HE   1 
ATOM   121  H  HH11 . ARG A 1 12  ? -4.303  -7.397  -15.750 1.00 12.04 ? 248 ARG A HH11 1 
ATOM   122  H  HH12 . ARG A 1 12  ? -4.673  -6.142  -16.882 1.00 12.81 ? 248 ARG A HH12 1 
ATOM   123  H  HH21 . ARG A 1 12  ? -4.448  -8.198  -19.698 1.00 12.42 ? 248 ARG A HH21 1 
ATOM   124  H  HH22 . ARG A 1 12  ? -4.756  -6.594  -19.120 1.00 13.00 ? 248 ARG A HH22 1 
ATOM   125  N  N    . ASN A 1 13  ? 2.010   -9.966  -16.965 1.00 8.49  ? 249 ASN A N    1 
ATOM   126  C  CA   . ASN A 1 13  ? 3.366   -9.643  -16.523 1.00 8.16  ? 249 ASN A CA   1 
ATOM   127  C  C    . ASN A 1 13  ? 3.644   -10.155 -15.111 1.00 7.61  ? 249 ASN A C    1 
ATOM   128  O  O    . ASN A 1 13  ? 4.495   -9.608  -14.410 1.00 7.77  ? 249 ASN A O    1 
ATOM   129  C  CB   . ASN A 1 13  ? 3.589   -8.130  -16.572 1.00 8.71  ? 249 ASN A CB   1 
ATOM   130  C  CG   . ASN A 1 13  ? 3.246   -7.538  -17.924 1.00 9.23  ? 249 ASN A CG   1 
ATOM   131  O  OD1  . ASN A 1 13  ? 2.080   -7.277  -18.224 1.00 9.37  ? 249 ASN A OD1  1 
ATOM   132  N  ND2  . ASN A 1 13  ? 4.264   -7.320  -18.750 1.00 9.75  ? 249 ASN A ND2  1 
ATOM   133  H  H    . ASN A 1 13  ? 1.881   -10.339 -17.861 1.00 8.42  ? 249 ASN A H    1 
ATOM   134  H  HA   . ASN A 1 13  ? 4.055   -10.115 -17.201 1.00 8.22  ? 249 ASN A HA   1 
ATOM   135  H  HB2  . ASN A 1 13  ? 2.967   -7.657  -15.825 1.00 8.94  ? 249 ASN A HB2  1 
ATOM   136  H  HB3  . ASN A 1 13  ? 4.626   -7.919  -16.358 1.00 8.78  ? 249 ASN A HB3  1 
ATOM   137  H  HD21 . ASN A 1 13  ? 5.165   -7.552  -18.444 1.00 9.75  ? 249 ASN A HD21 1 
ATOM   138  H  HD22 . ASN A 1 13  ? 4.071   -6.937  -19.630 1.00 10.22 ? 249 ASN A HD22 1 
ATOM   139  N  N    . PHE A 1 14  ? 2.939   -11.207 -14.701 1.00 7.23  ? 250 PHE A N    1 
ATOM   140  C  CA   . PHE A 1 14  ? 3.124   -11.782 -13.372 1.00 6.91  ? 250 PHE A CA   1 
ATOM   141  C  C    . PHE A 1 14  ? 2.024   -12.791 -13.058 1.00 6.12  ? 250 PHE A C    1 
ATOM   142  O  O    . PHE A 1 14  ? 0.941   -12.748 -13.644 1.00 5.88  ? 250 PHE A O    1 
ATOM   143  C  CB   . PHE A 1 14  ? 3.132   -10.679 -12.308 1.00 7.18  ? 250 PHE A CB   1 
ATOM   144  C  CG   . PHE A 1 14  ? 2.107   -9.607  -12.547 1.00 7.83  ? 250 PHE A CG   1 
ATOM   145  C  CD1  . PHE A 1 14  ? 0.757   -9.871  -12.375 1.00 8.39  ? 250 PHE A CD1  1 
ATOM   146  C  CD2  . PHE A 1 14  ? 2.491   -8.334  -12.943 1.00 8.21  ? 250 PHE A CD2  1 
ATOM   147  C  CE1  . PHE A 1 14  ? -0.189  -8.889  -12.594 1.00 9.23  ? 250 PHE A CE1  1 
ATOM   148  C  CE2  . PHE A 1 14  ? 1.549   -7.348  -13.163 1.00 9.07  ? 250 PHE A CE2  1 
ATOM   149  C  CZ   . PHE A 1 14  ? 0.207   -7.626  -12.988 1.00 9.55  ? 250 PHE A CZ   1 
ATOM   150  H  H    . PHE A 1 14  ? 2.284   -11.611 -15.306 1.00 7.35  ? 250 PHE A H    1 
ATOM   151  H  HA   . PHE A 1 14  ? 4.077   -12.290 -13.359 1.00 7.38  ? 250 PHE A HA   1 
ATOM   152  H  HB2  . PHE A 1 14  ? 2.932   -11.119 -11.343 1.00 6.88  ? 250 PHE A HB2  1 
ATOM   153  H  HB3  . PHE A 1 14  ? 4.106   -10.213 -12.291 1.00 7.55  ? 250 PHE A HB3  1 
ATOM   154  H  HD1  . PHE A 1 14  ? 0.447   -10.858 -12.066 1.00 8.35  ? 250 PHE A HD1  1 
ATOM   155  H  HD2  . PHE A 1 14  ? 3.540   -8.116  -13.082 1.00 8.02  ? 250 PHE A HD2  1 
ATOM   156  H  HE1  . PHE A 1 14  ? -1.238  -9.108  -12.456 1.00 9.80  ? 250 PHE A HE1  1 
ATOM   157  H  HE2  . PHE A 1 14  ? 1.860   -6.361  -13.471 1.00 9.53  ? 250 PHE A HE2  1 
ATOM   158  H  HZ   . PHE A 1 14  ? -0.532  -6.856  -13.160 1.00 10.33 ? 250 PHE A HZ   1 
ATOM   159  N  N    . PRO A 1 15  ? 2.290   -13.714 -12.123 1.00 6.04  ? 251 PRO A N    1 
ATOM   160  C  CA   . PRO A 1 15  ? 1.323   -14.741 -11.725 1.00 5.65  ? 251 PRO A CA   1 
ATOM   161  C  C    . PRO A 1 15  ? 0.157   -14.159 -10.934 1.00 4.68  ? 251 PRO A C    1 
ATOM   162  O  O    . PRO A 1 15  ? -0.034  -14.481 -9.761  1.00 4.71  ? 251 PRO A O    1 
ATOM   163  C  CB   . PRO A 1 15  ? 2.148   -15.684 -10.847 1.00 6.17  ? 251 PRO A CB   1 
ATOM   164  C  CG   . PRO A 1 15  ? 3.250   -14.837 -10.311 1.00 6.84  ? 251 PRO A CG   1 
ATOM   165  C  CD   . PRO A 1 15  ? 3.558   -13.826 -11.381 1.00 6.73  ? 251 PRO A CD   1 
ATOM   166  H  HA   . PRO A 1 15  ? 0.943   -15.280 -12.580 1.00 6.11  ? 251 PRO A HA   1 
ATOM   167  H  HB2  . PRO A 1 15  ? 1.528   -16.076 -10.054 1.00 5.77  ? 251 PRO A HB2  1 
ATOM   168  H  HB3  . PRO A 1 15  ? 2.532   -16.495 -11.447 1.00 6.77  ? 251 PRO A HB3  1 
ATOM   169  H  HG2  . PRO A 1 15  ? 2.925   -14.339 -9.408  1.00 6.91  ? 251 PRO A HG2  1 
ATOM   170  H  HG3  . PRO A 1 15  ? 4.119   -15.447 -10.110 1.00 7.60  ? 251 PRO A HG3  1 
ATOM   171  H  HD2  . PRO A 1 15  ? 3.831   -12.879 -10.940 1.00 6.65  ? 251 PRO A HD2  1 
ATOM   172  H  HD3  . PRO A 1 15  ? 4.349   -14.186 -12.023 1.00 7.49  ? 251 PRO A HD3  1 
ATOM   173  N  N    . ASN A 1 16  ? -0.620  -13.298 -11.583 1.00 4.26  ? 252 ASN A N    1 
ATOM   174  C  CA   . ASN A 1 16  ? -1.767  -12.669 -10.940 1.00 3.74  ? 252 ASN A CA   1 
ATOM   175  C  C    . ASN A 1 16  ? -1.371  -12.077 -9.592  1.00 2.89  ? 252 ASN A C    1 
ATOM   176  O  O    . ASN A 1 16  ? -1.503  -12.725 -8.554  1.00 3.09  ? 252 ASN A O    1 
ATOM   177  C  CB   . ASN A 1 16  ? -2.897  -13.682 -10.756 1.00 4.68  ? 252 ASN A CB   1 
ATOM   178  C  CG   . ASN A 1 16  ? -3.861  -13.692 -11.926 1.00 5.35  ? 252 ASN A CG   1 
ATOM   179  O  OD1  . ASN A 1 16  ? -5.078  -13.673 -11.743 1.00 5.51  ? 252 ASN A OD1  1 
ATOM   180  N  ND2  . ASN A 1 16  ? -3.320  -13.721 -13.139 1.00 6.11  ? 252 ASN A ND2  1 
ATOM   181  H  H    . ASN A 1 16  ? -0.416  -13.080 -12.517 1.00 4.66  ? 252 ASN A H    1 
ATOM   182  H  HA   . ASN A 1 16  ? -2.111  -11.871 -11.582 1.00 3.83  ? 252 ASN A HA   1 
ATOM   183  H  HB2  . ASN A 1 16  ? -2.474  -14.671 -10.655 1.00 5.20  ? 252 ASN A HB2  1 
ATOM   184  H  HB3  . ASN A 1 16  ? -3.449  -13.439 -9.860  1.00 4.80  ? 252 ASN A HB3  1 
ATOM   185  H  HD21 . ASN A 1 16  ? -2.342  -13.736 -13.209 1.00 6.21  ? 252 ASN A HD21 1 
ATOM   186  H  HD22 . ASN A 1 16  ? -3.920  -13.728 -13.914 1.00 6.72  ? 252 ASN A HD22 1 
ATOM   187  N  N    . SER A 1 17  ? -0.882  -10.841 -9.618  1.00 2.63  ? 253 SER A N    1 
ATOM   188  C  CA   . SER A 1 17  ? -0.464  -10.158 -8.399  1.00 2.44  ? 253 SER A CA   1 
ATOM   189  C  C    . SER A 1 17  ? -1.609  -10.088 -7.396  1.00 1.83  ? 253 SER A C    1 
ATOM   190  O  O    . SER A 1 17  ? -1.439  -10.409 -6.220  1.00 2.22  ? 253 SER A O    1 
ATOM   191  C  CB   . SER A 1 17  ? 0.029   -8.747  -8.725  1.00 3.14  ? 253 SER A CB   1 
ATOM   192  O  OG   . SER A 1 17  ? -0.584  -8.253  -9.904  1.00 3.54  ? 253 SER A OG   1 
ATOM   193  H  H    . SER A 1 17  ? -0.801  -10.377 -10.477 1.00 3.11  ? 253 SER A H    1 
ATOM   194  H  HA   . SER A 1 17  ? 0.347   -10.722 -7.965  1.00 2.95  ? 253 SER A HA   1 
ATOM   195  H  HB2  . SER A 1 17  ? -0.212  -8.086  -7.905  1.00 3.55  ? 253 SER A HB2  1 
ATOM   196  H  HB3  . SER A 1 17  ? 1.100   -8.767  -8.872  1.00 3.64  ? 253 SER A HB3  1 
ATOM   197  H  HG   . SER A 1 17  ? -0.043  -7.552  -10.276 1.00 3.99  ? 253 SER A HG   1 
ATOM   198  N  N    . THR A 1 18  ? -2.776  -9.665  -7.870  1.00 1.52  ? 254 THR A N    1 
ATOM   199  C  CA   . THR A 1 18  ? -3.952  -9.552  -7.016  1.00 1.01  ? 254 THR A CA   1 
ATOM   200  C  C    . THR A 1 18  ? -4.442  -10.929 -6.579  1.00 1.06  ? 254 THR A C    1 
ATOM   201  O  O    . THR A 1 18  ? -5.155  -11.608 -7.318  1.00 2.04  ? 254 THR A O    1 
ATOM   202  C  CB   . THR A 1 18  ? -5.068  -8.807  -7.749  1.00 0.96  ? 254 THR A CB   1 
ATOM   203  O  OG1  . THR A 1 18  ? -4.909  -8.920  -9.151  1.00 1.52  ? 254 THR A OG1  1 
ATOM   204  C  CG2  . THR A 1 18  ? -5.126  -7.333  -7.410  1.00 1.06  ? 254 THR A CG2  1 
ATOM   205  H  H    . THR A 1 18  ? -2.848  -9.424  -8.816  1.00 2.07  ? 254 THR A H    1 
ATOM   206  H  HA   . THR A 1 18  ? -3.671  -8.989  -6.139  1.00 1.19  ? 254 THR A HA   1 
ATOM   207  H  HB   . THR A 1 18  ? -6.017  -9.246  -7.478  1.00 1.36  ? 254 THR A HB   1 
ATOM   208  H  HG1  . THR A 1 18  ? -5.115  -9.817  -9.427  1.00 2.03  ? 254 THR A HG1  1 
ATOM   209  H  HG21 . THR A 1 18  ? -4.568  -6.772  -8.147  1.00 1.62  ? 254 THR A HG21 1 
ATOM   210  H  HG22 . THR A 1 18  ? -4.695  -7.171  -6.432  1.00 1.50  ? 254 THR A HG22 1 
ATOM   211  H  HG23 . THR A 1 18  ? -6.155  -7.005  -7.410  1.00 1.59  ? 254 THR A HG23 1 
ATOM   212  N  N    . ASN A 1 19  ? -4.058  -11.332 -5.372  1.00 0.51  ? 255 ASN A N    1 
ATOM   213  C  CA   . ASN A 1 19  ? -4.461  -12.626 -4.832  1.00 0.43  ? 255 ASN A CA   1 
ATOM   214  C  C    . ASN A 1 19  ? -5.860  -12.549 -4.230  1.00 0.38  ? 255 ASN A C    1 
ATOM   215  O  O    . ASN A 1 19  ? -6.025  -12.566 -3.010  1.00 0.42  ? 255 ASN A O    1 
ATOM   216  C  CB   . ASN A 1 19  ? -3.462  -13.092 -3.773  1.00 0.53  ? 255 ASN A CB   1 
ATOM   217  C  CG   . ASN A 1 19  ? -2.166  -13.593 -4.380  1.00 0.75  ? 255 ASN A CG   1 
ATOM   218  O  OD1  . ASN A 1 19  ? -1.699  -13.072 -5.392  1.00 1.43  ? 255 ASN A OD1  1 
ATOM   219  N  ND2  . ASN A 1 19  ? -1.578  -14.610 -3.761  1.00 1.35  ? 255 ASN A ND2  1 
ATOM   220  H  H    . ASN A 1 19  ? -3.492  -10.744 -4.830  1.00 1.10  ? 255 ASN A H    1 
ATOM   221  H  HA   . ASN A 1 19  ? -4.470  -13.337 -5.645  1.00 0.49  ? 255 ASN A HA   1 
ATOM   222  H  HB2  . ASN A 1 19  ? -3.235  -12.267 -3.115  1.00 0.78  ? 255 ASN A HB2  1 
ATOM   223  H  HB3  . ASN A 1 19  ? -3.904  -13.894 -3.199  1.00 0.80  ? 255 ASN A HB3  1 
ATOM   224  H  HD21 . ASN A 1 19  ? -2.007  -14.975 -2.960  1.00 1.91  ? 255 ASN A HD21 1 
ATOM   225  H  HD22 . ASN A 1 19  ? -0.738  -14.954 -4.131  1.00 1.59  ? 255 ASN A HD22 1 
ATOM   226  N  N    . LEU A 1 20  ? -6.861  -12.450 -5.098  1.00 0.35  ? 256 LEU A N    1 
ATOM   227  C  CA   . LEU A 1 20  ? -8.251  -12.352 -4.663  1.00 0.33  ? 256 LEU A CA   1 
ATOM   228  C  C    . LEU A 1 20  ? -8.406  -11.315 -3.555  1.00 0.31  ? 256 LEU A C    1 
ATOM   229  O  O    . LEU A 1 20  ? -8.749  -11.654 -2.422  1.00 0.32  ? 256 LEU A O    1 
ATOM   230  C  CB   . LEU A 1 20  ? -8.753  -13.712 -4.175  1.00 0.37  ? 256 LEU A CB   1 
ATOM   231  C  CG   . LEU A 1 20  ? -8.661  -14.845 -5.198  1.00 0.61  ? 256 LEU A CG   1 
ATOM   232  C  CD1  . LEU A 1 20  ? -7.967  -16.055 -4.592  1.00 1.48  ? 256 LEU A CD1  1 
ATOM   233  C  CD2  . LEU A 1 20  ? -10.047 -15.220 -5.703  1.00 1.18  ? 256 LEU A CD2  1 
ATOM   234  H  H    . LEU A 1 20  ? -6.660  -12.431 -6.056  1.00 0.37  ? 256 LEU A H    1 
ATOM   235  H  HA   . LEU A 1 20  ? -8.843  -12.045 -5.513  1.00 0.32  ? 256 LEU A HA   1 
ATOM   236  H  HB2  . LEU A 1 20  ? -8.179  -13.992 -3.304  1.00 0.65  ? 256 LEU A HB2  1 
ATOM   237  H  HB3  . LEU A 1 20  ? -9.788  -13.605 -3.882  1.00 0.67  ? 256 LEU A HB3  1 
ATOM   238  H  HG   . LEU A 1 20  ? -8.075  -14.512 -6.042  1.00 1.24  ? 256 LEU A HG   1 
ATOM   239  H  HD11 . LEU A 1 20  ? -7.454  -16.602 -5.368  1.00 2.02  ? 256 LEU A HD11 1 
ATOM   240  H  HD12 . LEU A 1 20  ? -8.701  -16.695 -4.125  1.00 1.83  ? 256 LEU A HD12 1 
ATOM   241  H  HD13 . LEU A 1 20  ? -7.253  -15.726 -3.851  1.00 2.10  ? 256 LEU A HD13 1 
ATOM   242  H  HD21 . LEU A 1 20  ? -10.021 -16.218 -6.114  1.00 1.80  ? 256 LEU A HD21 1 
ATOM   243  H  HD22 . LEU A 1 20  ? -10.352 -14.522 -6.468  1.00 1.74  ? 256 LEU A HD22 1 
ATOM   244  H  HD23 . LEU A 1 20  ? -10.749 -15.186 -4.883  1.00 1.67  ? 256 LEU A HD23 1 
ATOM   245  N  N    . PRO A 1 21  ? -8.143  -10.033 -3.863  1.00 0.29  ? 257 PRO A N    1 
ATOM   246  C  CA   . PRO A 1 21  ? -8.241  -8.942  -2.894  1.00 0.29  ? 257 PRO A CA   1 
ATOM   247  C  C    . PRO A 1 21  ? -9.685  -8.485  -2.693  1.00 0.28  ? 257 PRO A C    1 
ATOM   248  O  O    . PRO A 1 21  ? -10.615 -9.278  -2.839  1.00 0.29  ? 257 PRO A O    1 
ATOM   249  C  CB   . PRO A 1 21  ? -7.378  -7.828  -3.525  1.00 0.29  ? 257 PRO A CB   1 
ATOM   250  C  CG   . PRO A 1 21  ? -6.791  -8.422  -4.767  1.00 0.31  ? 257 PRO A CG   1 
ATOM   251  C  CD   . PRO A 1 21  ? -7.716  -9.530  -5.168  1.00 0.31  ? 257 PRO A CD   1 
ATOM   252  H  HA   . PRO A 1 21  ? -7.837  -9.237  -1.938  1.00 0.29  ? 257 PRO A HA   1 
ATOM   253  H  HB2  . PRO A 1 21  ? -8.001  -6.978  -3.764  1.00 0.29  ? 257 PRO A HB2  1 
ATOM   254  H  HB3  . PRO A 1 21  ? -6.608  -7.529  -2.828  1.00 0.31  ? 257 PRO A HB3  1 
ATOM   255  H  HG2  . PRO A 1 21  ? -6.742  -7.675  -5.544  1.00 0.33  ? 257 PRO A HG2  1 
ATOM   256  H  HG3  . PRO A 1 21  ? -5.808  -8.816  -4.559  1.00 0.34  ? 257 PRO A HG3  1 
ATOM   257  H  HD2  . PRO A 1 21  ? -8.554  -9.142  -5.732  1.00 0.31  ? 257 PRO A HD2  1 
ATOM   258  H  HD3  . PRO A 1 21  ? -7.190  -10.282 -5.729  1.00 0.33  ? 257 PRO A HD3  1 
ATOM   259  N  N    . ARG A 1 22  ? -9.876  -7.211  -2.358  1.00 0.28  ? 258 ARG A N    1 
ATOM   260  C  CA   . ARG A 1 22  ? -11.213 -6.683  -2.143  1.00 0.29  ? 258 ARG A CA   1 
ATOM   261  C  C    . ARG A 1 22  ? -11.987 -7.577  -1.181  1.00 0.29  ? 258 ARG A C    1 
ATOM   262  O  O    . ARG A 1 22  ? -13.083 -8.042  -1.493  1.00 0.32  ? 258 ARG A O    1 
ATOM   263  C  CB   . ARG A 1 22  ? -11.958 -6.571  -3.473  1.00 0.32  ? 258 ARG A CB   1 
ATOM   264  C  CG   . ARG A 1 22  ? -13.053 -5.518  -3.470  1.00 0.36  ? 258 ARG A CG   1 
ATOM   265  C  CD   . ARG A 1 22  ? -13.257 -4.926  -4.855  1.00 1.00  ? 258 ARG A CD   1 
ATOM   266  N  NE   . ARG A 1 22  ? -14.402 -5.518  -5.540  1.00 1.29  ? 258 ARG A NE   1 
ATOM   267  C  CZ   . ARG A 1 22  ? -14.760 -5.215  -6.787  1.00 1.83  ? 258 ARG A CZ   1 
ATOM   268  N  NH1  . ARG A 1 22  ? -14.065 -4.330  -7.493  1.00 2.34  ? 258 ARG A NH1  1 
ATOM   269  N  NH2  . ARG A 1 22  ? -15.817 -5.802  -7.333  1.00 2.55  ? 258 ARG A NH2  1 
ATOM   270  H  H    . ARG A 1 22  ? -9.105  -6.616  -2.262  1.00 0.29  ? 258 ARG A H    1 
ATOM   271  H  HA   . ARG A 1 22  ? -11.117 -5.701  -1.708  1.00 0.30  ? 258 ARG A HA   1 
ATOM   272  H  HB2  . ARG A 1 22  ? -11.250 -6.321  -4.249  1.00 0.35  ? 258 ARG A HB2  1 
ATOM   273  H  HB3  . ARG A 1 22  ? -12.408 -7.526  -3.702  1.00 0.37  ? 258 ARG A HB3  1 
ATOM   274  H  HG2  . ARG A 1 22  ? -13.977 -5.971  -3.143  1.00 0.67  ? 258 ARG A HG2  1 
ATOM   275  H  HG3  . ARG A 1 22  ? -12.777 -4.727  -2.788  1.00 0.64  ? 258 ARG A HG3  1 
ATOM   276  H  HD2  . ARG A 1 22  ? -13.419 -3.862  -4.758  1.00 1.71  ? 258 ARG A HD2  1 
ATOM   277  H  HD3  . ARG A 1 22  ? -12.368 -5.101  -5.442  1.00 1.66  ? 258 ARG A HD3  1 
ATOM   278  H  HE   . ARG A 1 22  ? -14.935 -6.176  -5.046  1.00 1.81  ? 258 ARG A HE   1 
ATOM   279  H  HH11 . ARG A 1 22  ? -13.267 -3.883  -7.091  1.00 2.46  ? 258 ARG A HH11 1 
ATOM   280  H  HH12 . ARG A 1 22  ? -14.343 -4.110  -8.428  1.00 2.98  ? 258 ARG A HH12 1 
ATOM   281  H  HH21 . ARG A 1 22  ? -16.344 -6.472  -6.808  1.00 2.93  ? 258 ARG A HH21 1 
ATOM   282  H  HH22 . ARG A 1 22  ? -16.086 -5.576  -8.269  1.00 3.02  ? 258 ARG A HH22 1 
ATOM   283  N  N    . ASN A 1 23  ? -11.409 -7.808  -0.006  1.00 0.27  ? 259 ASN A N    1 
ATOM   284  C  CA   . ASN A 1 23  ? -12.037 -8.640  1.013   1.00 0.28  ? 259 ASN A CA   1 
ATOM   285  C  C    . ASN A 1 23  ? -12.204 -7.837  2.295   1.00 0.29  ? 259 ASN A C    1 
ATOM   286  O  O    . ASN A 1 23  ? -11.581 -8.131  3.317   1.00 0.30  ? 259 ASN A O    1 
ATOM   287  C  CB   . ASN A 1 23  ? -11.188 -9.884  1.280   1.00 0.30  ? 259 ASN A CB   1 
ATOM   288  C  CG   . ASN A 1 23  ? -11.371 -10.945 0.212   1.00 0.33  ? 259 ASN A CG   1 
ATOM   289  O  OD1  . ASN A 1 23  ? -11.723 -10.641 -0.927  1.00 1.12  ? 259 ASN A OD1  1 
ATOM   290  N  ND2  . ASN A 1 23  ? -11.130 -12.199 0.576   1.00 1.14  ? 259 ASN A ND2  1 
ATOM   291  H  H    . ASN A 1 23  ? -10.539 -7.401  0.190   1.00 0.28  ? 259 ASN A H    1 
ATOM   292  H  HA   . ASN A 1 23  ? -13.007 -8.940  0.645   1.00 0.29  ? 259 ASN A HA   1 
ATOM   293  H  HB2  . ASN A 1 23  ? -10.145 -9.602  1.307   1.00 0.30  ? 259 ASN A HB2  1 
ATOM   294  H  HB3  . ASN A 1 23  ? -11.469 -10.305 2.233   1.00 0.34  ? 259 ASN A HB3  1 
ATOM   295  H  HD21 . ASN A 1 23  ? -10.852 -12.367 1.501   1.00 1.88  ? 259 ASN A HD21 1 
ATOM   296  H  HD22 . ASN A 1 23  ? -11.241 -12.904 -0.094  1.00 1.16  ? 259 ASN A HD22 1 
ATOM   297  N  N    . PRO A 1 24  ? -13.046 -6.800  2.250   1.00 0.30  ? 260 PRO A N    1 
ATOM   298  C  CA   . PRO A 1 24  ? -13.289 -5.930  3.400   1.00 0.32  ? 260 PRO A CA   1 
ATOM   299  C  C    . PRO A 1 24  ? -14.011 -6.638  4.540   1.00 0.31  ? 260 PRO A C    1 
ATOM   300  O  O    . PRO A 1 24  ? -14.001 -6.159  5.674   1.00 0.34  ? 260 PRO A O    1 
ATOM   301  C  CB   . PRO A 1 24  ? -14.141 -4.797  2.825   1.00 0.34  ? 260 PRO A CB   1 
ATOM   302  C  CG   . PRO A 1 24  ? -14.780 -5.370  1.607   1.00 0.33  ? 260 PRO A CG   1 
ATOM   303  C  CD   . PRO A 1 24  ? -13.821 -6.397  1.067   1.00 0.31  ? 260 PRO A CD   1 
ATOM   304  H  HA   . PRO A 1 24  ? -12.364 -5.521  3.776   1.00 0.35  ? 260 PRO A HA   1 
ATOM   305  H  HB2  . PRO A 1 24  ? -14.873 -4.495  3.555   1.00 0.35  ? 260 PRO A HB2  1 
ATOM   306  H  HB3  . PRO A 1 24  ? -13.507 -3.959  2.580   1.00 0.38  ? 260 PRO A HB3  1 
ATOM   307  H  HG2  . PRO A 1 24  ? -15.718 -5.836  1.869   1.00 0.32  ? 260 PRO A HG2  1 
ATOM   308  H  HG3  . PRO A 1 24  ? -14.941 -4.589  0.878   1.00 0.35  ? 260 PRO A HG3  1 
ATOM   309  H  HD2  . PRO A 1 24  ? -14.362 -7.237  0.658   1.00 0.31  ? 260 PRO A HD2  1 
ATOM   310  H  HD3  . PRO A 1 24  ? -13.178 -5.963  0.316   1.00 0.34  ? 260 PRO A HD3  1 
ATOM   311  N  N    . SER A 1 25  ? -14.616 -7.789  4.251   1.00 0.30  ? 261 SER A N    1 
ATOM   312  C  CA   . SER A 1 25  ? -15.305 -8.549  5.283   1.00 0.32  ? 261 SER A CA   1 
ATOM   313  C  C    . SER A 1 25  ? -14.363 -8.753  6.461   1.00 0.34  ? 261 SER A C    1 
ATOM   314  O  O    . SER A 1 25  ? -14.705 -8.466  7.608   1.00 0.37  ? 261 SER A O    1 
ATOM   315  C  CB   . SER A 1 25  ? -15.774 -9.898  4.737   1.00 0.32  ? 261 SER A CB   1 
ATOM   316  O  OG   . SER A 1 25  ? -16.689 -10.519 5.624   1.00 0.71  ? 261 SER A OG   1 
ATOM   317  H  H    . SER A 1 25  ? -14.582 -8.140  3.337   1.00 0.29  ? 261 SER A H    1 
ATOM   318  H  HA   . SER A 1 25  ? -16.160 -7.975  5.610   1.00 0.35  ? 261 SER A HA   1 
ATOM   319  H  HB2  . SER A 1 25  ? -16.260 -9.750  3.784   1.00 0.62  ? 261 SER A HB2  1 
ATOM   320  H  HB3  . SER A 1 25  ? -14.920 -10.548 4.607   1.00 0.56  ? 261 SER A HB3  1 
ATOM   321  H  HG   . SER A 1 25  ? -17.410 -10.905 5.121   1.00 1.13  ? 261 SER A HG   1 
ATOM   322  N  N    . MET A 1 26  ? -13.164 -9.243  6.156   1.00 0.34  ? 262 MET A N    1 
ATOM   323  C  CA   . MET A 1 26  ? -12.149 -9.477  7.173   1.00 0.40  ? 262 MET A CA   1 
ATOM   324  C  C    . MET A 1 26  ? -11.154 -8.313  7.247   1.00 0.43  ? 262 MET A C    1 
ATOM   325  O  O    . MET A 1 26  ? -10.337 -8.259  8.166   1.00 0.55  ? 262 MET A O    1 
ATOM   326  C  CB   . MET A 1 26  ? -11.404 -10.784 6.891   1.00 0.41  ? 262 MET A CB   1 
ATOM   327  C  CG   . MET A 1 26  ? -10.832 -11.441 8.136   1.00 0.64  ? 262 MET A CG   1 
ATOM   328  S  SD   . MET A 1 26  ? -9.061  -11.752 8.003   1.00 1.12  ? 262 MET A SD   1 
ATOM   329  C  CE   . MET A 1 26  ? -8.436  -10.763 9.360   1.00 0.56  ? 262 MET A CE   1 
ATOM   330  H  H    . MET A 1 26  ? -12.958 -9.448  5.221   1.00 0.33  ? 262 MET A H    1 
ATOM   331  H  HA   . MET A 1 26  ? -12.650 -9.555  8.126   1.00 0.42  ? 262 MET A HA   1 
ATOM   332  H  HB2  . MET A 1 26  ? -12.086 -11.479 6.424   1.00 0.57  ? 262 MET A HB2  1 
ATOM   333  H  HB3  . MET A 1 26  ? -10.590 -10.580 6.212   1.00 0.55  ? 262 MET A HB3  1 
ATOM   334  H  HG2  . MET A 1 26  ? -11.007 -10.794 8.982   1.00 1.23  ? 262 MET A HG2  1 
ATOM   335  H  HG3  . MET A 1 26  ? -11.337 -12.382 8.294   1.00 1.39  ? 262 MET A HG3  1 
ATOM   336  H  HE1  . MET A 1 26  ? -9.007  -9.849  9.432   1.00 1.21  ? 262 MET A HE1  1 
ATOM   337  H  HE2  . MET A 1 26  ? -7.398  -10.524 9.182   1.00 1.12  ? 262 MET A HE2  1 
ATOM   338  H  HE3  . MET A 1 26  ? -8.525  -11.318 10.281  1.00 1.10  ? 262 MET A HE3  1 
ATOM   339  N  N    . ALA A 1 27  ? -11.225 -7.369  6.301   1.00 0.37  ? 263 ALA A N    1 
ATOM   340  C  CA   . ALA A 1 27  ? -10.326 -6.217  6.319   1.00 0.41  ? 263 ALA A CA   1 
ATOM   341  C  C    . ALA A 1 27  ? -10.924 -5.043  7.105   1.00 0.53  ? 263 ALA A C    1 
ATOM   342  O  O    . ALA A 1 27  ? -10.456 -3.912  6.982   1.00 1.30  ? 263 ALA A O    1 
ATOM   343  C  CB   . ALA A 1 27  ? -9.989  -5.780  4.902   1.00 0.45  ? 263 ALA A CB   1 
ATOM   344  H  H    . ALA A 1 27  ? -11.895 -7.432  5.589   1.00 0.36  ? 263 ALA A H    1 
ATOM   345  H  HA   . ALA A 1 27  ? -9.410  -6.523  6.799   1.00 0.40  ? 263 ALA A HA   1 
ATOM   346  H  HB1  . ALA A 1 27  ? -10.429 -4.812  4.710   1.00 1.18  ? 263 ALA A HB1  1 
ATOM   347  H  HB2  . ALA A 1 27  ? -10.380 -6.498  4.201   1.00 1.07  ? 263 ALA A HB2  1 
ATOM   348  H  HB3  . ALA A 1 27  ? -8.917  -5.716  4.793   1.00 1.08  ? 263 ALA A HB3  1 
ATOM   349  N  N    . ASP A 1 28  ? -11.971 -5.313  7.891   1.00 0.50  ? 264 ASP A N    1 
ATOM   350  C  CA   . ASP A 1 28  ? -12.641 -4.279  8.680   1.00 0.46  ? 264 ASP A CA   1 
ATOM   351  C  C    . ASP A 1 28  ? -11.645 -3.457  9.500   1.00 0.48  ? 264 ASP A C    1 
ATOM   352  O  O    . ASP A 1 28  ? -10.432 -3.629  9.390   1.00 0.59  ? 264 ASP A O    1 
ATOM   353  C  CB   . ASP A 1 28  ? -13.677 -4.913  9.608   1.00 0.46  ? 264 ASP A CB   1 
ATOM   354  C  CG   . ASP A 1 28  ? -15.087 -4.437  9.311   1.00 0.55  ? 264 ASP A CG   1 
ATOM   355  O  OD1  . ASP A 1 28  ? -15.250 -3.249  8.964   1.00 1.30  ? 264 ASP A OD1  1 
ATOM   356  O  OD2  . ASP A 1 28  ? -16.025 -5.253  9.426   1.00 1.21  ? 264 ASP A OD2  1 
ATOM   357  H  H    . ASP A 1 28  ? -12.315 -6.227  7.915   1.00 1.05  ? 264 ASP A H    1 
ATOM   358  H  HA   . ASP A 1 28  ? -13.148 -3.619  7.993   1.00 0.50  ? 264 ASP A HA   1 
ATOM   359  H  HB2  . ASP A 1 28  ? -13.648 -5.986  9.491   1.00 0.51  ? 264 ASP A HB2  1 
ATOM   360  H  HB3  . ASP A 1 28  ? -13.440 -4.660  10.631  1.00 0.48  ? 264 ASP A HB3  1 
ATOM   361  N  N    . TYR A 1 29  ? -12.166 -2.576  10.347  1.00 0.48  ? 265 TYR A N    1 
ATOM   362  C  CA   . TYR A 1 29  ? -11.318 -1.746  11.194  1.00 0.50  ? 265 TYR A CA   1 
ATOM   363  C  C    . TYR A 1 29  ? -10.682 -2.593  12.288  1.00 0.47  ? 265 TYR A C    1 
ATOM   364  O  O    . TYR A 1 29  ? -9.464  -2.776  12.317  1.00 0.45  ? 265 TYR A O    1 
ATOM   365  C  CB   . TYR A 1 29  ? -12.135 -0.610  11.814  1.00 0.60  ? 265 TYR A CB   1 
ATOM   366  C  CG   . TYR A 1 29  ? -11.293 0.538   12.324  1.00 0.58  ? 265 TYR A CG   1 
ATOM   367  C  CD1  . TYR A 1 29  ? -10.721 0.498   13.590  1.00 1.18  ? 265 TYR A CD1  1 
ATOM   368  C  CD2  . TYR A 1 29  ? -11.072 1.665   11.541  1.00 1.47  ? 265 TYR A CD2  1 
ATOM   369  C  CE1  . TYR A 1 29  ? -9.953  1.546   14.060  1.00 1.28  ? 265 TYR A CE1  1 
ATOM   370  C  CE2  . TYR A 1 29  ? -10.305 2.717   12.004  1.00 1.48  ? 265 TYR A CE2  1 
ATOM   371  C  CZ   . TYR A 1 29  ? -9.748  2.653   13.264  1.00 0.78  ? 265 TYR A CZ   1 
ATOM   372  O  OH   . TYR A 1 29  ? -8.984  3.699   13.728  1.00 0.95  ? 265 TYR A OH   1 
ATOM   373  H  H    . TYR A 1 29  ? -13.140 -2.497  10.426  1.00 0.54  ? 265 TYR A H    1 
ATOM   374  H  HA   . TYR A 1 29  ? -10.538 -1.327  10.576  1.00 0.49  ? 265 TYR A HA   1 
ATOM   375  H  HB2  . TYR A 1 29  ? -12.813 -0.217  11.072  1.00 0.73  ? 265 TYR A HB2  1 
ATOM   376  H  HB3  . TYR A 1 29  ? -12.706 -0.998  12.644  1.00 0.64  ? 265 TYR A HB3  1 
ATOM   377  H  HD1  . TYR A 1 29  ? -10.883 -0.370  14.212  1.00 2.02  ? 265 TYR A HD1  1 
ATOM   378  H  HD2  . TYR A 1 29  ? -11.510 1.713   10.555  1.00 2.35  ? 265 TYR A HD2  1 
ATOM   379  H  HE1  . TYR A 1 29  ? -9.517  1.496   15.047  1.00 2.15  ? 265 TYR A HE1  1 
ATOM   380  H  HE2  . TYR A 1 29  ? -10.145 3.585   11.380  1.00 2.35  ? 265 TYR A HE2  1 
ATOM   381  H  HH   . TYR A 1 29  ? -9.557  4.419   14.001  1.00 1.23  ? 265 TYR A HH   1 
ATOM   382  N  N    . GLU A 1 30  ? -11.511 -3.107  13.188  1.00 0.52  ? 266 GLU A N    1 
ATOM   383  C  CA   . GLU A 1 30  ? -11.018 -3.932  14.284  1.00 0.57  ? 266 GLU A CA   1 
ATOM   384  C  C    . GLU A 1 30  ? -10.372 -5.222  13.774  1.00 0.51  ? 266 GLU A C    1 
ATOM   385  O  O    . GLU A 1 30  ? -9.640  -5.882  14.512  1.00 0.53  ? 266 GLU A O    1 
ATOM   386  C  CB   . GLU A 1 30  ? -12.145 -4.252  15.266  1.00 0.70  ? 266 GLU A CB   1 
ATOM   387  C  CG   . GLU A 1 30  ? -12.818 -3.016  15.842  1.00 0.79  ? 266 GLU A CG   1 
ATOM   388  C  CD   . GLU A 1 30  ? -14.322 -3.025  15.645  1.00 0.94  ? 266 GLU A CD   1 
ATOM   389  O  OE1  . GLU A 1 30  ? -14.899 -4.127  15.536  1.00 1.52  ? 266 GLU A OE1  1 
ATOM   390  O  OE2  . GLU A 1 30  ? -14.920 -1.930  15.599  1.00 1.44  ? 266 GLU A OE2  1 
ATOM   391  H  H    . GLU A 1 30  ? -12.474 -2.923  13.127  1.00 0.56  ? 266 GLU A H    1 
ATOM   392  H  HA   . GLU A 1 30  ? -10.256 -3.360  14.792  1.00 0.60  ? 266 GLU A HA   1 
ATOM   393  H  HB2  . GLU A 1 30  ? -12.896 -4.838  14.755  1.00 0.74  ? 266 GLU A HB2  1 
ATOM   394  H  HB3  . GLU A 1 30  ? -11.743 -4.830  16.084  1.00 0.78  ? 266 GLU A HB3  1 
ATOM   395  H  HG2  . GLU A 1 30  ? -12.609 -2.968  16.899  1.00 0.95  ? 266 GLU A HG2  1 
ATOM   396  H  HG3  . GLU A 1 30  ? -12.411 -2.142  15.354  1.00 0.75  ? 266 GLU A HG3  1 
ATOM   397  N  N    . ALA A 1 31  ? -10.608 -5.569  12.506  1.00 0.46  ? 267 ALA A N    1 
ATOM   398  C  CA   . ALA A 1 31  ? -10.004 -6.761  11.926  1.00 0.46  ? 267 ALA A CA   1 
ATOM   399  C  C    . ALA A 1 31  ? -8.527  -6.493  11.659  1.00 0.40  ? 267 ALA A C    1 
ATOM   400  O  O    . ALA A 1 31  ? -7.657  -7.283  12.024  1.00 0.44  ? 267 ALA A O    1 
ATOM   401  C  CB   . ALA A 1 31  ? -10.724 -7.154  10.645  1.00 0.46  ? 267 ALA A CB   1 
ATOM   402  H  H    . ALA A 1 31  ? -11.167 -4.999  11.941  1.00 0.45  ? 267 ALA A H    1 
ATOM   403  H  HA   . ALA A 1 31  ? -10.096 -7.569  12.637  1.00 0.54  ? 267 ALA A HA   1 
ATOM   404  H  HB1  . ALA A 1 31  ? -11.746 -6.808  10.686  1.00 1.10  ? 267 ALA A HB1  1 
ATOM   405  H  HB2  . ALA A 1 31  ? -10.713 -8.230  10.542  1.00 1.08  ? 267 ALA A HB2  1 
ATOM   406  H  HB3  . ALA A 1 31  ? -10.226 -6.705  9.799   1.00 1.15  ? 267 ALA A HB3  1 
ATOM   407  N  N    . ARG A 1 32  ? -8.264  -5.341  11.049  1.00 0.35  ? 268 ARG A N    1 
ATOM   408  C  CA   . ARG A 1 32  ? -6.905  -4.905  10.753  1.00 0.34  ? 268 ARG A CA   1 
ATOM   409  C  C    . ARG A 1 32  ? -6.095  -4.778  12.040  1.00 0.37  ? 268 ARG A C    1 
ATOM   410  O  O    . ARG A 1 32  ? -5.178  -5.566  12.290  1.00 0.54  ? 268 ARG A O    1 
ATOM   411  C  CB   . ARG A 1 32  ? -6.940  -3.551  10.034  1.00 0.42  ? 268 ARG A CB   1 
ATOM   412  C  CG   . ARG A 1 32  ? -7.672  -3.588  8.704   1.00 0.91  ? 268 ARG A CG   1 
ATOM   413  C  CD   . ARG A 1 32  ? -6.728  -3.320  7.543   1.00 0.81  ? 268 ARG A CD   1 
ATOM   414  N  NE   . ARG A 1 32  ? -7.357  -3.586  6.251   1.00 1.47  ? 268 ARG A NE   1 
ATOM   415  C  CZ   . ARG A 1 32  ? -8.296  -2.814  5.710   1.00 2.01  ? 268 ARG A CZ   1 
ATOM   416  N  NH1  . ARG A 1 32  ? -8.731  -1.732  6.346   1.00 2.46  ? 268 ARG A NH1  1 
ATOM   417  N  NH2  . ARG A 1 32  ? -8.801  -3.122  4.524   1.00 2.74  ? 268 ARG A NH2  1 
ATOM   418  H  H    . ARG A 1 32  ? -9.011  -4.750  10.815  1.00 0.35  ? 268 ARG A H    1 
ATOM   419  H  HA   . ARG A 1 32  ? -6.416  -5.619  10.105  1.00 0.42  ? 268 ARG A HA   1 
ATOM   420  H  HB2  . ARG A 1 32  ? -7.429  -2.828  10.667  1.00 0.59  ? 268 ARG A HB2  1 
ATOM   421  H  HB3  . ARG A 1 32  ? -5.926  -3.227  9.853   1.00 0.79  ? 268 ARG A HB3  1 
ATOM   422  H  HG2  . ARG A 1 32  ? -8.117  -4.563  8.575   1.00 1.71  ? 268 ARG A HG2  1 
ATOM   423  H  HG3  . ARG A 1 32  ? -8.446  -2.834  8.709   1.00 1.70  ? 268 ARG A HG3  1 
ATOM   424  H  HD2  . ARG A 1 32  ? -6.423  -2.285  7.577   1.00 1.26  ? 268 ARG A HD2  1 
ATOM   425  H  HD3  . ARG A 1 32  ? -5.861  -3.954  7.647   1.00 1.27  ? 268 ARG A HD3  1 
ATOM   426  H  HE   . ARG A 1 32  ? -7.059  -4.378  5.758   1.00 2.05  ? 268 ARG A HE   1 
ATOM   427  H  HH11 . ARG A 1 32  ? -8.355  -1.488  7.238   1.00 2.41  ? 268 ARG A HH11 1 
ATOM   428  H  HH12 . ARG A 1 32  ? -9.438  -1.160  5.930   1.00 3.20  ? 268 ARG A HH12 1 
ATOM   429  H  HH21 . ARG A 1 32  ? -8.475  -3.933  4.037   1.00 3.05  ? 268 ARG A HH21 1 
ATOM   430  H  HH22 . ARG A 1 32  ? -9.507  -2.544  4.116   1.00 3.25  ? 268 ARG A HH22 1 
ATOM   431  N  N    . ILE A 1 33  ? -6.432  -3.770  12.843  1.00 0.35  ? 269 ILE A N    1 
ATOM   432  C  CA   . ILE A 1 33  ? -5.735  -3.525  14.096  1.00 0.41  ? 269 ILE A CA   1 
ATOM   433  C  C    . ILE A 1 33  ? -5.527  -4.826  14.866  1.00 0.40  ? 269 ILE A C    1 
ATOM   434  O  O    . ILE A 1 33  ? -4.464  -5.058  15.441  1.00 0.46  ? 269 ILE A O    1 
ATOM   435  C  CB   . ILE A 1 33  ? -6.505  -2.522  14.974  1.00 0.46  ? 269 ILE A CB   1 
ATOM   436  C  CG1  . ILE A 1 33  ? -6.224  -1.087  14.518  1.00 0.45  ? 269 ILE A CG1  1 
ATOM   437  C  CG2  . ILE A 1 33  ? -6.135  -2.701  16.438  1.00 0.55  ? 269 ILE A CG2  1 
ATOM   438  C  CD1  . ILE A 1 33  ? -6.797  -0.764  13.154  1.00 0.43  ? 269 ILE A CD1  1 
ATOM   439  H  H    . ILE A 1 33  ? -7.153  -3.164  12.569  1.00 0.43  ? 269 ILE A H    1 
ATOM   440  H  HA   . ILE A 1 33  ? -4.773  -3.097  13.849  1.00 0.45  ? 269 ILE A HA   1 
ATOM   441  H  HB   . ILE A 1 33  ? -7.559  -2.724  14.866  1.00 0.49  ? 269 ILE A HB   1 
ATOM   442  H  HG12 . ILE A 1 33  ? -6.655  -0.399  15.229  1.00 0.56  ? 269 ILE A HG12 1 
ATOM   443  H  HG13 . ILE A 1 33  ? -5.156  -0.933  14.476  1.00 0.54  ? 269 ILE A HG13 1 
ATOM   444  H  HG21 . ILE A 1 33  ? -6.367  -1.797  16.982  1.00 1.06  ? 269 ILE A HG21 1 
ATOM   445  H  HG22 . ILE A 1 33  ? -5.078  -2.908  16.519  1.00 1.29  ? 269 ILE A HG22 1 
ATOM   446  H  HG23 . ILE A 1 33  ? -6.696  -3.526  16.853  1.00 1.02  ? 269 ILE A HG23 1 
ATOM   447  H  HD11 . ILE A 1 33  ? -6.094  -1.059  12.388  1.00 1.07  ? 269 ILE A HD11 1 
ATOM   448  H  HD12 . ILE A 1 33  ? -6.980  0.299   13.083  1.00 1.25  ? 269 ILE A HD12 1 
ATOM   449  H  HD13 . ILE A 1 33  ? -7.724  -1.299  13.017  1.00 1.03  ? 269 ILE A HD13 1 
ATOM   450  N  N    . PHE A 1 34  ? -6.552  -5.676  14.859  1.00 0.36  ? 270 PHE A N    1 
ATOM   451  C  CA   . PHE A 1 34  ? -6.491  -6.963  15.542  1.00 0.36  ? 270 PHE A CA   1 
ATOM   452  C  C    . PHE A 1 34  ? -5.325  -7.801  15.028  1.00 0.38  ? 270 PHE A C    1 
ATOM   453  O  O    . PHE A 1 34  ? -4.634  -8.458  15.807  1.00 0.42  ? 270 PHE A O    1 
ATOM   454  C  CB   . PHE A 1 34  ? -7.798  -7.729  15.344  1.00 0.35  ? 270 PHE A CB   1 
ATOM   455  C  CG   . PHE A 1 34  ? -7.703  -9.176  15.736  1.00 0.50  ? 270 PHE A CG   1 
ATOM   456  C  CD1  . PHE A 1 34  ? -7.839  -9.557  17.061  1.00 1.21  ? 270 PHE A CD1  1 
ATOM   457  C  CD2  . PHE A 1 34  ? -7.474  -10.152 14.781  1.00 1.39  ? 270 PHE A CD2  1 
ATOM   458  C  CE1  . PHE A 1 34  ? -7.748  -10.887 17.426  1.00 1.35  ? 270 PHE A CE1  1 
ATOM   459  C  CE2  . PHE A 1 34  ? -7.382  -11.483 15.139  1.00 1.58  ? 270 PHE A CE2  1 
ATOM   460  C  CZ   . PHE A 1 34  ? -7.519  -11.852 16.464  1.00 1.08  ? 270 PHE A CZ   1 
ATOM   461  H  H    . PHE A 1 34  ? -7.369  -5.433  14.377  1.00 0.33  ? 270 PHE A H    1 
ATOM   462  H  HA   . PHE A 1 34  ? -6.353  -6.780  16.597  1.00 0.39  ? 270 PHE A HA   1 
ATOM   463  H  HB2  . PHE A 1 34  ? -8.572  -7.271  15.939  1.00 0.42  ? 270 PHE A HB2  1 
ATOM   464  H  HB3  . PHE A 1 34  ? -8.078  -7.686  14.301  1.00 0.44  ? 270 PHE A HB3  1 
ATOM   465  H  HD1  . PHE A 1 34  ? -8.019  -8.804  17.814  1.00 2.03  ? 270 PHE A HD1  1 
ATOM   466  H  HD2  . PHE A 1 34  ? -7.366  -9.864  13.745  1.00 2.17  ? 270 PHE A HD2  1 
ATOM   467  H  HE1  . PHE A 1 34  ? -7.855  -11.172 18.462  1.00 2.13  ? 270 PHE A HE1  1 
ATOM   468  H  HE2  . PHE A 1 34  ? -7.203  -12.235 14.385  1.00 2.44  ? 270 PHE A HE2  1 
ATOM   469  H  HZ   . PHE A 1 34  ? -7.448  -12.891 16.746  1.00 1.32  ? 270 PHE A HZ   1 
ATOM   470  N  N    . THR A 1 35  ? -5.104  -7.771  13.716  1.00 0.36  ? 271 THR A N    1 
ATOM   471  C  CA   . THR A 1 35  ? -4.013  -8.527  13.113  1.00 0.39  ? 271 THR A CA   1 
ATOM   472  C  C    . THR A 1 35  ? -2.679  -8.106  13.712  1.00 0.42  ? 271 THR A C    1 
ATOM   473  O  O    . THR A 1 35  ? -1.860  -8.944  14.090  1.00 0.45  ? 271 THR A O    1 
ATOM   474  C  CB   . THR A 1 35  ? -3.987  -8.311  11.597  1.00 0.38  ? 271 THR A CB   1 
ATOM   475  O  OG1  . THR A 1 35  ? -3.419  -7.054  11.277  1.00 0.39  ? 271 THR A OG1  1 
ATOM   476  C  CG2  . THR A 1 35  ? -5.356  -8.380  10.956  1.00 0.36  ? 271 THR A CG2  1 
ATOM   477  H  H    . THR A 1 35  ? -5.674  -7.220  13.140  1.00 0.35  ? 271 THR A H    1 
ATOM   478  H  HA   . THR A 1 35  ? -4.175  -9.576  13.310  1.00 0.40  ? 271 THR A HA   1 
ATOM   479  H  HB   . THR A 1 35  ? -3.375  -9.081  11.149  1.00 0.41  ? 271 THR A HB   1 
ATOM   480  H  HG1  . THR A 1 35  ? -4.096  -6.375  11.317  1.00 0.42  ? 271 THR A HG1  1 
ATOM   481  H  HG21 . THR A 1 35  ? -5.693  -7.382  10.713  1.00 0.94  ? 271 THR A HG21 1 
ATOM   482  H  HG22 . THR A 1 35  ? -6.053  -8.837  11.643  1.00 1.15  ? 271 THR A HG22 1 
ATOM   483  H  HG23 . THR A 1 35  ? -5.302  -8.970  10.054  1.00 1.09  ? 271 THR A HG23 1 
ATOM   484  N  N    . PHE A 1 36  ? -2.468  -6.795  13.790  1.00 0.42  ? 272 PHE A N    1 
ATOM   485  C  CA   . PHE A 1 36  ? -1.234  -6.238  14.336  1.00 0.46  ? 272 PHE A CA   1 
ATOM   486  C  C    . PHE A 1 36  ? -1.062  -6.536  15.828  1.00 0.47  ? 272 PHE A C    1 
ATOM   487  O  O    . PHE A 1 36  ? 0.016   -6.316  16.378  1.00 0.48  ? 272 PHE A O    1 
ATOM   488  C  CB   . PHE A 1 36  ? -1.212  -4.729  14.114  1.00 0.47  ? 272 PHE A CB   1 
ATOM   489  C  CG   . PHE A 1 36  ? -1.364  -4.341  12.672  1.00 0.59  ? 272 PHE A CG   1 
ATOM   490  C  CD1  . PHE A 1 36  ? -0.253  -4.233  11.853  1.00 1.48  ? 272 PHE A CD1  1 
ATOM   491  C  CD2  . PHE A 1 36  ? -2.615  -4.088  12.135  1.00 1.20  ? 272 PHE A CD2  1 
ATOM   492  C  CE1  . PHE A 1 36  ? -0.386  -3.880  10.524  1.00 1.63  ? 272 PHE A CE1  1 
ATOM   493  C  CE2  . PHE A 1 36  ? -2.756  -3.734  10.806  1.00 1.29  ? 272 PHE A CE2  1 
ATOM   494  C  CZ   . PHE A 1 36  ? -1.639  -3.629  9.999   1.00 1.01  ? 272 PHE A CZ   1 
ATOM   495  H  H    . PHE A 1 36  ? -3.156  -6.178  13.456  1.00 0.40  ? 272 PHE A H    1 
ATOM   496  H  HA   . PHE A 1 36  ? -0.405  -6.668  13.794  1.00 0.47  ? 272 PHE A HA   1 
ATOM   497  H  HB2  . PHE A 1 36  ? -2.020  -4.279  14.670  1.00 0.52  ? 272 PHE A HB2  1 
ATOM   498  H  HB3  . PHE A 1 36  ? -0.270  -4.334  14.469  1.00 0.47  ? 272 PHE A HB3  1 
ATOM   499  H  HD1  . PHE A 1 36  ? 0.725   -4.432  12.259  1.00 2.30  ? 272 PHE A HD1  1 
ATOM   500  H  HD2  . PHE A 1 36  ? -3.488  -4.169  12.766  1.00 2.02  ? 272 PHE A HD2  1 
ATOM   501  H  HE1  . PHE A 1 36  ? 0.488   -3.799  9.897   1.00 2.50  ? 272 PHE A HE1  1 
ATOM   502  H  HE2  . PHE A 1 36  ? -3.736  -3.540  10.399  1.00 2.08  ? 272 PHE A HE2  1 
ATOM   503  H  HZ   . PHE A 1 36  ? -1.746  -3.353  8.961   1.00 1.20  ? 272 PHE A HZ   1 
ATOM   504  N  N    . GLY A 1 37  ? -2.120  -7.030  16.479  1.00 0.46  ? 273 GLY A N    1 
ATOM   505  C  CA   . GLY A 1 37  ? -2.045  -7.343  17.898  1.00 0.49  ? 273 GLY A CA   1 
ATOM   506  C  C    . GLY A 1 37  ? -1.359  -6.259  18.710  1.00 0.68  ? 273 GLY A C    1 
ATOM   507  O  O    . GLY A 1 37  ? -0.647  -6.553  19.671  1.00 0.88  ? 273 GLY A O    1 
ATOM   508  H  H    . GLY A 1 37  ? -2.955  -7.185  15.995  1.00 0.45  ? 273 GLY A H    1 
ATOM   509  H  HA2  . GLY A 1 37  ? -3.049  -7.476  18.277  1.00 0.53  ? 273 GLY A HA2  1 
ATOM   510  H  HA3  . GLY A 1 37  ? -1.500  -8.268  18.021  1.00 0.56  ? 273 GLY A HA3  1 
ATOM   511  N  N    . THR A 1 38  ? -1.569  -5.004  18.324  1.00 0.78  ? 274 THR A N    1 
ATOM   512  C  CA   . THR A 1 38  ? -0.960  -3.874  19.022  1.00 1.08  ? 274 THR A CA   1 
ATOM   513  C  C    . THR A 1 38  ? 0.530   -4.111  19.249  1.00 0.68  ? 274 THR A C    1 
ATOM   514  O  O    . THR A 1 38  ? 0.975   -4.288  20.383  1.00 0.84  ? 274 THR A O    1 
ATOM   515  C  CB   . THR A 1 38  ? -1.659  -3.633  20.364  1.00 1.76  ? 274 THR A CB   1 
ATOM   516  O  OG1  . THR A 1 38  ? -2.107  -4.854  20.927  1.00 2.38  ? 274 THR A OG1  1 
ATOM   517  C  CG2  . THR A 1 38  ? -2.853  -2.710  20.260  1.00 2.49  ? 274 THR A CG2  1 
ATOM   518  H  H    . THR A 1 38  ? -2.144  -4.832  17.548  1.00 0.74  ? 274 THR A H    1 
ATOM   519  H  HA   . THR A 1 38  ? -1.082  -2.998  18.402  1.00 1.44  ? 274 THR A HA   1 
ATOM   520  H  HB   . THR A 1 38  ? -0.953  -3.184  21.048  1.00 2.12  ? 274 THR A HB   1 
ATOM   521  H  HG1  . THR A 1 38  ? -2.702  -4.670  21.658  1.00 2.77  ? 274 THR A HG1  1 
ATOM   522  H  HG21 . THR A 1 38  ? -2.886  -2.065  21.125  1.00 2.92  ? 274 THR A HG21 1 
ATOM   523  H  HG22 . THR A 1 38  ? -3.760  -3.297  20.214  1.00 3.00  ? 274 THR A HG22 1 
ATOM   524  H  HG23 . THR A 1 38  ? -2.768  -2.109  19.366  1.00 2.83  ? 274 THR A HG23 1 
ATOM   525  N  N    . TRP A 1 39  ? 1.297   -4.115  18.164  1.00 0.67  ? 275 TRP A N    1 
ATOM   526  C  CA   . TRP A 1 39  ? 2.738   -4.333  18.248  1.00 1.08  ? 275 TRP A CA   1 
ATOM   527  C  C    . TRP A 1 39  ? 3.506   -3.319  17.405  1.00 0.83  ? 275 TRP A C    1 
ATOM   528  O  O    . TRP A 1 39  ? 4.526   -2.781  17.837  1.00 0.91  ? 275 TRP A O    1 
ATOM   529  C  CB   . TRP A 1 39  ? 3.095   -5.745  17.779  1.00 1.66  ? 275 TRP A CB   1 
ATOM   530  C  CG   . TRP A 1 39  ? 2.367   -6.830  18.510  1.00 2.29  ? 275 TRP A CG   1 
ATOM   531  C  CD1  . TRP A 1 39  ? 2.153   -6.917  19.855  1.00 3.00  ? 275 TRP A CD1  1 
ATOM   532  C  CD2  . TRP A 1 39  ? 1.764   -7.992  17.930  1.00 2.76  ? 275 TRP A CD2  1 
ATOM   533  N  NE1  . TRP A 1 39  ? 1.453   -8.063  20.148  1.00 4.00  ? 275 TRP A NE1  1 
ATOM   534  C  CE2  . TRP A 1 39  ? 1.202   -8.740  18.981  1.00 3.85  ? 275 TRP A CE2  1 
ATOM   535  C  CE3  . TRP A 1 39  ? 1.644   -8.473  16.623  1.00 2.46  ? 275 TRP A CE3  1 
ATOM   536  C  CZ2  . TRP A 1 39  ? 0.531   -9.941  18.765  1.00 4.65  ? 275 TRP A CZ2  1 
ATOM   537  C  CZ3  . TRP A 1 39  ? 0.979   -9.663  16.408  1.00 3.15  ? 275 TRP A CZ3  1 
ATOM   538  C  CH2  . TRP A 1 39  ? 0.429   -10.386 17.475  1.00 4.26  ? 275 TRP A CH2  1 
ATOM   539  H  H    . TRP A 1 39  ? 0.884   -3.971  17.287  1.00 0.76  ? 275 TRP A H    1 
ATOM   540  H  HA   . TRP A 1 39  ? 3.032   -4.222  19.281  1.00 1.53  ? 275 TRP A HA   1 
ATOM   541  H  HB2  . TRP A 1 39  ? 2.857   -5.837  16.730  1.00 2.16  ? 275 TRP A HB2  1 
ATOM   542  H  HB3  . TRP A 1 39  ? 4.155   -5.903  17.917  1.00 2.08  ? 275 TRP A HB3  1 
ATOM   543  H  HD1  . TRP A 1 39  ? 2.491   -6.184  20.573  1.00 2.87  ? 275 TRP A HD1  1 
ATOM   544  H  HE1  . TRP A 1 39  ? 1.177   -8.349  21.043  1.00 4.75  ? 275 TRP A HE1  1 
ATOM   545  H  HE3  . TRP A 1 39  ? 2.059   -7.925  15.787  1.00 1.90  ? 275 TRP A HE3  1 
ATOM   546  H  HZ2  . TRP A 1 39  ? 0.102   -10.510 19.576  1.00 5.58  ? 275 TRP A HZ2  1 
ATOM   547  H  HZ3  . TRP A 1 39  ? 0.877   -10.048 15.405  1.00 2.93  ? 275 TRP A HZ3  1 
ATOM   548  H  HH2  . TRP A 1 39  ? -0.083  -11.314 17.261  1.00 4.86  ? 275 TRP A HH2  1 
ATOM   549  N  N    . ILE A 1 40  ? 3.022   -3.082  16.190  1.00 0.66  ? 276 ILE A N    1 
ATOM   550  C  CA   . ILE A 1 40  ? 3.670   -2.157  15.272  1.00 0.58  ? 276 ILE A CA   1 
ATOM   551  C  C    . ILE A 1 40  ? 3.699   -0.730  15.822  1.00 0.76  ? 276 ILE A C    1 
ATOM   552  O  O    . ILE A 1 40  ? 3.351   -0.493  16.980  1.00 1.50  ? 276 ILE A O    1 
ATOM   553  C  CB   . ILE A 1 40  ? 2.979   -2.193  13.891  1.00 0.57  ? 276 ILE A CB   1 
ATOM   554  C  CG1  . ILE A 1 40  ? 1.601   -1.526  13.937  1.00 0.65  ? 276 ILE A CG1  1 
ATOM   555  C  CG2  . ILE A 1 40  ? 2.839   -3.635  13.431  1.00 0.61  ? 276 ILE A CG2  1 
ATOM   556  C  CD1  . ILE A 1 40  ? 1.055   -1.179  12.569  1.00 0.77  ? 276 ILE A CD1  1 
ATOM   557  H  H    . ILE A 1 40  ? 2.216   -3.552  15.896  1.00 0.71  ? 276 ILE A H    1 
ATOM   558  H  HA   . ILE A 1 40  ? 4.689   -2.492  15.140  1.00 0.65  ? 276 ILE A HA   1 
ATOM   559  H  HB   . ILE A 1 40  ? 3.607   -1.676  13.179  1.00 0.65  ? 276 ILE A HB   1 
ATOM   560  H  HG12 . ILE A 1 40  ? 0.900   -2.199  14.409  1.00 0.84  ? 276 ILE A HG12 1 
ATOM   561  H  HG13 . ILE A 1 40  ? 1.658   -0.617  14.510  1.00 0.91  ? 276 ILE A HG13 1 
ATOM   562  H  HG21 . ILE A 1 40  ? 3.650   -4.222  13.833  1.00 1.10  ? 276 ILE A HG21 1 
ATOM   563  H  HG22 . ILE A 1 40  ? 2.863   -3.675  12.352  1.00 1.17  ? 276 ILE A HG22 1 
ATOM   564  H  HG23 . ILE A 1 40  ? 1.899   -4.033  13.785  1.00 1.25  ? 276 ILE A HG23 1 
ATOM   565  H  HD11 . ILE A 1 40  ? 1.419   -1.892  11.844  1.00 1.30  ? 276 ILE A HD11 1 
ATOM   566  H  HD12 . ILE A 1 40  ? 1.381   -0.188  12.293  1.00 1.26  ? 276 ILE A HD12 1 
ATOM   567  H  HD13 . ILE A 1 40  ? -0.024  -1.209  12.593  1.00 1.38  ? 276 ILE A HD13 1 
ATOM   568  N  N    . TYR A 1 41  ? 4.130   0.213   14.988  1.00 0.95  ? 277 TYR A N    1 
ATOM   569  C  CA   . TYR A 1 41  ? 4.225   1.616   15.386  1.00 1.04  ? 277 TYR A CA   1 
ATOM   570  C  C    . TYR A 1 41  ? 2.883   2.161   15.869  1.00 0.96  ? 277 TYR A C    1 
ATOM   571  O  O    . TYR A 1 41  ? 1.894   1.432   15.945  1.00 1.33  ? 277 TYR A O    1 
ATOM   572  C  CB   . TYR A 1 41  ? 4.736   2.465   14.220  1.00 1.72  ? 277 TYR A CB   1 
ATOM   573  C  CG   . TYR A 1 41  ? 5.927   1.863   13.511  1.00 2.06  ? 277 TYR A CG   1 
ATOM   574  C  CD1  . TYR A 1 41  ? 6.770   0.973   14.163  1.00 2.49  ? 277 TYR A CD1  1 
ATOM   575  C  CD2  . TYR A 1 41  ? 6.208   2.185   12.190  1.00 2.72  ? 277 TYR A CD2  1 
ATOM   576  C  CE1  . TYR A 1 41  ? 7.859   0.419   13.519  1.00 3.04  ? 277 TYR A CE1  1 
ATOM   577  C  CE2  . TYR A 1 41  ? 7.296   1.636   11.538  1.00 3.31  ? 277 TYR A CE2  1 
ATOM   578  C  CZ   . TYR A 1 41  ? 8.117   0.753   12.207  1.00 3.29  ? 277 TYR A CZ   1 
ATOM   579  O  OH   . TYR A 1 41  ? 9.200   0.203   11.561  1.00 4.02  ? 277 TYR A OH   1 
ATOM   580  H  H    . TYR A 1 41  ? 4.403   -0.043  14.082  1.00 1.50  ? 277 TYR A H    1 
ATOM   581  H  HA   . TYR A 1 41  ? 4.935   1.680   16.198  1.00 1.31  ? 277 TYR A HA   1 
ATOM   582  H  HB2  . TYR A 1 41  ? 3.943   2.582   13.495  1.00 2.06  ? 277 TYR A HB2  1 
ATOM   583  H  HB3  . TYR A 1 41  ? 5.025   3.437   14.590  1.00 2.23  ? 277 TYR A HB3  1 
ATOM   584  H  HD1  . TYR A 1 41  ? 6.564   0.713   15.191  1.00 2.83  ? 277 TYR A HD1  1 
ATOM   585  H  HD2  . TYR A 1 41  ? 5.563   2.878   11.668  1.00 3.13  ? 277 TYR A HD2  1 
ATOM   586  H  HE1  . TYR A 1 41  ? 8.502   -0.272  14.043  1.00 3.62  ? 277 TYR A HE1  1 
ATOM   587  H  HE2  . TYR A 1 41  ? 7.498   1.898   10.510  1.00 4.06  ? 277 TYR A HE2  1 
ATOM   588  H  HH   . TYR A 1 41  ? 8.943   -0.629  11.157  1.00 4.08  ? 277 TYR A HH   1 
ATOM   589  N  N    . SER A 1 42  ? 2.863   3.453   16.193  1.00 1.04  ? 278 SER A N    1 
ATOM   590  C  CA   . SER A 1 42  ? 1.651   4.113   16.670  1.00 1.52  ? 278 SER A CA   1 
ATOM   591  C  C    . SER A 1 42  ? 0.901   4.775   15.517  1.00 1.39  ? 278 SER A C    1 
ATOM   592  O  O    . SER A 1 42  ? 1.432   4.912   14.415  1.00 2.13  ? 278 SER A O    1 
ATOM   593  C  CB   . SER A 1 42  ? 1.999   5.155   17.732  1.00 2.38  ? 278 SER A CB   1 
ATOM   594  O  OG   . SER A 1 42  ? 1.653   4.700   19.029  1.00 3.08  ? 278 SER A OG   1 
ATOM   595  H  H    . SER A 1 42  ? 3.688   3.977   16.108  1.00 1.07  ? 278 SER A H    1 
ATOM   596  H  HA   . SER A 1 42  ? 1.017   3.359   17.111  1.00 1.94  ? 278 SER A HA   1 
ATOM   597  H  HB2  . SER A 1 42  ? 3.061   5.353   17.707  1.00 2.69  ? 278 SER A HB2  1 
ATOM   598  H  HB3  . SER A 1 42  ? 1.459   6.069   17.529  1.00 2.82  ? 278 SER A HB3  1 
ATOM   599  H  HG   . SER A 1 42  ? 1.558   5.451   19.618  1.00 3.46  ? 278 SER A HG   1 
ATOM   600  N  N    . VAL A 1 43  ? -0.341  5.176   15.778  1.00 1.20  ? 279 VAL A N    1 
ATOM   601  C  CA   . VAL A 1 43  ? -1.171  5.815   14.760  1.00 1.23  ? 279 VAL A CA   1 
ATOM   602  C  C    . VAL A 1 43  ? -1.506  4.851   13.618  1.00 0.61  ? 279 VAL A C    1 
ATOM   603  O  O    . VAL A 1 43  ? -1.988  5.271   12.562  1.00 0.49  ? 279 VAL A O    1 
ATOM   604  C  CB   . VAL A 1 43  ? -0.475  7.057   14.174  1.00 1.89  ? 279 VAL A CB   1 
ATOM   605  C  CG1  . VAL A 1 43  ? -1.454  7.885   13.357  1.00 2.55  ? 279 VAL A CG1  1 
ATOM   606  C  CG2  . VAL A 1 43  ? 0.148   7.895   15.282  1.00 2.62  ? 279 VAL A CG2  1 
ATOM   607  H  H    . VAL A 1 43  ? -0.711  5.032   16.675  1.00 1.66  ? 279 VAL A H    1 
ATOM   608  H  HA   . VAL A 1 43  ? -2.091  6.133   15.231  1.00 1.75  ? 279 VAL A HA   1 
ATOM   609  H  HB   . VAL A 1 43  ? 0.316   6.725   13.517  1.00 2.25  ? 279 VAL A HB   1 
ATOM   610  H  HG11 . VAL A 1 43  ? -2.443  7.797   13.781  1.00 2.88  ? 279 VAL A HG11 1 
ATOM   611  H  HG12 . VAL A 1 43  ? -1.465  7.527   12.337  1.00 3.03  ? 279 VAL A HG12 1 
ATOM   612  H  HG13 . VAL A 1 43  ? -1.148  8.921   13.370  1.00 2.94  ? 279 VAL A HG13 1 
ATOM   613  H  HG21 . VAL A 1 43  ? 0.063   8.941   15.032  1.00 2.87  ? 279 VAL A HG21 1 
ATOM   614  H  HG22 . VAL A 1 43  ? 1.190   7.633   15.388  1.00 3.09  ? 279 VAL A HG22 1 
ATOM   615  H  HG23 . VAL A 1 43  ? -0.369  7.703   16.210  1.00 3.13  ? 279 VAL A HG23 1 
ATOM   616  N  N    . ASN A 1 44  ? -1.253  3.559   13.829  1.00 0.70  ? 280 ASN A N    1 
ATOM   617  C  CA   . ASN A 1 44  ? -1.524  2.551   12.816  1.00 1.22  ? 280 ASN A CA   1 
ATOM   618  C  C    . ASN A 1 44  ? -3.019  2.267   12.708  1.00 0.90  ? 280 ASN A C    1 
ATOM   619  O  O    . ASN A 1 44  ? -3.511  1.882   11.648  1.00 0.90  ? 280 ASN A O    1 
ATOM   620  C  CB   . ASN A 1 44  ? -0.764  1.265   13.149  1.00 2.08  ? 280 ASN A CB   1 
ATOM   621  C  CG   . ASN A 1 44  ? -1.623  0.256   13.886  1.00 3.00  ? 280 ASN A CG   1 
ATOM   622  O  OD1  . ASN A 1 44  ? -2.515  -0.364  13.305  1.00 3.59  ? 280 ASN A OD1  1 
ATOM   623  N  ND2  . ASN A 1 44  ? -1.356  0.083   15.176  1.00 3.66  ? 280 ASN A ND2  1 
ATOM   624  H  H    . ASN A 1 44  ? -0.876  3.274   14.683  1.00 0.78  ? 280 ASN A H    1 
ATOM   625  H  HA   . ASN A 1 44  ? -1.173  2.930   11.869  1.00 1.66  ? 280 ASN A HA   1 
ATOM   626  H  HB2  . ASN A 1 44  ? -0.413  0.814   12.236  1.00 2.38  ? 280 ASN A HB2  1 
ATOM   627  H  HB3  . ASN A 1 44  ? 0.084   1.510   13.771  1.00 2.44  ? 280 ASN A HB3  1 
ATOM   628  H  HD21 . ASN A 1 44  ? -0.632  0.610   15.574  1.00 3.65  ? 280 ASN A HD21 1 
ATOM   629  H  HD22 . ASN A 1 44  ? -1.897  -0.564  15.679  1.00 4.38  ? 280 ASN A HD22 1 
ATOM   630  N  N    . LYS A 1 45  ? -3.735  2.458   13.810  1.00 0.81  ? 281 LYS A N    1 
ATOM   631  C  CA   . LYS A 1 45  ? -5.171  2.219   13.835  1.00 0.75  ? 281 LYS A CA   1 
ATOM   632  C  C    . LYS A 1 45  ? -5.861  2.888   12.649  1.00 0.64  ? 281 LYS A C    1 
ATOM   633  O  O    . LYS A 1 45  ? -6.267  2.221   11.700  1.00 0.67  ? 281 LYS A O    1 
ATOM   634  C  CB   . LYS A 1 45  ? -5.772  2.733   15.145  1.00 1.00  ? 281 LYS A CB   1 
ATOM   635  C  CG   . LYS A 1 45  ? -5.325  1.948   16.367  1.00 1.43  ? 281 LYS A CG   1 
ATOM   636  C  CD   . LYS A 1 45  ? -4.963  2.870   17.520  1.00 1.75  ? 281 LYS A CD   1 
ATOM   637  C  CE   . LYS A 1 45  ? -6.202  3.366   18.247  1.00 2.18  ? 281 LYS A CE   1 
ATOM   638  N  NZ   . LYS A 1 45  ? -6.006  3.395   19.722  1.00 2.61  ? 281 LYS A NZ   1 
ATOM   639  H  H    . LYS A 1 45  ? -3.289  2.764   14.626  1.00 0.95  ? 281 LYS A H    1 
ATOM   640  H  HA   . LYS A 1 45  ? -5.328  1.154   13.773  1.00 0.83  ? 281 LYS A HA   1 
ATOM   641  H  HB2  . LYS A 1 45  ? -5.483  3.765   15.281  1.00 1.63  ? 281 LYS A HB2  1 
ATOM   642  H  HB3  . LYS A 1 45  ? -6.849  2.676   15.081  1.00 1.37  ? 281 LYS A HB3  1 
ATOM   643  H  HG2  . LYS A 1 45  ? -6.128  1.297   16.679  1.00 1.79  ? 281 LYS A HG2  1 
ATOM   644  H  HG3  . LYS A 1 45  ? -4.460  1.356   16.106  1.00 2.12  ? 281 LYS A HG3  1 
ATOM   645  H  HD2  . LYS A 1 45  ? -4.340  2.331   18.218  1.00 2.29  ? 281 LYS A HD2  1 
ATOM   646  H  HD3  . LYS A 1 45  ? -4.420  3.719   17.132  1.00 2.16  ? 281 LYS A HD3  1 
ATOM   647  H  HE2  . LYS A 1 45  ? -6.431  4.364   17.903  1.00 2.64  ? 281 LYS A HE2  1 
ATOM   648  H  HE3  . LYS A 1 45  ? -7.027  2.708   18.015  1.00 2.58  ? 281 LYS A HE3  1 
ATOM   649  H  HZ1  . LYS A 1 45  ? -6.668  2.741   20.185  1.00 2.69  ? 281 LYS A HZ1  1 
ATOM   650  H  HZ2  . LYS A 1 45  ? -6.173  4.355   20.086  1.00 2.88  ? 281 LYS A HZ2  1 
ATOM   651  H  HZ3  . LYS A 1 45  ? -5.033  3.113   19.959  1.00 3.18  ? 281 LYS A HZ3  1 
ATOM   652  N  N    . GLU A 1 46  ? -5.998  4.207   12.716  1.00 0.57  ? 282 GLU A N    1 
ATOM   653  C  CA   . GLU A 1 46  ? -6.651  4.964   11.652  1.00 0.55  ? 282 GLU A CA   1 
ATOM   654  C  C    . GLU A 1 46  ? -5.829  4.960   10.364  1.00 0.47  ? 282 GLU A C    1 
ATOM   655  O  O    . GLU A 1 46  ? -6.385  4.898   9.267   1.00 0.52  ? 282 GLU A O    1 
ATOM   656  C  CB   . GLU A 1 46  ? -6.900  6.404   12.105  1.00 0.62  ? 282 GLU A CB   1 
ATOM   657  C  CG   . GLU A 1 46  ? -5.661  7.284   12.048  1.00 0.58  ? 282 GLU A CG   1 
ATOM   658  C  CD   . GLU A 1 46  ? -5.939  8.708   12.490  1.00 1.02  ? 282 GLU A CD   1 
ATOM   659  O  OE1  . GLU A 1 46  ? -7.037  8.958   13.030  1.00 1.60  ? 282 GLU A OE1  1 
ATOM   660  O  OE2  . GLU A 1 46  ? -5.059  9.572   12.295  1.00 1.72  ? 282 GLU A OE2  1 
ATOM   661  H  H    . GLU A 1 46  ? -5.660  4.684   13.502  1.00 0.59  ? 282 GLU A H    1 
ATOM   662  H  HA   . GLU A 1 46  ? -7.604  4.495   11.454  1.00 0.63  ? 282 GLU A HA   1 
ATOM   663  H  HB2  . GLU A 1 46  ? -7.656  6.843   11.473  1.00 0.74  ? 282 GLU A HB2  1 
ATOM   664  H  HB3  . GLU A 1 46  ? -7.258  6.391   13.124  1.00 0.74  ? 282 GLU A HB3  1 
ATOM   665  H  HG2  . GLU A 1 46  ? -4.906  6.864   12.695  1.00 0.92  ? 282 GLU A HG2  1 
ATOM   666  H  HG3  . GLU A 1 46  ? -5.294  7.303   11.033  1.00 0.81  ? 282 GLU A HG3  1 
ATOM   667  N  N    . GLN A 1 47  ? -4.510  5.041   10.499  1.00 0.42  ? 283 GLN A N    1 
ATOM   668  C  CA   . GLN A 1 47  ? -3.628  5.061   9.334   1.00 0.43  ? 283 GLN A CA   1 
ATOM   669  C  C    . GLN A 1 47  ? -3.958  3.935   8.359   1.00 0.46  ? 283 GLN A C    1 
ATOM   670  O  O    . GLN A 1 47  ? -4.425  4.177   7.246   1.00 0.53  ? 283 GLN A O    1 
ATOM   671  C  CB   . GLN A 1 47  ? -2.166  4.948   9.776   1.00 0.49  ? 283 GLN A CB   1 
ATOM   672  C  CG   . GLN A 1 47  ? -1.185  4.734   8.628   1.00 0.76  ? 283 GLN A CG   1 
ATOM   673  C  CD   . GLN A 1 47  ? -1.028  5.965   7.758   1.00 1.43  ? 283 GLN A CD   1 
ATOM   674  O  OE1  . GLN A 1 47  ? -1.202  5.905   6.540   1.00 1.95  ? 283 GLN A OE1  1 
ATOM   675  N  NE2  . GLN A 1 47  ? -0.694  7.092   8.378   1.00 2.20  ? 283 GLN A NE2  1 
ATOM   676  H  H    . GLN A 1 47  ? -4.118  5.098   11.398  1.00 0.45  ? 283 GLN A H    1 
ATOM   677  H  HA   . GLN A 1 47  ? -3.767  6.005   8.833   1.00 0.45  ? 283 GLN A HA   1 
ATOM   678  H  HB2  . GLN A 1 47  ? -1.888  5.855   10.292  1.00 0.65  ? 283 GLN A HB2  1 
ATOM   679  H  HB3  . GLN A 1 47  ? -2.072  4.115   10.459  1.00 0.51  ? 283 GLN A HB3  1 
ATOM   680  H  HG2  . GLN A 1 47  ? -0.223  4.478   9.040   1.00 0.90  ? 283 GLN A HG2  1 
ATOM   681  H  HG3  . GLN A 1 47  ? -1.534  3.919   8.014   1.00 0.89  ? 283 GLN A HG3  1 
ATOM   682  H  HE21 . GLN A 1 47  ? -0.571  7.065   9.350   1.00 2.58  ? 283 GLN A HE21 1 
ATOM   683  H  HE22 . GLN A 1 47  ? -0.587  7.903   7.839   1.00 2.65  ? 283 GLN A HE22 1 
ATOM   684  N  N    . LEU A 1 48  ? -3.679  2.707   8.776   1.00 0.51  ? 284 LEU A N    1 
ATOM   685  C  CA   . LEU A 1 48  ? -3.908  1.535   7.937   1.00 0.61  ? 284 LEU A CA   1 
ATOM   686  C  C    . LEU A 1 48  ? -5.395  1.262   7.726   1.00 0.59  ? 284 LEU A C    1 
ATOM   687  O  O    . LEU A 1 48  ? -5.844  1.073   6.595   1.00 0.74  ? 284 LEU A O    1 
ATOM   688  C  CB   . LEU A 1 48  ? -3.241  0.306   8.553   1.00 0.77  ? 284 LEU A CB   1 
ATOM   689  C  CG   . LEU A 1 48  ? -1.829  0.524   9.103   1.00 1.04  ? 284 LEU A CG   1 
ATOM   690  C  CD1  . LEU A 1 48  ? -1.633  -0.289  10.370  1.00 1.83  ? 284 LEU A CD1  1 
ATOM   691  C  CD2  . LEU A 1 48  ? -0.785  0.155   8.062   1.00 1.70  ? 284 LEU A CD2  1 
ATOM   692  H  H    . LEU A 1 48  ? -3.288  2.589   9.666   1.00 0.54  ? 284 LEU A H    1 
ATOM   693  H  HA   . LEU A 1 48  ? -3.454  1.728   6.977   1.00 0.65  ? 284 LEU A HA   1 
ATOM   694  H  HB2  . LEU A 1 48  ? -3.866  -0.050  9.359   1.00 0.78  ? 284 LEU A HB2  1 
ATOM   695  H  HB3  . LEU A 1 48  ? -3.190  -0.459  7.798   1.00 0.99  ? 284 LEU A HB3  1 
ATOM   696  H  HG   . LEU A 1 48  ? -1.698  1.565   9.353   1.00 1.60  ? 284 LEU A HG   1 
ATOM   697  H  HD11 . LEU A 1 48  ? -0.581  -0.492  10.510  1.00 2.36  ? 284 LEU A HD11 1 
ATOM   698  H  HD12 . LEU A 1 48  ? -2.171  -1.220  10.284  1.00 2.41  ? 284 LEU A HD12 1 
ATOM   699  H  HD13 . LEU A 1 48  ? -2.009  0.266   11.215  1.00 2.24  ? 284 LEU A HD13 1 
ATOM   700  H  HD21 . LEU A 1 48  ? 0.166   0.589   8.336   1.00 2.09  ? 284 LEU A HD21 1 
ATOM   701  H  HD22 . LEU A 1 48  ? -1.088  0.534   7.098   1.00 2.35  ? 284 LEU A HD22 1 
ATOM   702  H  HD23 . LEU A 1 48  ? -0.688  -0.920  8.014   1.00 2.12  ? 284 LEU A HD23 1 
ATOM   703  N  N    . ALA A 1 49  ? -6.153  1.233   8.816   1.00 0.53  ? 285 ALA A N    1 
ATOM   704  C  CA   . ALA A 1 49  ? -7.587  0.971   8.741   1.00 0.58  ? 285 ALA A CA   1 
ATOM   705  C  C    . ALA A 1 49  ? -8.261  1.841   7.683   1.00 0.54  ? 285 ALA A C    1 
ATOM   706  O  O    . ALA A 1 49  ? -9.282  1.458   7.111   1.00 0.56  ? 285 ALA A O    1 
ATOM   707  C  CB   . ALA A 1 49  ? -8.239  1.195   10.095  1.00 0.66  ? 285 ALA A CB   1 
ATOM   708  H  H    . ALA A 1 49  ? -5.739  1.385   9.689   1.00 0.56  ? 285 ALA A H    1 
ATOM   709  H  HA   . ALA A 1 49  ? -7.721  -0.067  8.475   1.00 0.64  ? 285 ALA A HA   1 
ATOM   710  H  HB1  . ALA A 1 49  ? -9.240  0.789   10.084  1.00 1.25  ? 285 ALA A HB1  1 
ATOM   711  H  HB2  . ALA A 1 49  ? -8.281  2.254   10.304  1.00 1.23  ? 285 ALA A HB2  1 
ATOM   712  H  HB3  . ALA A 1 49  ? -7.660  0.700   10.860  1.00 1.20  ? 285 ALA A HB3  1 
ATOM   713  N  N    . ARG A 1 50  ? -7.684  3.009   7.427   1.00 0.51  ? 286 ARG A N    1 
ATOM   714  C  CA   . ARG A 1 50  ? -8.235  3.923   6.435   1.00 0.53  ? 286 ARG A CA   1 
ATOM   715  C  C    . ARG A 1 50  ? -7.610  3.691   5.065   1.00 0.51  ? 286 ARG A C    1 
ATOM   716  O  O    . ARG A 1 50  ? -8.249  3.923   4.039   1.00 0.56  ? 286 ARG A O    1 
ATOM   717  C  CB   . ARG A 1 50  ? -8.014  5.377   6.861   1.00 0.52  ? 286 ARG A CB   1 
ATOM   718  C  CG   . ARG A 1 50  ? -8.762  5.756   8.129   1.00 0.62  ? 286 ARG A CG   1 
ATOM   719  C  CD   . ARG A 1 50  ? -10.060 6.483   7.815   1.00 0.88  ? 286 ARG A CD   1 
ATOM   720  N  NE   . ARG A 1 50  ? -10.062 7.850   8.334   1.00 1.19  ? 286 ARG A NE   1 
ATOM   721  C  CZ   . ARG A 1 50  ? -11.132 8.642   8.341   1.00 1.52  ? 286 ARG A CZ   1 
ATOM   722  N  NH1  . ARG A 1 50  ? -12.294 8.212   7.861   1.00 2.06  ? 286 ARG A NH1  1 
ATOM   723  N  NH2  . ARG A 1 50  ? -11.042 9.869   8.834   1.00 2.10  ? 286 ARG A NH2  1 
ATOM   724  H  H    . ARG A 1 50  ? -6.867  3.256   7.909   1.00 0.49  ? 286 ARG A H    1 
ATOM   725  H  HA   . ARG A 1 50  ? -9.296  3.737   6.367   1.00 0.62  ? 286 ARG A HA   1 
ATOM   726  H  HB2  . ARG A 1 50  ? -6.960  5.536   7.028   1.00 0.52  ? 286 ARG A HB2  1 
ATOM   727  H  HB3  . ARG A 1 50  ? -8.343  6.028   6.065   1.00 0.51  ? 286 ARG A HB3  1 
ATOM   728  H  HG2  . ARG A 1 50  ? -8.991  4.858   8.681   1.00 0.83  ? 286 ARG A HG2  1 
ATOM   729  H  HG3  . ARG A 1 50  ? -8.134  6.400   8.727   1.00 0.88  ? 286 ARG A HG3  1 
ATOM   730  H  HD2  . ARG A 1 50  ? -10.190 6.516   6.743   1.00 1.36  ? 286 ARG A HD2  1 
ATOM   731  H  HD3  . ARG A 1 50  ? -10.880 5.939   8.260   1.00 1.38  ? 286 ARG A HD3  1 
ATOM   732  H  HE   . ARG A 1 50  ? -9.219  8.195   8.695   1.00 1.78  ? 286 ARG A HE   1 
ATOM   733  H  HH11 . ARG A 1 50  ? -12.373 7.289   7.488   1.00 2.17  ? 286 ARG A HH11 1 
ATOM   734  H  HH12 . ARG A 1 50  ? -13.091 8.815   7.873   1.00 2.69  ? 286 ARG A HH12 1 
ATOM   735  H  HH21 . ARG A 1 50  ? -10.170 10.199  9.199   1.00 2.45  ? 286 ARG A HH21 1 
ATOM   736  H  HH22 . ARG A 1 50  ? -11.844 10.466  8.842   1.00 2.49  ? 286 ARG A HH22 1 
ATOM   737  N  N    . ALA A 1 51  ? -6.351  3.260   5.045   1.00 0.50  ? 287 ALA A N    1 
ATOM   738  C  CA   . ALA A 1 51  ? -5.658  3.038   3.782   1.00 0.60  ? 287 ALA A CA   1 
ATOM   739  C  C    . ALA A 1 51  ? -5.755  1.591   3.295   1.00 0.81  ? 287 ALA A C    1 
ATOM   740  O  O    . ALA A 1 51  ? -5.250  1.270   2.219   1.00 1.89  ? 287 ALA A O    1 
ATOM   741  C  CB   . ALA A 1 51  ? -4.203  3.468   3.896   1.00 0.59  ? 287 ALA A CB   1 
ATOM   742  H  H    . ALA A 1 51  ? -5.871  3.117   5.890   1.00 0.48  ? 287 ALA A H    1 
ATOM   743  H  HA   . ALA A 1 51  ? -6.137  3.670   3.049   1.00 0.63  ? 287 ALA A HA   1 
ATOM   744  H  HB1  . ALA A 1 51  ? -3.907  3.981   2.993   1.00 1.09  ? 287 ALA A HB1  1 
ATOM   745  H  HB2  . ALA A 1 51  ? -3.581  2.595   4.034   1.00 1.18  ? 287 ALA A HB2  1 
ATOM   746  H  HB3  . ALA A 1 51  ? -4.088  4.131   4.741   1.00 1.25  ? 287 ALA A HB3  1 
ATOM   747  N  N    . GLY A 1 52  ? -6.414  0.716   4.056   1.00 0.53  ? 288 GLY A N    1 
ATOM   748  C  CA   . GLY A 1 52  ? -6.557  -0.667  3.628   1.00 0.44  ? 288 GLY A CA   1 
ATOM   749  C  C    . GLY A 1 52  ? -5.312  -1.504  3.852   1.00 0.37  ? 288 GLY A C    1 
ATOM   750  O  O    . GLY A 1 52  ? -4.982  -2.346  3.022   1.00 0.50  ? 288 GLY A O    1 
ATOM   751  H  H    . GLY A 1 52  ? -6.827  0.989   4.900   1.00 1.31  ? 288 GLY A H    1 
ATOM   752  H  HA2  . GLY A 1 52  ? -7.373  -1.111  4.170   1.00 0.48  ? 288 GLY A HA2  1 
ATOM   753  H  HA3  . GLY A 1 52  ? -6.796  -0.680  2.575   1.00 0.52  ? 288 GLY A HA3  1 
ATOM   754  N  N    . PHE A 1 53  ? -4.623  -1.275  4.966   1.00 0.46  ? 289 PHE A N    1 
ATOM   755  C  CA   . PHE A 1 53  ? -3.401  -2.020  5.281   1.00 0.38  ? 289 PHE A CA   1 
ATOM   756  C  C    . PHE A 1 53  ? -3.583  -2.910  6.512   1.00 0.36  ? 289 PHE A C    1 
ATOM   757  O  O    . PHE A 1 53  ? -4.086  -2.459  7.541   1.00 0.41  ? 289 PHE A O    1 
ATOM   758  C  CB   . PHE A 1 53  ? -2.254  -1.040  5.555   1.00 0.39  ? 289 PHE A CB   1 
ATOM   759  C  CG   . PHE A 1 53  ? -1.356  -0.774  4.380   1.00 0.62  ? 289 PHE A CG   1 
ATOM   760  C  CD1  . PHE A 1 53  ? -1.767  -1.043  3.086   1.00 1.41  ? 289 PHE A CD1  1 
ATOM   761  C  CD2  . PHE A 1 53  ? -0.087  -0.253  4.581   1.00 1.45  ? 289 PHE A CD2  1 
ATOM   762  C  CE1  . PHE A 1 53  ? -0.928  -0.796  2.018   1.00 1.72  ? 289 PHE A CE1  1 
ATOM   763  C  CE2  . PHE A 1 53  ? 0.753   -0.004  3.516   1.00 1.78  ? 289 PHE A CE2  1 
ATOM   764  C  CZ   . PHE A 1 53  ? 0.332   -0.277  2.232   1.00 1.56  ? 289 PHE A CZ   1 
ATOM   765  H  H    . PHE A 1 53  ? -4.937  -0.588  5.589   1.00 0.68  ? 289 PHE A H    1 
ATOM   766  H  HA   . PHE A 1 53  ? -3.152  -2.638  4.431   1.00 0.37  ? 289 PHE A HA   1 
ATOM   767  H  HB2  . PHE A 1 53  ? -2.666  -0.093  5.871   1.00 0.66  ? 289 PHE A HB2  1 
ATOM   768  H  HB3  . PHE A 1 53  ? -1.644  -1.440  6.350   1.00 0.52  ? 289 PHE A HB3  1 
ATOM   769  H  HD1  . PHE A 1 53  ? -2.753  -1.445  2.913   1.00 2.15  ? 289 PHE A HD1  1 
ATOM   770  H  HD2  . PHE A 1 53  ? 0.242   -0.039  5.588   1.00 2.18  ? 289 PHE A HD2  1 
ATOM   771  H  HE1  . PHE A 1 53  ? -1.255  -1.009  1.018   1.00 2.52  ? 289 PHE A HE1  1 
ATOM   772  H  HE2  . PHE A 1 53  ? 1.740   0.403   3.687   1.00 2.59  ? 289 PHE A HE2  1 
ATOM   773  H  HZ   . PHE A 1 53  ? 0.986   -0.086  1.394   1.00 1.94  ? 289 PHE A HZ   1 
ATOM   774  N  N    . TYR A 1 54  ? -3.166  -4.174  6.416   1.00 0.33  ? 290 TYR A N    1 
ATOM   775  C  CA   . TYR A 1 54  ? -3.283  -5.097  7.542   1.00 0.32  ? 290 TYR A CA   1 
ATOM   776  C  C    . TYR A 1 54  ? -1.966  -5.847  7.769   1.00 0.30  ? 290 TYR A C    1 
ATOM   777  O  O    . TYR A 1 54  ? -1.126  -5.934  6.872   1.00 0.29  ? 290 TYR A O    1 
ATOM   778  C  CB   . TYR A 1 54  ? -4.443  -6.071  7.315   1.00 0.34  ? 290 TYR A CB   1 
ATOM   779  C  CG   . TYR A 1 54  ? -4.064  -7.346  6.600   1.00 0.37  ? 290 TYR A CG   1 
ATOM   780  C  CD1  . TYR A 1 54  ? -3.435  -7.313  5.363   1.00 1.14  ? 290 TYR A CD1  1 
ATOM   781  C  CD2  . TYR A 1 54  ? -4.354  -8.586  7.155   1.00 1.33  ? 290 TYR A CD2  1 
ATOM   782  C  CE1  . TYR A 1 54  ? -3.106  -8.479  4.699   1.00 1.15  ? 290 TYR A CE1  1 
ATOM   783  C  CE2  . TYR A 1 54  ? -4.028  -9.757  6.498   1.00 1.40  ? 290 TYR A CE2  1 
ATOM   784  C  CZ   . TYR A 1 54  ? -3.405  -9.697  5.270   1.00 0.59  ? 290 TYR A CZ   1 
ATOM   785  O  OH   . TYR A 1 54  ? -3.078  -10.862 4.611   1.00 0.73  ? 290 TYR A OH   1 
ATOM   786  H  H    . TYR A 1 54  ? -2.777  -4.503  5.579   1.00 0.33  ? 290 TYR A H    1 
ATOM   787  H  HA   . TYR A 1 54  ? -3.489  -4.502  8.419   1.00 0.34  ? 290 TYR A HA   1 
ATOM   788  H  HB2  . TYR A 1 54  ? -4.865  -6.345  8.268   1.00 0.36  ? 290 TYR A HB2  1 
ATOM   789  H  HB3  . TYR A 1 54  ? -5.201  -5.578  6.725   1.00 0.38  ? 290 TYR A HB3  1 
ATOM   790  H  HD1  . TYR A 1 54  ? -3.201  -6.357  4.918   1.00 2.03  ? 290 TYR A HD1  1 
ATOM   791  H  HD2  . TYR A 1 54  ? -4.843  -8.629  8.117   1.00 2.20  ? 290 TYR A HD2  1 
ATOM   792  H  HE1  . TYR A 1 54  ? -2.617  -8.433  3.737   1.00 2.02  ? 290 TYR A HE1  1 
ATOM   793  H  HE2  . TYR A 1 54  ? -4.263  -10.711 6.946   1.00 2.30  ? 290 TYR A HE2  1 
ATOM   794  H  HH   . TYR A 1 54  ? -3.200  -11.608 5.201   1.00 1.10  ? 290 TYR A HH   1 
ATOM   795  N  N    . ALA A 1 55  ? -1.783  -6.360  8.987   1.00 0.36  ? 291 ALA A N    1 
ATOM   796  C  CA   . ALA A 1 55  ? -0.557  -7.074  9.357   1.00 0.39  ? 291 ALA A CA   1 
ATOM   797  C  C    . ALA A 1 55  ? -0.539  -8.517  8.855   1.00 0.40  ? 291 ALA A C    1 
ATOM   798  O  O    . ALA A 1 55  ? -1.478  -9.279  9.085   1.00 0.42  ? 291 ALA A O    1 
ATOM   799  C  CB   . ALA A 1 55  ? -0.381  -7.055  10.868  1.00 0.41  ? 291 ALA A CB   1 
ATOM   800  H  H    . ALA A 1 55  ? -2.480  -6.236  9.664   1.00 0.42  ? 291 ALA A H    1 
ATOM   801  H  HA   . ALA A 1 55  ? 0.278   -6.546  8.923   1.00 0.38  ? 291 ALA A HA   1 
ATOM   802  H  HB1  . ALA A 1 55  ? -1.193  -6.503  11.318  1.00 1.13  ? 291 ALA A HB1  1 
ATOM   803  H  HB2  . ALA A 1 55  ? 0.557   -6.579  11.116  1.00 1.12  ? 291 ALA A HB2  1 
ATOM   804  H  HB3  . ALA A 1 55  ? -0.382  -8.067  11.245  1.00 1.03  ? 291 ALA A HB3  1 
ATOM   805  N  N    . LEU A 1 56  ? 0.535   -8.874  8.150   1.00 0.43  ? 292 LEU A N    1 
ATOM   806  C  CA   . LEU A 1 56  ? 0.693   -10.211 7.586   1.00 0.48  ? 292 LEU A CA   1 
ATOM   807  C  C    . LEU A 1 56  ? 1.338   -11.187 8.564   1.00 0.59  ? 292 LEU A C    1 
ATOM   808  O  O    . LEU A 1 56  ? 1.094   -12.392 8.502   1.00 1.36  ? 292 LEU A O    1 
ATOM   809  C  CB   . LEU A 1 56  ? 1.579   -10.130 6.349   1.00 0.48  ? 292 LEU A CB   1 
ATOM   810  C  CG   . LEU A 1 56  ? 1.231   -9.022  5.360   1.00 0.38  ? 292 LEU A CG   1 
ATOM   811  C  CD1  . LEU A 1 56  ? -0.252  -8.713  5.411   1.00 0.42  ? 292 LEU A CD1  1 
ATOM   812  C  CD2  . LEU A 1 56  ? 2.051   -7.776  5.659   1.00 0.62  ? 292 LEU A CD2  1 
ATOM   813  H  H    . LEU A 1 56  ? 1.238   -8.212  7.972   1.00 0.43  ? 292 LEU A H    1 
ATOM   814  H  HA   . LEU A 1 56  ? -0.279  -10.581 7.303   1.00 0.47  ? 292 LEU A HA   1 
ATOM   815  H  HB2  . LEU A 1 56  ? 2.593   -9.968  6.684   1.00 0.52  ? 292 LEU A HB2  1 
ATOM   816  H  HB3  . LEU A 1 56  ? 1.533   -11.075 5.837   1.00 0.58  ? 292 LEU A HB3  1 
ATOM   817  H  HG   . LEU A 1 56  ? 1.471   -9.351  4.359   1.00 0.58  ? 292 LEU A HG   1 
ATOM   818  H  HD11 . LEU A 1 56  ? -0.799  -9.601  5.686   1.00 1.15  ? 292 LEU A HD11 1 
ATOM   819  H  HD12 . LEU A 1 56  ? -0.586  -8.378  4.440   1.00 1.08  ? 292 LEU A HD12 1 
ATOM   820  H  HD13 . LEU A 1 56  ? -0.434  -7.938  6.141   1.00 1.11  ? 292 LEU A HD13 1 
ATOM   821  H  HD21 . LEU A 1 56  ? 2.752   -7.988  6.453   1.00 1.26  ? 292 LEU A HD21 1 
ATOM   822  H  HD22 . LEU A 1 56  ? 1.393   -6.977  5.964   1.00 1.22  ? 292 LEU A HD22 1 
ATOM   823  H  HD23 . LEU A 1 56  ? 2.591   -7.479  4.772   1.00 1.21  ? 292 LEU A HD23 1 
ATOM   824  N  N    . GLY A 1 57  ? 2.172   -10.669 9.450   1.00 0.47  ? 293 GLY A N    1 
ATOM   825  C  CA   . GLY A 1 57  ? 2.850   -11.522 10.412  1.00 0.47  ? 293 GLY A CA   1 
ATOM   826  C  C    . GLY A 1 57  ? 4.341   -11.222 10.544  1.00 0.49  ? 293 GLY A C    1 
ATOM   827  O  O    . GLY A 1 57  ? 5.049   -11.925 11.267  1.00 0.52  ? 293 GLY A O    1 
ATOM   828  H  H    . GLY A 1 57  ? 2.331   -9.704  9.461   1.00 1.01  ? 293 GLY A H    1 
ATOM   829  H  HA2  . GLY A 1 57  ? 2.385   -11.393 11.377  1.00 0.45  ? 293 GLY A HA2  1 
ATOM   830  H  HA3  . GLY A 1 57  ? 2.730   -12.551 10.105  1.00 0.49  ? 293 GLY A HA3  1 
ATOM   831  N  N    . GLU A 1 58  ? 4.822   -10.171 9.877   1.00 0.50  ? 294 GLU A N    1 
ATOM   832  C  CA   . GLU A 1 58  ? 6.226   -9.793  9.966   1.00 0.53  ? 294 GLU A CA   1 
ATOM   833  C  C    . GLU A 1 58  ? 6.398   -8.750  11.064  1.00 0.54  ? 294 GLU A C    1 
ATOM   834  O  O    . GLU A 1 58  ? 5.412   -8.207  11.563  1.00 0.53  ? 294 GLU A O    1 
ATOM   835  C  CB   . GLU A 1 58  ? 6.743   -9.268  8.627   1.00 0.50  ? 294 GLU A CB   1 
ATOM   836  C  CG   . GLU A 1 58  ? 7.682   -10.231 7.918   1.00 0.54  ? 294 GLU A CG   1 
ATOM   837  C  CD   . GLU A 1 58  ? 6.955   -11.151 6.957   1.00 1.00  ? 294 GLU A CD   1 
ATOM   838  O  OE1  . GLU A 1 58  ? 5.715   -11.038 6.850   1.00 1.74  ? 294 GLU A OE1  1 
ATOM   839  O  OE2  . GLU A 1 58  ? 7.625   -11.984 6.311   1.00 1.63  ? 294 GLU A OE2  1 
ATOM   840  H  H    . GLU A 1 58  ? 4.223   -9.627  9.330   1.00 0.52  ? 294 GLU A H    1 
ATOM   841  H  HA   . GLU A 1 58  ? 6.784   -10.676 10.247  1.00 0.56  ? 294 GLU A HA   1 
ATOM   842  H  HB2  . GLU A 1 58  ? 5.901   -9.079  7.980   1.00 0.50  ? 294 GLU A HB2  1 
ATOM   843  H  HB3  . GLU A 1 58  ? 7.273   -8.341  8.796   1.00 0.49  ? 294 GLU A HB3  1 
ATOM   844  H  HG2  . GLU A 1 58  ? 8.411   -9.659  7.362   1.00 0.83  ? 294 GLU A HG2  1 
ATOM   845  H  HG3  . GLU A 1 58  ? 8.186   -10.834 8.659   1.00 0.77  ? 294 GLU A HG3  1 
ATOM   846  N  N    . GLY A 1 59  ? 7.633   -8.499  11.475  1.00 0.57  ? 295 GLY A N    1 
ATOM   847  C  CA   . GLY A 1 59  ? 7.848   -7.552  12.552  1.00 0.59  ? 295 GLY A CA   1 
ATOM   848  C  C    . GLY A 1 59  ? 7.646   -6.094  12.169  1.00 0.56  ? 295 GLY A C    1 
ATOM   849  O  O    . GLY A 1 59  ? 8.602   -5.400  11.822  1.00 0.54  ? 295 GLY A O    1 
ATOM   850  H  H    . GLY A 1 59  ? 8.389   -8.975  11.073  1.00 0.58  ? 295 GLY A H    1 
ATOM   851  H  HA2  . GLY A 1 59  ? 7.166   -7.788  13.355  1.00 0.64  ? 295 GLY A HA2  1 
ATOM   852  H  HA3  . GLY A 1 59  ? 8.859   -7.675  12.916  1.00 0.60  ? 295 GLY A HA3  1 
ATOM   853  N  N    . ASP A 1 60  ? 6.388   -5.645  12.251  1.00 0.61  ? 296 ASP A N    1 
ATOM   854  C  CA   . ASP A 1 60  ? 5.992   -4.262  11.941  1.00 0.65  ? 296 ASP A CA   1 
ATOM   855  C  C    . ASP A 1 60  ? 5.637   -4.057  10.464  1.00 0.55  ? 296 ASP A C    1 
ATOM   856  O  O    . ASP A 1 60  ? 5.170   -2.984  10.083  1.00 0.59  ? 296 ASP A O    1 
ATOM   857  C  CB   . ASP A 1 60  ? 7.070   -3.260  12.365  1.00 0.73  ? 296 ASP A CB   1 
ATOM   858  C  CG   . ASP A 1 60  ? 7.617   -3.551  13.748  1.00 1.25  ? 296 ASP A CG   1 
ATOM   859  O  OD1  . ASP A 1 60  ? 6.960   -4.299  14.502  1.00 1.93  ? 296 ASP A OD1  1 
ATOM   860  O  OD2  . ASP A 1 60  ? 8.704   -3.032  14.078  1.00 1.93  ? 296 ASP A OD2  1 
ATOM   861  H  H    . ASP A 1 60  ? 5.686   -6.280  12.503  1.00 0.65  ? 296 ASP A H    1 
ATOM   862  H  HA   . ASP A 1 60  ? 5.107   -4.073  12.526  1.00 0.74  ? 296 ASP A HA   1 
ATOM   863  H  HB2  . ASP A 1 60  ? 7.884   -3.295  11.659  1.00 0.96  ? 296 ASP A HB2  1 
ATOM   864  H  HB3  . ASP A 1 60  ? 6.645   -2.267  12.368  1.00 1.14  ? 296 ASP A HB3  1 
ATOM   865  N  N    . LYS A 1 61  ? 5.858   -5.074  9.635   1.00 0.57  ? 297 LYS A N    1 
ATOM   866  C  CA   . LYS A 1 61  ? 5.554   -4.975  8.207   1.00 0.47  ? 297 LYS A CA   1 
ATOM   867  C  C    . LYS A 1 61  ? 4.056   -4.799  7.979   1.00 0.41  ? 297 LYS A C    1 
ATOM   868  O  O    . LYS A 1 61  ? 3.254   -4.985  8.894   1.00 0.45  ? 297 LYS A O    1 
ATOM   869  C  CB   . LYS A 1 61  ? 6.034   -6.228  7.470   1.00 0.46  ? 297 LYS A CB   1 
ATOM   870  C  CG   . LYS A 1 61  ? 7.540   -6.294  7.254   1.00 0.52  ? 297 LYS A CG   1 
ATOM   871  C  CD   . LYS A 1 61  ? 8.309   -5.855  8.489   1.00 0.60  ? 297 LYS A CD   1 
ATOM   872  C  CE   . LYS A 1 61  ? 9.812   -5.924  8.266   1.00 0.77  ? 297 LYS A CE   1 
ATOM   873  N  NZ   . LYS A 1 61  ? 10.571  -5.596  9.505   1.00 1.00  ? 297 LYS A NZ   1 
ATOM   874  H  H    . LYS A 1 61  ? 6.235   -5.905  9.981   1.00 0.72  ? 297 LYS A H    1 
ATOM   875  H  HA   . LYS A 1 61  ? 6.073   -4.114  7.815   1.00 0.48  ? 297 LYS A HA   1 
ATOM   876  H  HB2  . LYS A 1 61  ? 5.737   -7.093  8.039   1.00 0.50  ? 297 LYS A HB2  1 
ATOM   877  H  HB3  . LYS A 1 61  ? 5.552   -6.265  6.504   1.00 0.42  ? 297 LYS A HB3  1 
ATOM   878  H  HG2  . LYS A 1 61  ? 7.813   -7.311  7.017   1.00 0.56  ? 297 LYS A HG2  1 
ATOM   879  H  HG3  . LYS A 1 61  ? 7.803   -5.651  6.428   1.00 0.53  ? 297 LYS A HG3  1 
ATOM   880  H  HD2  . LYS A 1 61  ? 8.038   -4.838  8.728   1.00 0.59  ? 297 LYS A HD2  1 
ATOM   881  H  HD3  . LYS A 1 61  ? 8.047   -6.503  9.313   1.00 0.67  ? 297 LYS A HD3  1 
ATOM   882  H  HE2  . LYS A 1 61  ? 10.071  -6.923  7.950   1.00 1.13  ? 297 LYS A HE2  1 
ATOM   883  H  HE3  . LYS A 1 61  ? 10.081  -5.220  7.493   1.00 1.01  ? 297 LYS A HE3  1 
ATOM   884  H  HZ1  . LYS A 1 61  ? 9.993   -5.806  10.344  1.00 1.40  ? 297 LYS A HZ1  1 
ATOM   885  H  HZ2  . LYS A 1 61  ? 10.822  -4.587  9.514   1.00 1.56  ? 297 LYS A HZ2  1 
ATOM   886  H  HZ3  . LYS A 1 61  ? 11.444  -6.160  9.549   1.00 1.51  ? 297 LYS A HZ3  1 
ATOM   887  N  N    . VAL A 1 62  ? 3.681   -4.442  6.751   1.00 0.36  ? 298 VAL A N    1 
ATOM   888  C  CA   . VAL A 1 62  ? 2.275   -4.248  6.406   1.00 0.35  ? 298 VAL A CA   1 
ATOM   889  C  C    . VAL A 1 62  ? 2.017   -4.504  4.922   1.00 0.33  ? 298 VAL A C    1 
ATOM   890  O  O    . VAL A 1 62  ? 2.943   -4.521  4.111   1.00 0.37  ? 298 VAL A O    1 
ATOM   891  C  CB   . VAL A 1 62  ? 1.792   -2.827  6.749   1.00 0.38  ? 298 VAL A CB   1 
ATOM   892  C  CG1  . VAL A 1 62  ? 2.319   -2.383  8.105   1.00 0.57  ? 298 VAL A CG1  1 
ATOM   893  C  CG2  . VAL A 1 62  ? 2.209   -1.849  5.661   1.00 0.50  ? 298 VAL A CG2  1 
ATOM   894  H  H    . VAL A 1 62  ? 4.365   -4.310  6.060   1.00 0.39  ? 298 VAL A H    1 
ATOM   895  H  HA   . VAL A 1 62  ? 1.693   -4.949  6.986   1.00 0.39  ? 298 VAL A HA   1 
ATOM   896  H  HB   . VAL A 1 62  ? 0.714   -2.844  6.795   1.00 0.46  ? 298 VAL A HB   1 
ATOM   897  H  HG11 . VAL A 1 62  ? 3.395   -2.315  8.068   1.00 1.18  ? 298 VAL A HG11 1 
ATOM   898  H  HG12 . VAL A 1 62  ? 2.029   -3.103  8.855   1.00 1.13  ? 298 VAL A HG12 1 
ATOM   899  H  HG13 . VAL A 1 62  ? 1.905   -1.417  8.353   1.00 1.22  ? 298 VAL A HG13 1 
ATOM   900  H  HG21 . VAL A 1 62  ? 2.027   -0.839  5.994   1.00 1.16  ? 298 VAL A HG21 1 
ATOM   901  H  HG22 . VAL A 1 62  ? 1.637   -2.042  4.765   1.00 1.03  ? 298 VAL A HG22 1 
ATOM   902  H  HG23 . VAL A 1 62  ? 3.261   -1.974  5.449   1.00 1.23  ? 298 VAL A HG23 1 
ATOM   903  N  N    . LYS A 1 63  ? 0.744   -4.703  4.580   1.00 0.32  ? 299 LYS A N    1 
ATOM   904  C  CA   . LYS A 1 63  ? 0.336   -4.962  3.200   1.00 0.30  ? 299 LYS A CA   1 
ATOM   905  C  C    . LYS A 1 63  ? -1.123  -4.546  3.002   1.00 0.28  ? 299 LYS A C    1 
ATOM   906  O  O    . LYS A 1 63  ? -1.862  -4.430  3.979   1.00 0.28  ? 299 LYS A O    1 
ATOM   907  C  CB   . LYS A 1 63  ? 0.511   -6.452  2.894   1.00 0.33  ? 299 LYS A CB   1 
ATOM   908  C  CG   . LYS A 1 63  ? -0.653  -7.072  2.141   1.00 0.43  ? 299 LYS A CG   1 
ATOM   909  C  CD   . LYS A 1 63  ? -0.352  -8.502  1.728   1.00 0.39  ? 299 LYS A CD   1 
ATOM   910  C  CE   . LYS A 1 63  ? -1.330  -8.988  0.671   1.00 0.53  ? 299 LYS A CE   1 
ATOM   911  N  NZ   . LYS A 1 63  ? -0.632  -9.608  -0.490  1.00 0.95  ? 299 LYS A NZ   1 
ATOM   912  H  H    . LYS A 1 63  ? 0.057   -4.677  5.278   1.00 0.35  ? 299 LYS A H    1 
ATOM   913  H  HA   . LYS A 1 63  ? 0.966   -4.382  2.542   1.00 0.31  ? 299 LYS A HA   1 
ATOM   914  H  HB2  . LYS A 1 63  ? 1.408   -6.589  2.312   1.00 0.45  ? 299 LYS A HB2  1 
ATOM   915  H  HB3  . LYS A 1 63  ? 0.622   -6.977  3.827   1.00 0.42  ? 299 LYS A HB3  1 
ATOM   916  H  HG2  . LYS A 1 63  ? -1.524  -7.070  2.778   1.00 0.67  ? 299 LYS A HG2  1 
ATOM   917  H  HG3  . LYS A 1 63  ? -0.852  -6.491  1.257   1.00 0.71  ? 299 LYS A HG3  1 
ATOM   918  H  HD2  . LYS A 1 63  ? 0.651   -8.548  1.326   1.00 0.59  ? 299 LYS A HD2  1 
ATOM   919  H  HD3  . LYS A 1 63  ? -0.424  -9.142  2.596   1.00 0.54  ? 299 LYS A HD3  1 
ATOM   920  H  HE2  . LYS A 1 63  ? -1.988  -9.720  1.117   1.00 0.75  ? 299 LYS A HE2  1 
ATOM   921  H  HE3  . LYS A 1 63  ? -1.912  -8.145  0.323   1.00 0.49  ? 299 LYS A HE3  1 
ATOM   922  H  HZ1  . LYS A 1 63  ? -1.019  -10.556 -0.675  1.00 1.43  ? 299 LYS A HZ1  1 
ATOM   923  H  HZ2  . LYS A 1 63  ? 0.385   -9.694  -0.292  1.00 1.37  ? 299 LYS A HZ2  1 
ATOM   924  H  HZ3  . LYS A 1 63  ? -0.760  -9.021  -1.339  1.00 1.40  ? 299 LYS A HZ3  1 
ATOM   925  N  N    . CYS A 1 64  ? -1.561  -4.347  1.755   1.00 0.27  ? 300 CYS A N    1 
ATOM   926  C  CA   . CYS A 1 64  ? -2.956  -3.981  1.534   1.00 0.29  ? 300 CYS A CA   1 
ATOM   927  C  C    . CYS A 1 64  ? -3.807  -5.212  1.274   1.00 0.28  ? 300 CYS A C    1 
ATOM   928  O  O    . CYS A 1 64  ? -3.513  -6.011  0.380   1.00 0.35  ? 300 CYS A O    1 
ATOM   929  C  CB   . CYS A 1 64  ? -3.177  -2.945  0.416   1.00 0.38  ? 300 CYS A CB   1 
ATOM   930  S  SG   . CYS A 1 64  ? -2.291  -3.209  -1.165  1.00 0.51  ? 300 CYS A SG   1 
ATOM   931  H  H    . CYS A 1 64  ? -0.956  -4.476  0.992   1.00 0.28  ? 300 CYS A H    1 
ATOM   932  H  HA   . CYS A 1 64  ? -3.294  -3.548  2.461   1.00 0.30  ? 300 CYS A HA   1 
ATOM   933  H  HB2  . CYS A 1 64  ? -4.225  -2.945  0.186   1.00 0.76  ? 300 CYS A HB2  1 
ATOM   934  H  HB3  . CYS A 1 64  ? -2.905  -1.971  0.787   1.00 0.76  ? 300 CYS A HB3  1 
ATOM   935  N  N    . PHE A 1 65  ? -4.866  -5.352  2.069   1.00 0.28  ? 301 PHE A N    1 
ATOM   936  C  CA   . PHE A 1 65  ? -5.775  -6.492  1.944   1.00 0.30  ? 301 PHE A CA   1 
ATOM   937  C  C    . PHE A 1 65  ? -6.987  -6.166  1.071   1.00 0.39  ? 301 PHE A C    1 
ATOM   938  O  O    . PHE A 1 65  ? -7.712  -7.068  0.651   1.00 0.88  ? 301 PHE A O    1 
ATOM   939  C  CB   . PHE A 1 65  ? -6.251  -6.944  3.324   1.00 0.35  ? 301 PHE A CB   1 
ATOM   940  C  CG   . PHE A 1 65  ? -6.823  -8.335  3.337   1.00 0.92  ? 301 PHE A CG   1 
ATOM   941  C  CD1  . PHE A 1 65  ? -5.991  -9.440  3.258   1.00 1.71  ? 301 PHE A CD1  1 
ATOM   942  C  CD2  . PHE A 1 65  ? -8.190  -8.534  3.428   1.00 1.75  ? 301 PHE A CD2  1 
ATOM   943  C  CE1  . PHE A 1 65  ? -6.514  -10.719 3.270   1.00 2.26  ? 301 PHE A CE1  1 
ATOM   944  C  CE2  . PHE A 1 65  ? -8.719  -9.811  3.441   1.00 2.27  ? 301 PHE A CE2  1 
ATOM   945  C  CZ   . PHE A 1 65  ? -7.880  -10.905 3.361   1.00 2.27  ? 301 PHE A CZ   1 
ATOM   946  H  H    . PHE A 1 65  ? -5.036  -4.669  2.762   1.00 0.31  ? 301 PHE A H    1 
ATOM   947  H  HA   . PHE A 1 65  ? -5.207  -7.288  1.486   1.00 0.34  ? 301 PHE A HA   1 
ATOM   948  H  HB2  . PHE A 1 65  ? -5.423  -6.919  4.008   1.00 0.63  ? 301 PHE A HB2  1 
ATOM   949  H  HB3  . PHE A 1 65  ? -7.016  -6.266  3.672   1.00 0.55  ? 301 PHE A HB3  1 
ATOM   950  H  HD1  . PHE A 1 65  ? -4.923  -9.297  3.188   1.00 2.31  ? 301 PHE A HD1  1 
ATOM   951  H  HD2  . PHE A 1 65  ? -8.848  -7.680  3.490   1.00 2.37  ? 301 PHE A HD2  1 
ATOM   952  H  HE1  . PHE A 1 65  ? -5.856  -11.573 3.207   1.00 3.04  ? 301 PHE A HE1  1 
ATOM   953  H  HE2  . PHE A 1 65  ? -9.787  -9.953  3.512   1.00 3.06  ? 301 PHE A HE2  1 
ATOM   954  H  HZ   . PHE A 1 65  ? -8.291  -11.904 3.371   1.00 2.80  ? 301 PHE A HZ   1 
ATOM   955  N  N    . HIS A 1 66  ? -7.207  -4.884  0.799   1.00 0.31  ? 302 HIS A N    1 
ATOM   956  C  CA   . HIS A 1 66  ? -8.335  -4.472  -0.022  1.00 0.30  ? 302 HIS A CA   1 
ATOM   957  C  C    . HIS A 1 66  ? -7.897  -4.218  -1.461  1.00 0.28  ? 302 HIS A C    1 
ATOM   958  O  O    . HIS A 1 66  ? -8.716  -4.273  -2.380  1.00 0.37  ? 302 HIS A O    1 
ATOM   959  C  CB   . HIS A 1 66  ? -8.993  -3.220  0.571   1.00 0.36  ? 302 HIS A CB   1 
ATOM   960  C  CG   . HIS A 1 66  ? -10.491 -3.249  0.538   1.00 1.14  ? 302 HIS A CG   1 
ATOM   961  N  ND1  . HIS A 1 66  ? -11.272 -2.121  0.692   1.00 2.03  ? 302 HIS A ND1  1 
ATOM   962  C  CD2  . HIS A 1 66  ? -11.355 -4.274  0.367   1.00 2.13  ? 302 HIS A CD2  1 
ATOM   963  C  CE1  . HIS A 1 66  ? -12.545 -2.452  0.616   1.00 2.86  ? 302 HIS A CE1  1 
ATOM   964  N  NE2  . HIS A 1 66  ? -12.624 -3.751  0.418   1.00 2.93  ? 302 HIS A NE2  1 
ATOM   965  H  H    . HIS A 1 66  ? -6.600  -4.201  1.148   1.00 0.65  ? 302 HIS A H    1 
ATOM   966  H  HA   . HIS A 1 66  ? -9.052  -5.279  -0.025  1.00 0.32  ? 302 HIS A HA   1 
ATOM   967  H  HB2  . HIS A 1 66  ? -8.688  -3.117  1.601   1.00 1.12  ? 302 HIS A HB2  1 
ATOM   968  H  HB3  . HIS A 1 66  ? -8.664  -2.356  0.017   1.00 1.09  ? 302 HIS A HB3  1 
ATOM   969  H  HD1  . HIS A 1 66  ? -10.941 -1.216  0.842   1.00 2.42  ? 302 HIS A HD1  1 
ATOM   970  H  HD2  . HIS A 1 66  ? -11.095 -5.314  0.228   1.00 2.65  ? 302 HIS A HD2  1 
ATOM   971  H  HE1  . HIS A 1 66  ? -13.382 -1.774  0.701   1.00 3.69  ? 302 HIS A HE1  1 
ATOM   972  N  N    . CYS A 1 67  ? -6.605  -3.955  -1.666  1.00 0.26  ? 303 CYS A N    1 
ATOM   973  C  CA   . CYS A 1 67  ? -6.098  -3.719  -3.012  1.00 0.28  ? 303 CYS A CA   1 
ATOM   974  C  C    . CYS A 1 67  ? -5.416  -4.972  -3.568  1.00 0.28  ? 303 CYS A C    1 
ATOM   975  O  O    . CYS A 1 67  ? -5.454  -5.219  -4.773  1.00 0.34  ? 303 CYS A O    1 
ATOM   976  C  CB   . CYS A 1 67  ? -5.095  -2.567  -3.057  1.00 0.26  ? 303 CYS A CB   1 
ATOM   977  S  SG   . CYS A 1 67  ? -5.160  -1.370  -1.672  1.00 0.33  ? 303 CYS A SG   1 
ATOM   978  H  H    . CYS A 1 67  ? -5.987  -3.932  -0.909  1.00 0.31  ? 303 CYS A H    1 
ATOM   979  H  HA   . CYS A 1 67  ? -6.945  -3.494  -3.641  1.00 0.32  ? 303 CYS A HA   1 
ATOM   980  H  HB2  . CYS A 1 67  ? -4.115  -3.003  -3.055  1.00 0.30  ? 303 CYS A HB2  1 
ATOM   981  H  HB3  . CYS A 1 67  ? -5.235  -2.017  -3.977  1.00 0.27  ? 303 CYS A HB3  1 
ATOM   982  N  N    . GLY A 1 68  ? -4.804  -5.766  -2.691  1.00 0.26  ? 304 GLY A N    1 
ATOM   983  C  CA   . GLY A 1 68  ? -4.142  -6.983  -3.138  1.00 0.30  ? 304 GLY A CA   1 
ATOM   984  C  C    . GLY A 1 68  ? -2.670  -6.791  -3.456  1.00 0.28  ? 304 GLY A C    1 
ATOM   985  O  O    . GLY A 1 68  ? -2.191  -7.252  -4.492  1.00 0.31  ? 304 GLY A O    1 
ATOM   986  H  H    . GLY A 1 68  ? -4.817  -5.546  -1.737  1.00 0.24  ? 304 GLY A H    1 
ATOM   987  H  HA2  . GLY A 1 68  ? -4.234  -7.732  -2.364  1.00 0.33  ? 304 GLY A HA2  1 
ATOM   988  H  HA3  . GLY A 1 68  ? -4.641  -7.337  -4.025  1.00 0.34  ? 304 GLY A HA3  1 
ATOM   989  N  N    . GLY A 1 69  ? -1.949  -6.105  -2.577  1.00 0.28  ? 305 GLY A N    1 
ATOM   990  C  CA   . GLY A 1 69  ? -0.530  -5.860  -2.803  1.00 0.31  ? 305 GLY A CA   1 
ATOM   991  C  C    . GLY A 1 69  ? 0.223   -5.687  -1.501  1.00 0.30  ? 305 GLY A C    1 
ATOM   992  O  O    . GLY A 1 69  ? -0.358  -5.272  -0.506  1.00 0.31  ? 305 GLY A O    1 
ATOM   993  H  H    . GLY A 1 69  ? -2.379  -5.745  -1.773  1.00 0.29  ? 305 GLY A H    1 
ATOM   994  H  HA2  . GLY A 1 69  ? -0.110  -6.692  -3.347  1.00 0.37  ? 305 GLY A HA2  1 
ATOM   995  H  HA3  . GLY A 1 69  ? -0.421  -4.961  -3.393  1.00 0.33  ? 305 GLY A HA3  1 
ATOM   996  N  N    . GLY A 1 70  ? 1.508   -6.024  -1.480  1.00 0.33  ? 306 GLY A N    1 
ATOM   997  C  CA   . GLY A 1 70  ? 2.260   -5.904  -0.247  1.00 0.40  ? 306 GLY A CA   1 
ATOM   998  C  C    . GLY A 1 70  ? 3.141   -4.673  -0.175  1.00 0.54  ? 306 GLY A C    1 
ATOM   999  O  O    . GLY A 1 70  ? 3.587   -4.157  -1.194  1.00 0.81  ? 306 GLY A O    1 
ATOM   1000 H  H    . GLY A 1 70  ? 1.938   -6.376  -2.289  1.00 0.35  ? 306 GLY A H    1 
ATOM   1001 H  HA2  . GLY A 1 70  ? 1.559   -5.861  0.567   1.00 0.47  ? 306 GLY A HA2  1 
ATOM   1002 H  HA3  . GLY A 1 70  ? 2.874   -6.781  -0.127  1.00 0.60  ? 306 GLY A HA3  1 
ATOM   1003 N  N    . LEU A 1 71  ? 3.391   -4.210  1.049   1.00 0.56  ? 307 LEU A N    1 
ATOM   1004 C  CA   . LEU A 1 71  ? 4.232   -3.040  1.280   1.00 0.83  ? 307 LEU A CA   1 
ATOM   1005 C  C    . LEU A 1 71  ? 4.960   -3.167  2.615   1.00 0.70  ? 307 LEU A C    1 
ATOM   1006 O  O    . LEU A 1 71  ? 4.631   -2.478  3.581   1.00 1.01  ? 307 LEU A O    1 
ATOM   1007 C  CB   . LEU A 1 71  ? 3.391   -1.759  1.265   1.00 1.21  ? 307 LEU A CB   1 
ATOM   1008 C  CG   . LEU A 1 71  ? 4.135   -0.479  0.862   1.00 1.94  ? 307 LEU A CG   1 
ATOM   1009 C  CD1  . LEU A 1 71  ? 3.631   0.706   1.667   1.00 2.56  ? 307 LEU A CD1  1 
ATOM   1010 C  CD2  . LEU A 1 71  ? 5.641   -0.630  1.045   1.00 2.59  ? 307 LEU A CD2  1 
ATOM   1011 H  H    . LEU A 1 71  ? 3.005   -4.675  1.819   1.00 0.51  ? 307 LEU A H    1 
ATOM   1012 H  HA   . LEU A 1 71  ? 4.960   -2.997  0.486   1.00 1.09  ? 307 LEU A HA   1 
ATOM   1013 H  HB2  . LEU A 1 71  ? 2.571   -1.903  0.577   1.00 1.71  ? 307 LEU A HB2  1 
ATOM   1014 H  HB3  . LEU A 1 71  ? 2.984   -1.613  2.255   1.00 1.60  ? 307 LEU A HB3  1 
ATOM   1015 H  HG   . LEU A 1 71  ? 3.945   -0.275  -0.182  1.00 2.55  ? 307 LEU A HG   1 
ATOM   1016 H  HD11 . LEU A 1 71  ? 2.647   0.985   1.325   1.00 2.81  ? 307 LEU A HD11 1 
ATOM   1017 H  HD12 . LEU A 1 71  ? 4.306   1.539   1.539   1.00 3.03  ? 307 LEU A HD12 1 
ATOM   1018 H  HD13 . LEU A 1 71  ? 3.585   0.437   2.713   1.00 3.01  ? 307 LEU A HD13 1 
ATOM   1019 H  HD21 . LEU A 1 71  ? 5.852   -0.924  2.062   1.00 2.97  ? 307 LEU A HD21 1 
ATOM   1020 H  HD22 . LEU A 1 71  ? 6.123   0.314   0.839   1.00 2.95  ? 307 LEU A HD22 1 
ATOM   1021 H  HD23 . LEU A 1 71  ? 6.017   -1.378  0.367   1.00 3.06  ? 307 LEU A HD23 1 
ATOM   1022 N  N    . THR A 1 72  ? 5.945   -4.057  2.663   1.00 1.06  ? 308 THR A N    1 
ATOM   1023 C  CA   . THR A 1 72  ? 6.717   -4.282  3.879   1.00 1.20  ? 308 THR A CA   1 
ATOM   1024 C  C    . THR A 1 72  ? 7.636   -3.101  4.172   1.00 1.24  ? 308 THR A C    1 
ATOM   1025 O  O    . THR A 1 72  ? 7.889   -2.266  3.304   1.00 1.85  ? 308 THR A O    1 
ATOM   1026 C  CB   . THR A 1 72  ? 7.543   -5.562  3.752   1.00 1.66  ? 308 THR A CB   1 
ATOM   1027 O  OG1  . THR A 1 72  ? 8.000   -5.735  2.422   1.00 2.26  ? 308 THR A OG1  1 
ATOM   1028 C  CG2  . THR A 1 72  ? 6.776   -6.807  4.139   1.00 2.25  ? 308 THR A CG2  1 
ATOM   1029 H  H    . THR A 1 72  ? 6.156   -4.579  1.860   1.00 1.53  ? 308 THR A H    1 
ATOM   1030 H  HA   . THR A 1 72  ? 6.022   -4.393  4.697   1.00 1.46  ? 308 THR A HA   1 
ATOM   1031 H  HB   . THR A 1 72  ? 8.405   -5.489  4.400   1.00 1.50  ? 308 THR A HB   1 
ATOM   1032 H  HG1  . THR A 1 72  ? 8.743   -6.342  2.414   1.00 2.67  ? 308 THR A HG1  1 
ATOM   1033 H  HG21 . THR A 1 72  ? 5.783   -6.532  4.460   1.00 2.59  ? 308 THR A HG21 1 
ATOM   1034 H  HG22 . THR A 1 72  ? 7.290   -7.309  4.945   1.00 2.50  ? 308 THR A HG22 1 
ATOM   1035 H  HG23 . THR A 1 72  ? 6.709   -7.469  3.287   1.00 2.76  ? 308 THR A HG23 1 
ATOM   1036 N  N    . ASP A 1 73  ? 8.134   -3.039  5.404   1.00 1.49  ? 309 ASP A N    1 
ATOM   1037 C  CA   . ASP A 1 73  ? 9.025   -1.965  5.813   1.00 1.90  ? 309 ASP A CA   1 
ATOM   1038 C  C    . ASP A 1 73  ? 10.440  -2.205  5.304   1.00 1.34  ? 309 ASP A C    1 
ATOM   1039 O  O    . ASP A 1 73  ? 11.057  -3.229  5.600   1.00 1.62  ? 309 ASP A O    1 
ATOM   1040 C  CB   . ASP A 1 73  ? 9.040   -1.830  7.337   1.00 3.06  ? 309 ASP A CB   1 
ATOM   1041 C  CG   . ASP A 1 73  ? 10.446  -1.869  7.902   1.00 4.10  ? 309 ASP A CG   1 
ATOM   1042 O  OD1  . ASP A 1 73  ? 11.204  -0.901  7.678   1.00 4.50  ? 309 ASP A OD1  1 
ATOM   1043 O  OD2  . ASP A 1 73  ? 10.791  -2.868  8.568   1.00 4.86  ? 309 ASP A OD2  1 
ATOM   1044 H  H    . ASP A 1 73  ? 7.896   -3.733  6.050   1.00 1.89  ? 309 ASP A H    1 
ATOM   1045 H  HA   . ASP A 1 73  ? 8.653   -1.045  5.384   1.00 2.34  ? 309 ASP A HA   1 
ATOM   1046 H  HB2  . ASP A 1 73  ? 8.587   -0.890  7.614   1.00 3.31  ? 309 ASP A HB2  1 
ATOM   1047 H  HB3  . ASP A 1 73  ? 8.473   -2.640  7.770   1.00 3.28  ? 309 ASP A HB3  1 
ATOM   1048 N  N    . TRP A 1 74  ? 10.947  -1.248  4.544   1.00 1.75  ? 310 TRP A N    1 
ATOM   1049 C  CA   . TRP A 1 74  ? 12.291  -1.327  3.990   1.00 1.94  ? 310 TRP A CA   1 
ATOM   1050 C  C    . TRP A 1 74  ? 12.821  0.074   3.694   1.00 1.98  ? 310 TRP A C    1 
ATOM   1051 O  O    . TRP A 1 74  ? 13.635  0.262   2.795   1.00 2.84  ? 310 TRP A O    1 
ATOM   1052 C  CB   . TRP A 1 74  ? 12.285  -2.175  2.715   1.00 2.49  ? 310 TRP A CB   1 
ATOM   1053 C  CG   . TRP A 1 74  ? 13.648  -2.397  2.132   1.00 3.27  ? 310 TRP A CG   1 
ATOM   1054 C  CD1  . TRP A 1 74  ? 14.759  -2.844  2.787   1.00 3.77  ? 310 TRP A CD1  1 
ATOM   1055 C  CD2  . TRP A 1 74  ? 14.041  -2.182  0.773   1.00 4.10  ? 310 TRP A CD2  1 
ATOM   1056 N  NE1  . TRP A 1 74  ? 15.819  -2.922  1.917   1.00 4.65  ? 310 TRP A NE1  1 
ATOM   1057 C  CE2  . TRP A 1 74  ? 15.405  -2.520  0.674   1.00 4.81  ? 310 TRP A CE2  1 
ATOM   1058 C  CE3  . TRP A 1 74  ? 13.373  -1.737  -0.372  1.00 4.64  ? 310 TRP A CE3  1 
ATOM   1059 C  CZ2  . TRP A 1 74  ? 16.110  -2.426  -0.523  1.00 5.77  ? 310 TRP A CZ2  1 
ATOM   1060 C  CZ3  . TRP A 1 74  ? 14.074  -1.645  -1.560  1.00 5.67  ? 310 TRP A CZ3  1 
ATOM   1061 C  CH2  . TRP A 1 74  ? 15.430  -1.989  -1.628  1.00 6.12  ? 310 TRP A CH2  1 
ATOM   1062 H  H    . TRP A 1 74  ? 10.401  -0.456  4.352   1.00 2.43  ? 310 TRP A H    1 
ATOM   1063 H  HA   . TRP A 1 74  ? 12.929  -1.796  4.725   1.00 2.23  ? 310 TRP A HA   1 
ATOM   1064 H  HB2  . TRP A 1 74  ? 11.860  -3.142  2.938   1.00 2.70  ? 310 TRP A HB2  1 
ATOM   1065 H  HB3  . TRP A 1 74  ? 11.678  -1.684  1.969   1.00 2.55  ? 310 TRP A HB3  1 
ATOM   1066 H  HD1  . TRP A 1 74  ? 14.786  -3.097  3.837   1.00 3.76  ? 310 TRP A HD1  1 
ATOM   1067 H  HE1  . TRP A 1 74  ? 16.726  -3.216  2.148   1.00 5.26  ? 310 TRP A HE1  1 
ATOM   1068 H  HE3  . TRP A 1 74  ? 12.327  -1.468  -0.338  1.00 4.48  ? 310 TRP A HE3  1 
ATOM   1069 H  HZ2  . TRP A 1 74  ? 17.155  -2.688  -0.593  1.00 6.38  ? 310 TRP A HZ2  1 
ATOM   1070 H  HZ3  . TRP A 1 74  ? 13.574  -1.304  -2.454  1.00 6.28  ? 310 TRP A HZ3  1 
ATOM   1071 H  HH2  . TRP A 1 74  ? 15.938  -1.901  -2.576  1.00 6.94  ? 310 TRP A HH2  1 
ATOM   1072 N  N    . LYS A 1 75  ? 12.338  1.051   4.463   1.00 1.67  ? 311 LYS A N    1 
ATOM   1073 C  CA   . LYS A 1 75  ? 12.728  2.449   4.309   1.00 2.05  ? 311 LYS A CA   1 
ATOM   1074 C  C    . LYS A 1 75  ? 12.326  3.218   5.573   1.00 1.72  ? 311 LYS A C    1 
ATOM   1075 O  O    . LYS A 1 75  ? 11.627  2.667   6.425   1.00 2.04  ? 311 LYS A O    1 
ATOM   1076 C  CB   . LYS A 1 75  ? 12.032  3.047   3.077   1.00 2.88  ? 311 LYS A CB   1 
ATOM   1077 C  CG   . LYS A 1 75  ? 12.814  2.899   1.773   1.00 3.91  ? 311 LYS A CG   1 
ATOM   1078 C  CD   . LYS A 1 75  ? 14.240  3.420   1.889   1.00 4.62  ? 311 LYS A CD   1 
ATOM   1079 C  CE   . LYS A 1 75  ? 15.263  2.294   1.919   1.00 5.66  ? 311 LYS A CE   1 
ATOM   1080 N  NZ   . LYS A 1 75  ? 15.013  1.279   0.858   1.00 5.94  ? 311 LYS A NZ   1 
ATOM   1081 H  H    . LYS A 1 75  ? 11.690  0.827   5.160   1.00 1.77  ? 311 LYS A H    1 
ATOM   1082 H  HA   . LYS A 1 75  ? 13.800  2.496   4.183   1.00 2.59  ? 311 LYS A HA   1 
ATOM   1083 H  HB2  . LYS A 1 75  ? 11.081  2.554   2.950   1.00 2.96  ? 311 LYS A HB2  1 
ATOM   1084 H  HB3  . LYS A 1 75  ? 11.856  4.095   3.249   1.00 3.07  ? 311 LYS A HB3  1 
ATOM   1085 H  HG2  . LYS A 1 75  ? 12.842  1.858   1.499   1.00 4.19  ? 311 LYS A HG2  1 
ATOM   1086 H  HG3  . LYS A 1 75  ? 12.302  3.456   1.001   1.00 4.34  ? 311 LYS A HG3  1 
ATOM   1087 H  HD2  . LYS A 1 75  ? 14.450  4.054   1.041   1.00 4.84  ? 311 LYS A HD2  1 
ATOM   1088 H  HD3  . LYS A 1 75  ? 14.330  3.994   2.795   1.00 4.60  ? 311 LYS A HD3  1 
ATOM   1089 H  HE2  . LYS A 1 75  ? 16.246  2.715   1.773   1.00 6.16  ? 311 LYS A HE2  1 
ATOM   1090 H  HE3  . LYS A 1 75  ? 15.221  1.812   2.884   1.00 6.05  ? 311 LYS A HE3  1 
ATOM   1091 H  HZ1  . LYS A 1 75  ? 14.373  0.540   1.213   1.00 6.40  ? 311 LYS A HZ1  1 
ATOM   1092 H  HZ2  . LYS A 1 75  ? 15.907  0.837   0.567   1.00 6.02  ? 311 LYS A HZ2  1 
ATOM   1093 H  HZ3  . LYS A 1 75  ? 14.577  1.731   0.028   1.00 5.96  ? 311 LYS A HZ3  1 
ATOM   1094 N  N    . PRO A 1 76  ? 12.764  4.484   5.732   1.00 2.06  ? 312 PRO A N    1 
ATOM   1095 C  CA   . PRO A 1 76  ? 12.433  5.289   6.915   1.00 2.51  ? 312 PRO A CA   1 
ATOM   1096 C  C    . PRO A 1 76  ? 10.966  5.173   7.331   1.00 2.10  ? 312 PRO A C    1 
ATOM   1097 O  O    . PRO A 1 76  ? 10.151  4.597   6.609   1.00 2.80  ? 312 PRO A O    1 
ATOM   1098 C  CB   . PRO A 1 76  ? 12.753  6.709   6.459   1.00 3.59  ? 312 PRO A CB   1 
ATOM   1099 C  CG   . PRO A 1 76  ? 13.871  6.541   5.490   1.00 3.79  ? 312 PRO A CG   1 
ATOM   1100 C  CD   . PRO A 1 76  ? 13.626  5.228   4.792   1.00 2.89  ? 312 PRO A CD   1 
ATOM   1101 H  HA   . PRO A 1 76  ? 13.062  5.030   7.754   1.00 3.02  ? 312 PRO A HA   1 
ATOM   1102 H  HB2  . PRO A 1 76  ? 11.882  7.146   5.991   1.00 3.89  ? 312 PRO A HB2  1 
ATOM   1103 H  HB3  . PRO A 1 76  ? 13.053  7.305   7.308   1.00 4.28  ? 312 PRO A HB3  1 
ATOM   1104 H  HG2  . PRO A 1 76  ? 13.861  7.351   4.776   1.00 4.21  ? 312 PRO A HG2  1 
ATOM   1105 H  HG3  . PRO A 1 76  ? 14.813  6.514   6.017   1.00 4.49  ? 312 PRO A HG3  1 
ATOM   1106 H  HD2  . PRO A 1 76  ? 13.125  5.395   3.852   1.00 3.02  ? 312 PRO A HD2  1 
ATOM   1107 H  HD3  . PRO A 1 76  ? 14.560  4.708   4.635   1.00 3.19  ? 312 PRO A HD3  1 
ATOM   1108 N  N    . SER A 1 77  ? 10.656  5.725   8.510   1.00 1.70  ? 313 SER A N    1 
ATOM   1109 C  CA   . SER A 1 77  ? 9.302   5.703   9.080   1.00 2.05  ? 313 SER A CA   1 
ATOM   1110 C  C    . SER A 1 77  ? 8.211   5.746   8.012   1.00 1.64  ? 313 SER A C    1 
ATOM   1111 O  O    . SER A 1 77  ? 7.205   5.049   8.143   1.00 2.05  ? 313 SER A O    1 
ATOM   1112 C  CB   . SER A 1 77  ? 9.121   6.879   10.041  1.00 3.01  ? 313 SER A CB   1 
ATOM   1113 O  OG   . SER A 1 77  ? 8.165   6.578   11.044  1.00 3.75  ? 313 SER A OG   1 
ATOM   1114 H  H    . SER A 1 77  ? 11.370  6.159   9.023   1.00 1.88  ? 313 SER A H    1 
ATOM   1115 H  HA   . SER A 1 77  ? 9.199   4.785   9.638   1.00 2.62  ? 313 SER A HA   1 
ATOM   1116 H  HB2  . SER A 1 77  ? 10.064  7.102   10.516  1.00 3.42  ? 313 SER A HB2  1 
ATOM   1117 H  HB3  . SER A 1 77  ? 8.784   7.743   9.487   1.00 3.33  ? 313 SER A HB3  1 
ATOM   1118 H  HG   . SER A 1 77  ? 7.934   5.647   10.998  1.00 4.03  ? 313 SER A HG   1 
ATOM   1119 N  N    . GLU A 1 78  ? 8.442   6.552   6.963   1.00 1.73  ? 314 GLU A N    1 
ATOM   1120 C  CA   . GLU A 1 78  ? 7.514   6.713   5.828   1.00 1.91  ? 314 GLU A CA   1 
ATOM   1121 C  C    . GLU A 1 78  ? 6.098   6.220   6.124   1.00 1.27  ? 314 GLU A C    1 
ATOM   1122 O  O    . GLU A 1 78  ? 5.827   5.021   6.068   1.00 1.87  ? 314 GLU A O    1 
ATOM   1123 C  CB   . GLU A 1 78  ? 8.063   5.980   4.604   1.00 2.78  ? 314 GLU A CB   1 
ATOM   1124 C  CG   . GLU A 1 78  ? 9.447   6.451   4.185   1.00 3.56  ? 314 GLU A CG   1 
ATOM   1125 C  CD   . GLU A 1 78  ? 9.610   7.952   4.303   1.00 4.43  ? 314 GLU A CD   1 
ATOM   1126 O  OE1  . GLU A 1 78  ? 9.660   8.457   5.444   1.00 5.09  ? 314 GLU A OE1  1 
ATOM   1127 O  OE2  . GLU A 1 78  ? 9.689   8.626   3.254   1.00 4.75  ? 314 GLU A OE2  1 
ATOM   1128 H  H    . GLU A 1 78  ? 9.283   7.053   6.932   1.00 2.23  ? 314 GLU A H    1 
ATOM   1129 H  HA   . GLU A 1 78  ? 7.465   7.765   5.600   1.00 2.46  ? 314 GLU A HA   1 
ATOM   1130 H  HB2  . GLU A 1 78  ? 8.116   4.924   4.823   1.00 2.96  ? 314 GLU A HB2  1 
ATOM   1131 H  HB3  . GLU A 1 78  ? 7.388   6.133   3.774   1.00 3.24  ? 314 GLU A HB3  1 
ATOM   1132 H  HG2  . GLU A 1 78  ? 10.182  5.973   4.816   1.00 3.45  ? 314 GLU A HG2  1 
ATOM   1133 H  HG3  . GLU A 1 78  ? 9.615   6.163   3.157   1.00 4.00  ? 314 GLU A HG3  1 
ATOM   1134 N  N    . ASP A 1 79  ? 5.198   7.147   6.430   1.00 1.03  ? 315 ASP A N    1 
ATOM   1135 C  CA   . ASP A 1 79  ? 3.815   6.789   6.724   1.00 0.67  ? 315 ASP A CA   1 
ATOM   1136 C  C    . ASP A 1 79  ? 3.255   5.890   5.623   1.00 0.55  ? 315 ASP A C    1 
ATOM   1137 O  O    . ASP A 1 79  ? 3.508   6.120   4.440   1.00 0.54  ? 315 ASP A O    1 
ATOM   1138 C  CB   . ASP A 1 79  ? 2.956   8.050   6.856   1.00 1.21  ? 315 ASP A CB   1 
ATOM   1139 C  CG   . ASP A 1 79  ? 3.371   8.911   8.032   1.00 1.62  ? 315 ASP A CG   1 
ATOM   1140 O  OD1  . ASP A 1 79  ? 4.407   8.603   8.658   1.00 2.11  ? 315 ASP A OD1  1 
ATOM   1141 O  OD2  . ASP A 1 79  ? 2.659   9.895   8.326   1.00 2.34  ? 315 ASP A OD2  1 
ATOM   1142 H  H    . ASP A 1 79  ? 5.466   8.089   6.456   1.00 1.76  ? 315 ASP A H    1 
ATOM   1143 H  HA   . ASP A 1 79  ? 3.806   6.255   7.661   1.00 1.01  ? 315 ASP A HA   1 
ATOM   1144 H  HB2  . ASP A 1 79  ? 3.048   8.637   5.954   1.00 1.74  ? 315 ASP A HB2  1 
ATOM   1145 H  HB3  . ASP A 1 79  ? 1.924   7.761   6.989   1.00 1.83  ? 315 ASP A HB3  1 
ATOM   1146 N  N    . PRO A 1 80  ? 2.485   4.850   5.989   1.00 0.59  ? 316 PRO A N    1 
ATOM   1147 C  CA   . PRO A 1 80  ? 1.899   3.927   5.013   1.00 0.58  ? 316 PRO A CA   1 
ATOM   1148 C  C    . PRO A 1 80  ? 1.187   4.660   3.882   1.00 0.51  ? 316 PRO A C    1 
ATOM   1149 O  O    . PRO A 1 80  ? 1.073   4.144   2.772   1.00 0.52  ? 316 PRO A O    1 
ATOM   1150 C  CB   . PRO A 1 80  ? 0.899   3.121   5.843   1.00 0.69  ? 316 PRO A CB   1 
ATOM   1151 C  CG   . PRO A 1 80  ? 1.447   3.157   7.227   1.00 0.99  ? 316 PRO A CG   1 
ATOM   1152 C  CD   . PRO A 1 80  ? 2.123   4.494   7.374   1.00 0.78  ? 316 PRO A CD   1 
ATOM   1153 H  HA   . PRO A 1 80  ? 2.644   3.265   4.599   1.00 0.62  ? 316 PRO A HA   1 
ATOM   1154 H  HB2  . PRO A 1 80  ? -0.075  3.584   5.789   1.00 0.77  ? 316 PRO A HB2  1 
ATOM   1155 H  HB3  . PRO A 1 80  ? 0.846   2.111   5.466   1.00 0.83  ? 316 PRO A HB3  1 
ATOM   1156 H  HG2  . PRO A 1 80  ? 0.643   3.061   7.941   1.00 1.36  ? 316 PRO A HG2  1 
ATOM   1157 H  HG3  . PRO A 1 80  ? 2.163   2.358   7.359   1.00 1.30  ? 316 PRO A HG3  1 
ATOM   1158 H  HD2  . PRO A 1 80  ? 1.438   5.218   7.791   1.00 0.87  ? 316 PRO A HD2  1 
ATOM   1159 H  HD3  . PRO A 1 80  ? 3.003   4.405   7.991   1.00 0.87  ? 316 PRO A HD3  1 
ATOM   1160 N  N    . TRP A 1 81  ? 0.711   5.865   4.169   1.00 0.50  ? 317 TRP A N    1 
ATOM   1161 C  CA   . TRP A 1 81  ? 0.015   6.665   3.171   1.00 0.47  ? 317 TRP A CA   1 
ATOM   1162 C  C    . TRP A 1 81  ? 0.946   7.020   2.014   1.00 0.46  ? 317 TRP A C    1 
ATOM   1163 O  O    . TRP A 1 81  ? 0.636   6.765   0.851   1.00 0.47  ? 317 TRP A O    1 
ATOM   1164 C  CB   . TRP A 1 81  ? -0.542  7.936   3.814   1.00 0.52  ? 317 TRP A CB   1 
ATOM   1165 C  CG   . TRP A 1 81  ? -2.037  7.984   3.834   1.00 0.43  ? 317 TRP A CG   1 
ATOM   1166 C  CD1  . TRP A 1 81  ? -2.836  8.357   4.877   1.00 0.54  ? 317 TRP A CD1  1 
ATOM   1167 C  CD2  . TRP A 1 81  ? -2.915  7.642   2.758   1.00 0.32  ? 317 TRP A CD2  1 
ATOM   1168 N  NE1  . TRP A 1 81  ? -4.158  8.274   4.510   1.00 0.48  ? 317 TRP A NE1  1 
ATOM   1169 C  CE2  . TRP A 1 81  ? -4.232  7.835   3.214   1.00 0.37  ? 317 TRP A CE2  1 
ATOM   1170 C  CE3  . TRP A 1 81  ? -2.712  7.198   1.450   1.00 0.32  ? 317 TRP A CE3  1 
ATOM   1171 C  CZ2  . TRP A 1 81  ? -5.342  7.592   2.408   1.00 0.42  ? 317 TRP A CZ2  1 
ATOM   1172 C  CZ3  . TRP A 1 81  ? -3.812  6.963   0.651   1.00 0.44  ? 317 TRP A CZ3  1 
ATOM   1173 C  CH2  . TRP A 1 81  ? -5.112  7.159   1.131   1.00 0.48  ? 317 TRP A CH2  1 
ATOM   1174 H  H    . TRP A 1 81  ? 0.833   6.227   5.071   1.00 0.54  ? 317 TRP A H    1 
ATOM   1175 H  HA   . TRP A 1 81  ? -0.805  6.076   2.788   1.00 0.45  ? 317 TRP A HA   1 
ATOM   1176 H  HB2  . TRP A 1 81  ? -0.192  7.998   4.834   1.00 0.63  ? 317 TRP A HB2  1 
ATOM   1177 H  HB3  . TRP A 1 81  ? -0.186  8.796   3.264   1.00 0.54  ? 317 TRP A HB3  1 
ATOM   1178 H  HD1  . TRP A 1 81  ? -2.469  8.673   5.842   1.00 0.70  ? 317 TRP A HD1  1 
ATOM   1179 H  HE1  . TRP A 1 81  ? -4.921  8.518   5.074   1.00 0.57  ? 317 TRP A HE1  1 
ATOM   1180 H  HE3  . TRP A 1 81  ? -1.717  7.041   1.062   1.00 0.34  ? 317 TRP A HE3  1 
ATOM   1181 H  HZ2  . TRP A 1 81  ? -6.352  7.732   2.764   1.00 0.50  ? 317 TRP A HZ2  1 
ATOM   1182 H  HZ3  . TRP A 1 81  ? -3.674  6.624   -0.364  1.00 0.55  ? 317 TRP A HZ3  1 
ATOM   1183 H  HH2  . TRP A 1 81  ? -5.943  6.962   0.469   1.00 0.61  ? 317 TRP A HH2  1 
ATOM   1184 N  N    . GLU A 1 82  ? 2.091   7.603   2.349   1.00 0.49  ? 318 GLU A N    1 
ATOM   1185 C  CA   . GLU A 1 82  ? 3.084   7.990   1.351   1.00 0.51  ? 318 GLU A CA   1 
ATOM   1186 C  C    . GLU A 1 82  ? 3.733   6.765   0.714   1.00 0.47  ? 318 GLU A C    1 
ATOM   1187 O  O    . GLU A 1 82  ? 3.850   6.672   -0.508  1.00 0.52  ? 318 GLU A O    1 
ATOM   1188 C  CB   . GLU A 1 82  ? 4.165   8.855   2.002   1.00 0.57  ? 318 GLU A CB   1 
ATOM   1189 C  CG   . GLU A 1 82  ? 4.938   9.708   1.011   1.00 0.58  ? 318 GLU A CG   1 
ATOM   1190 C  CD   . GLU A 1 82  ? 6.383   9.916   1.420   1.00 0.90  ? 318 GLU A CD   1 
ATOM   1191 O  OE1  . GLU A 1 82  ? 7.206   9.010   1.172   1.00 1.55  ? 318 GLU A OE1  1 
ATOM   1192 O  OE2  . GLU A 1 82  ? 6.691   10.985  1.988   1.00 1.57  ? 318 GLU A OE2  1 
ATOM   1193 H  H    . GLU A 1 82  ? 2.280   7.773   3.295   1.00 0.53  ? 318 GLU A H    1 
ATOM   1194 H  HA   . GLU A 1 82  ? 2.601   8.569   0.580   1.00 0.53  ? 318 GLU A HA   1 
ATOM   1195 H  HB2  . GLU A 1 82  ? 3.698   9.513   2.723   1.00 0.68  ? 318 GLU A HB2  1 
ATOM   1196 H  HB3  . GLU A 1 82  ? 4.866   8.212   2.515   1.00 0.60  ? 318 GLU A HB3  1 
ATOM   1197 H  HG2  . GLU A 1 82  ? 4.921   9.221   0.047   1.00 0.81  ? 318 GLU A HG2  1 
ATOM   1198 H  HG3  . GLU A 1 82  ? 4.458   10.673  0.934   1.00 0.79  ? 318 GLU A HG3  1 
ATOM   1199 N  N    . GLN A 1 83  ? 4.161   5.836   1.557   1.00 0.46  ? 319 GLN A N    1 
ATOM   1200 C  CA   . GLN A 1 83  ? 4.814   4.616   1.100   1.00 0.46  ? 319 GLN A CA   1 
ATOM   1201 C  C    . GLN A 1 83  ? 3.916   3.792   0.182   1.00 0.47  ? 319 GLN A C    1 
ATOM   1202 O  O    . GLN A 1 83  ? 4.386   3.245   -0.815  1.00 0.51  ? 319 GLN A O    1 
ATOM   1203 C  CB   . GLN A 1 83  ? 5.245   3.778   2.305   1.00 0.46  ? 319 GLN A CB   1 
ATOM   1204 C  CG   . GLN A 1 83  ? 6.411   2.849   2.015   1.00 0.97  ? 319 GLN A CG   1 
ATOM   1205 C  CD   . GLN A 1 83  ? 6.683   1.884   3.153   1.00 1.23  ? 319 GLN A CD   1 
ATOM   1206 O  OE1  . GLN A 1 83  ? 5.896   1.780   4.095   1.00 1.82  ? 319 GLN A OE1  1 
ATOM   1207 N  NE2  . GLN A 1 83  ? 7.802   1.174   3.073   1.00 1.93  ? 319 GLN A NE2  1 
ATOM   1208 H  H    . GLN A 1 83  ? 4.043   5.979   2.520   1.00 0.50  ? 319 GLN A H    1 
ATOM   1209 H  HA   . GLN A 1 83  ? 5.696   4.896   0.544   1.00 0.49  ? 319 GLN A HA   1 
ATOM   1210 H  HB2  . GLN A 1 83  ? 5.534   4.444   3.104   1.00 0.84  ? 319 GLN A HB2  1 
ATOM   1211 H  HB3  . GLN A 1 83  ? 4.406   3.182   2.633   1.00 0.91  ? 319 GLN A HB3  1 
ATOM   1212 H  HG2  . GLN A 1 83  ? 6.189   2.279   1.125   1.00 1.74  ? 319 GLN A HG2  1 
ATOM   1213 H  HG3  . GLN A 1 83  ? 7.297   3.445   1.849   1.00 1.56  ? 319 GLN A HG3  1 
ATOM   1214 H  HE21 . GLN A 1 83  ? 8.381   1.311   2.294   1.00 2.40  ? 319 GLN A HE21 1 
ATOM   1215 H  HE22 . GLN A 1 83  ? 8.001   0.542   3.795   1.00 2.32  ? 319 GLN A HE22 1 
ATOM   1216 N  N    . HIS A 1 84  ? 2.635   3.672   0.523   1.00 0.48  ? 320 HIS A N    1 
ATOM   1217 C  CA   . HIS A 1 84  ? 1.731   2.869   -0.291  1.00 0.52  ? 320 HIS A CA   1 
ATOM   1218 C  C    . HIS A 1 84  ? 1.501   3.483   -1.672  1.00 0.46  ? 320 HIS A C    1 
ATOM   1219 O  O    . HIS A 1 84  ? 1.630   2.809   -2.696  1.00 0.45  ? 320 HIS A O    1 
ATOM   1220 C  CB   . HIS A 1 84  ? 0.383   2.661   0.409   1.00 0.59  ? 320 HIS A CB   1 
ATOM   1221 C  CG   . HIS A 1 84  ? -0.391  1.529   -0.189  1.00 0.65  ? 320 HIS A CG   1 
ATOM   1222 N  ND1  . HIS A 1 84  ? 0.227   0.445   -0.764  1.00 1.67  ? 320 HIS A ND1  1 
ATOM   1223 C  CD2  . HIS A 1 84  ? -1.724  1.332   -0.352  1.00 0.55  ? 320 HIS A CD2  1 
ATOM   1224 C  CE1  . HIS A 1 84  ? -0.681  -0.361  -1.267  1.00 1.48  ? 320 HIS A CE1  1 
ATOM   1225 N  NE2  . HIS A 1 84  ? -1.881  0.144   -1.032  1.00 0.45  ? 320 HIS A NE2  1 
ATOM   1226 H  H    . HIS A 1 84  ? 2.301   4.096   1.340   1.00 0.48  ? 320 HIS A H    1 
ATOM   1227 H  HA   . HIS A 1 84  ? 2.209   1.907   -0.387  1.00 0.59  ? 320 HIS A HA   1 
ATOM   1228 H  HB2  . HIS A 1 84  ? 0.553   2.439   1.451   1.00 0.65  ? 320 HIS A HB2  1 
ATOM   1229 H  HB3  . HIS A 1 84  ? -0.209  3.559   0.321   1.00 0.57  ? 320 HIS A HB3  1 
ATOM   1230 H  HD1  . HIS A 1 84  ? 1.187   0.258   -0.734  1.00 2.46  ? 320 HIS A HD1  1 
ATOM   1231 H  HD2  . HIS A 1 84  ? -2.513  1.980   -0.005  1.00 1.43  ? 320 HIS A HD2  1 
ATOM   1232 H  HE1  . HIS A 1 84  ? -0.480  -1.286  -1.786  1.00 2.18  ? 320 HIS A HE1  1 
ATOM   1233 N  N    . ALA A 1 85  ? 1.145   4.769   -1.689  1.00 0.44  ? 321 ALA A N    1 
ATOM   1234 C  CA   . ALA A 1 85  ? 0.878   5.483   -2.934  1.00 0.41  ? 321 ALA A CA   1 
ATOM   1235 C  C    . ALA A 1 85  ? 2.045   5.377   -3.908  1.00 0.38  ? 321 ALA A C    1 
ATOM   1236 O  O    . ALA A 1 85  ? 1.846   5.311   -5.121  1.00 0.36  ? 321 ALA A O    1 
ATOM   1237 C  CB   . ALA A 1 85  ? 0.565   6.943   -2.643  1.00 0.45  ? 321 ALA A CB   1 
ATOM   1238 H  H    . ALA A 1 85  ? 1.057   5.253   -0.842  1.00 0.47  ? 321 ALA A H    1 
ATOM   1239 H  HA   . ALA A 1 85  ? 0.005   5.039   -3.391  1.00 0.41  ? 321 ALA A HA   1 
ATOM   1240 H  HB1  . ALA A 1 85  ? 0.706   7.140   -1.591  1.00 1.10  ? 321 ALA A HB1  1 
ATOM   1241 H  HB2  . ALA A 1 85  ? -0.461  7.152   -2.913  1.00 1.02  ? 321 ALA A HB2  1 
ATOM   1242 H  HB3  . ALA A 1 85  ? 1.223   7.576   -3.219  1.00 1.12  ? 321 ALA A HB3  1 
ATOM   1243 N  N    . LYS A 1 86  ? 3.261   5.353   -3.376  1.00 0.41  ? 322 LYS A N    1 
ATOM   1244 C  CA   . LYS A 1 86  ? 4.448   5.244   -4.213  1.00 0.42  ? 322 LYS A CA   1 
ATOM   1245 C  C    . LYS A 1 86  ? 4.597   3.819   -4.728  1.00 0.42  ? 322 LYS A C    1 
ATOM   1246 O  O    . LYS A 1 86  ? 5.087   3.590   -5.835  1.00 0.49  ? 322 LYS A O    1 
ATOM   1247 C  CB   . LYS A 1 86  ? 5.694   5.651   -3.427  1.00 0.49  ? 322 LYS A CB   1 
ATOM   1248 C  CG   . LYS A 1 86  ? 6.033   7.127   -3.544  1.00 0.90  ? 322 LYS A CG   1 
ATOM   1249 C  CD   . LYS A 1 86  ? 7.495   7.392   -3.223  1.00 1.36  ? 322 LYS A CD   1 
ATOM   1250 C  CE   . LYS A 1 86  ? 8.042   8.548   -4.046  1.00 1.90  ? 322 LYS A CE   1 
ATOM   1251 N  NZ   . LYS A 1 86  ? 9.264   8.162   -4.805  1.00 2.30  ? 322 LYS A NZ   1 
ATOM   1252 H  H    . LYS A 1 86  ? 3.361   5.400   -2.401  1.00 0.45  ? 322 LYS A H    1 
ATOM   1253 H  HA   . LYS A 1 86  ? 4.326   5.910   -5.054  1.00 0.43  ? 322 LYS A HA   1 
ATOM   1254 H  HB2  . LYS A 1 86  ? 5.540   5.419   -2.383  1.00 0.71  ? 322 LYS A HB2  1 
ATOM   1255 H  HB3  . LYS A 1 86  ? 6.535   5.082   -3.793  1.00 0.82  ? 322 LYS A HB3  1 
ATOM   1256 H  HG2  . LYS A 1 86  ? 5.833   7.453   -4.553  1.00 1.44  ? 322 LYS A HG2  1 
ATOM   1257 H  HG3  . LYS A 1 86  ? 5.416   7.683   -2.854  1.00 1.54  ? 322 LYS A HG3  1 
ATOM   1258 H  HD2  . LYS A 1 86  ? 7.586   7.637   -2.175  1.00 1.94  ? 322 LYS A HD2  1 
ATOM   1259 H  HD3  . LYS A 1 86  ? 8.068   6.504   -3.440  1.00 1.85  ? 322 LYS A HD3  1 
ATOM   1260 H  HE2  . LYS A 1 86  ? 7.283   8.867   -4.745  1.00 2.42  ? 322 LYS A HE2  1 
ATOM   1261 H  HE3  . LYS A 1 86  ? 8.284   9.364   -3.382  1.00 2.40  ? 322 LYS A HE3  1 
ATOM   1262 H  HZ1  . LYS A 1 86  ? 10.012  8.871   -4.661  1.00 2.74  ? 322 LYS A HZ1  1 
ATOM   1263 H  HZ2  . LYS A 1 86  ? 9.051   8.102   -5.821  1.00 2.66  ? 322 LYS A HZ2  1 
ATOM   1264 H  HZ3  . LYS A 1 86  ? 9.610   7.237   -4.479  1.00 2.58  ? 322 LYS A HZ3  1 
ATOM   1265 N  N    . TRP A 1 87  ? 4.169   2.864   -3.911  1.00 0.46  ? 323 TRP A N    1 
ATOM   1266 C  CA   . TRP A 1 87  ? 4.244   1.455   -4.261  1.00 0.52  ? 323 TRP A CA   1 
ATOM   1267 C  C    . TRP A 1 87  ? 3.455   1.150   -5.528  1.00 0.41  ? 323 TRP A C    1 
ATOM   1268 O  O    . TRP A 1 87  ? 3.861   0.315   -6.337  1.00 0.43  ? 323 TRP A O    1 
ATOM   1269 C  CB   . TRP A 1 87  ? 3.707   0.609   -3.111  1.00 0.68  ? 323 TRP A CB   1 
ATOM   1270 C  CG   . TRP A 1 87  ? 4.574   -0.559  -2.786  1.00 0.55  ? 323 TRP A CG   1 
ATOM   1271 C  CD1  . TRP A 1 87  ? 5.663   -0.563  -1.967  1.00 1.19  ? 323 TRP A CD1  1 
ATOM   1272 C  CD2  . TRP A 1 87  ? 4.428   -1.895  -3.279  1.00 0.58  ? 323 TRP A CD2  1 
ATOM   1273 N  NE1  . TRP A 1 87  ? 6.205   -1.828  -1.915  1.00 1.71  ? 323 TRP A NE1  1 
ATOM   1274 C  CE2  . TRP A 1 87  ? 5.461   -2.664  -2.713  1.00 1.30  ? 323 TRP A CE2  1 
ATOM   1275 C  CE3  . TRP A 1 87  ? 3.519   -2.516  -4.141  1.00 0.51  ? 323 TRP A CE3  1 
ATOM   1276 C  CZ2  . TRP A 1 87  ? 5.608   -4.025  -2.985  1.00 1.58  ? 323 TRP A CZ2  1 
ATOM   1277 C  CZ3  . TRP A 1 87  ? 3.667   -3.862  -4.410  1.00 0.49  ? 323 TRP A CZ3  1 
ATOM   1278 C  CH2  . TRP A 1 87  ? 4.704   -4.604  -3.832  1.00 1.05  ? 323 TRP A CH2  1 
ATOM   1279 H  H    . TRP A 1 87  ? 3.791   3.115   -3.042  1.00 0.53  ? 323 TRP A H    1 
ATOM   1280 H  HA   . TRP A 1 87  ? 5.281   1.205   -4.424  1.00 0.61  ? 323 TRP A HA   1 
ATOM   1281 H  HB2  . TRP A 1 87  ? 3.629   1.223   -2.226  1.00 1.17  ? 323 TRP A HB2  1 
ATOM   1282 H  HB3  . TRP A 1 87  ? 2.727   0.237   -3.373  1.00 1.14  ? 323 TRP A HB3  1 
ATOM   1283 H  HD1  . TRP A 1 87  ? 6.030   0.314   -1.440  1.00 1.34  ? 323 TRP A HD1  1 
ATOM   1284 H  HE1  . TRP A 1 87  ? 6.992   -2.089  -1.392  1.00 2.31  ? 323 TRP A HE1  1 
ATOM   1285 H  HE3  . TRP A 1 87  ? 2.712   -1.959  -4.597  1.00 0.99  ? 323 TRP A HE3  1 
ATOM   1286 H  HZ2  . TRP A 1 87  ? 6.394   -4.616  -2.545  1.00 2.22  ? 323 TRP A HZ2  1 
ATOM   1287 H  HZ3  . TRP A 1 87  ? 2.975   -4.358  -5.074  1.00 0.63  ? 323 TRP A HZ3  1 
ATOM   1288 H  HH2  . TRP A 1 87  ? 4.781   -5.655  -4.071  1.00 1.24  ? 323 TRP A HH2  1 
ATOM   1289 N  N    . TYR A 1 88  ? 2.324   1.827   -5.696  1.00 0.36  ? 324 TYR A N    1 
ATOM   1290 C  CA   . TYR A 1 88  ? 1.483   1.617   -6.870  1.00 0.38  ? 324 TYR A CA   1 
ATOM   1291 C  C    . TYR A 1 88  ? 0.158   2.371   -6.738  1.00 0.36  ? 324 TYR A C    1 
ATOM   1292 O  O    . TYR A 1 88  ? -0.576  2.171   -5.769  1.00 0.39  ? 324 TYR A O    1 
ATOM   1293 C  CB   . TYR A 1 88  ? 1.201   0.125   -7.056  1.00 0.50  ? 324 TYR A CB   1 
ATOM   1294 C  CG   . TYR A 1 88  ? 1.696   -0.434  -8.372  1.00 0.69  ? 324 TYR A CG   1 
ATOM   1295 C  CD1  . TYR A 1 88  ? 1.148   -0.013  -9.578  1.00 1.34  ? 324 TYR A CD1  1 
ATOM   1296 C  CD2  . TYR A 1 88  ? 2.709   -1.383  -8.407  1.00 1.54  ? 324 TYR A CD2  1 
ATOM   1297 C  CE1  . TYR A 1 88  ? 1.596   -0.524  -10.782 1.00 1.48  ? 324 TYR A CE1  1 
ATOM   1298 C  CE2  . TYR A 1 88  ? 3.162   -1.899  -9.607  1.00 1.76  ? 324 TYR A CE2  1 
ATOM   1299 C  CZ   . TYR A 1 88  ? 2.602   -1.466  -10.791 1.00 1.26  ? 324 TYR A CZ   1 
ATOM   1300 O  OH   . TYR A 1 88  ? 3.050   -1.978  -11.986 1.00 1.57  ? 324 TYR A OH   1 
ATOM   1301 H  H    . TYR A 1 88  ? 2.052   2.481   -5.017  1.00 0.39  ? 324 TYR A H    1 
ATOM   1302 H  HA   . TYR A 1 88  ? 2.022   1.982   -7.729  1.00 0.39  ? 324 TYR A HA   1 
ATOM   1303 H  HB2  . TYR A 1 88  ? 1.679   -0.429  -6.263  1.00 0.50  ? 324 TYR A HB2  1 
ATOM   1304 H  HB3  . TYR A 1 88  ? 0.134   -0.039  -7.008  1.00 0.64  ? 324 TYR A HB3  1 
ATOM   1305 H  HD1  . TYR A 1 88  ? 0.360   0.724   -9.568  1.00 2.14  ? 324 TYR A HD1  1 
ATOM   1306 H  HD2  . TYR A 1 88  ? 3.145   -1.720  -7.479  1.00 2.32  ? 324 TYR A HD2  1 
ATOM   1307 H  HE1  . TYR A 1 88  ? 1.158   -0.185  -11.709 1.00 2.25  ? 324 TYR A HE1  1 
ATOM   1308 H  HE2  . TYR A 1 88  ? 3.950   -2.637  -9.613  1.00 2.63  ? 324 TYR A HE2  1 
ATOM   1309 H  HH   . TYR A 1 88  ? 2.321   -2.405  -12.445 1.00 1.95  ? 324 TYR A HH   1 
ATOM   1310 N  N    . PRO A 1 89  ? -0.182  3.242   -7.708  1.00 0.34  ? 325 PRO A N    1 
ATOM   1311 C  CA   . PRO A 1 89  ? -1.435  3.997   -7.673  1.00 0.36  ? 325 PRO A CA   1 
ATOM   1312 C  C    . PRO A 1 89  ? -2.646  3.148   -8.064  1.00 0.37  ? 325 PRO A C    1 
ATOM   1313 O  O    . PRO A 1 89  ? -3.788  3.568   -7.883  1.00 0.42  ? 325 PRO A O    1 
ATOM   1314 C  CB   . PRO A 1 89  ? -1.205  5.101   -8.700  1.00 0.38  ? 325 PRO A CB   1 
ATOM   1315 C  CG   . PRO A 1 89  ? -0.266  4.501   -9.689  1.00 0.37  ? 325 PRO A CG   1 
ATOM   1316 C  CD   . PRO A 1 89  ? 0.613   3.553   -8.915  1.00 0.37  ? 325 PRO A CD   1 
ATOM   1317 H  HA   . PRO A 1 89  ? -1.604  4.437   -6.699  1.00 0.37  ? 325 PRO A HA   1 
ATOM   1318 H  HB2  . PRO A 1 89  ? -2.148  5.371   -9.157  1.00 0.41  ? 325 PRO A HB2  1 
ATOM   1319 H  HB3  . PRO A 1 89  ? -0.772  5.964   -8.216  1.00 0.41  ? 325 PRO A HB3  1 
ATOM   1320 H  HG2  . PRO A 1 89  ? -0.823  3.964   -10.442 1.00 0.38  ? 325 PRO A HG2  1 
ATOM   1321 H  HG3  . PRO A 1 89  ? 0.331   5.277   -10.146 1.00 0.40  ? 325 PRO A HG3  1 
ATOM   1322 H  HD2  . PRO A 1 89  ? 0.801   2.661   -9.491  1.00 0.41  ? 325 PRO A HD2  1 
ATOM   1323 H  HD3  . PRO A 1 89  ? 1.542   4.035   -8.649  1.00 0.41  ? 325 PRO A HD3  1 
ATOM   1324 N  N    . GLY A 1 90  ? -2.395  1.956   -8.605  1.00 0.35  ? 326 GLY A N    1 
ATOM   1325 C  CA   . GLY A 1 90  ? -3.483  1.085   -9.010  1.00 0.40  ? 326 GLY A CA   1 
ATOM   1326 C  C    . GLY A 1 90  ? -3.980  0.198   -7.881  1.00 0.48  ? 326 GLY A C    1 
ATOM   1327 O  O    . GLY A 1 90  ? -4.114  -1.014  -8.049  1.00 0.95  ? 326 GLY A O    1 
ATOM   1328 H  H    . GLY A 1 90  ? -1.472  1.668   -8.736  1.00 0.34  ? 326 GLY A H    1 
ATOM   1329 H  HA2  . GLY A 1 90  ? -4.303  1.692   -9.361  1.00 0.42  ? 326 GLY A HA2  1 
ATOM   1330 H  HA3  . GLY A 1 90  ? -3.142  0.457   -9.821  1.00 0.40  ? 326 GLY A HA3  1 
ATOM   1331 N  N    . CYS A 1 91  ? -4.266  0.806   -6.734  1.00 0.24  ? 327 CYS A N    1 
ATOM   1332 C  CA   . CYS A 1 91  ? -4.766  0.072   -5.579  1.00 0.23  ? 327 CYS A CA   1 
ATOM   1333 C  C    . CYS A 1 91  ? -6.186  0.539   -5.250  1.00 0.23  ? 327 CYS A C    1 
ATOM   1334 O  O    . CYS A 1 91  ? -6.385  1.664   -4.790  1.00 0.24  ? 327 CYS A O    1 
ATOM   1335 C  CB   . CYS A 1 91  ? -3.830  0.266   -4.378  1.00 0.24  ? 327 CYS A CB   1 
ATOM   1336 S  SG   . CYS A 1 91  ? -2.706  -1.145  -4.054  1.00 0.30  ? 327 CYS A SG   1 
ATOM   1337 H  H    . CYS A 1 91  ? -4.150  1.775   -6.666  1.00 0.52  ? 327 CYS A H    1 
ATOM   1338 H  HA   . CYS A 1 91  ? -4.796  -0.976  -5.840  1.00 0.24  ? 327 CYS A HA   1 
ATOM   1339 H  HB2  . CYS A 1 91  ? -3.216  1.138   -4.551  1.00 0.28  ? 327 CYS A HB2  1 
ATOM   1340 H  HB3  . CYS A 1 91  ? -4.424  0.426   -3.492  1.00 0.25  ? 327 CYS A HB3  1 
ATOM   1341 N  N    . LYS A 1 92  ? -7.161  -0.329  -5.536  1.00 0.27  ? 328 LYS A N    1 
ATOM   1342 C  CA   . LYS A 1 92  ? -8.589  -0.043  -5.327  1.00 0.31  ? 328 LYS A CA   1 
ATOM   1343 C  C    . LYS A 1 92  ? -8.860  0.864   -4.118  1.00 0.33  ? 328 LYS A C    1 
ATOM   1344 O  O    . LYS A 1 92  ? -8.926  2.085   -4.262  1.00 0.32  ? 328 LYS A O    1 
ATOM   1345 C  CB   . LYS A 1 92  ? -9.369  -1.355  -5.190  1.00 0.35  ? 328 LYS A CB   1 
ATOM   1346 C  CG   . LYS A 1 92  ? -9.978  -1.847  -6.493  1.00 0.44  ? 328 LYS A CG   1 
ATOM   1347 C  CD   . LYS A 1 92  ? -9.434  -3.213  -6.882  1.00 0.57  ? 328 LYS A CD   1 
ATOM   1348 C  CE   . LYS A 1 92  ? -7.923  -3.187  -7.043  1.00 0.57  ? 328 LYS A CE   1 
ATOM   1349 N  NZ   . LYS A 1 92  ? -7.420  -4.388  -7.764  1.00 1.05  ? 328 LYS A NZ   1 
ATOM   1350 H  H    . LYS A 1 92  ? -6.915  -1.192  -5.930  1.00 0.29  ? 328 LYS A H    1 
ATOM   1351 H  HA   . LYS A 1 92  ? -8.942  0.467   -6.211  1.00 0.33  ? 328 LYS A HA   1 
ATOM   1352 H  HB2  . LYS A 1 92  ? -8.702  -2.118  -4.819  1.00 0.35  ? 328 LYS A HB2  1 
ATOM   1353 H  HB3  . LYS A 1 92  ? -10.167 -1.211  -4.477  1.00 0.45  ? 328 LYS A HB3  1 
ATOM   1354 H  HG2  . LYS A 1 92  ? -11.049 -1.920  -6.374  1.00 0.58  ? 328 LYS A HG2  1 
ATOM   1355 H  HG3  . LYS A 1 92  ? -9.747  -1.141  -7.277  1.00 0.50  ? 328 LYS A HG3  1 
ATOM   1356 H  HD2  . LYS A 1 92  ? -9.691  -3.924  -6.112  1.00 0.85  ? 328 LYS A HD2  1 
ATOM   1357 H  HD3  . LYS A 1 92  ? -9.882  -3.515  -7.817  1.00 0.89  ? 328 LYS A HD3  1 
ATOM   1358 H  HE2  . LYS A 1 92  ? -7.649  -2.303  -7.601  1.00 0.84  ? 328 LYS A HE2  1 
ATOM   1359 H  HE3  . LYS A 1 92  ? -7.471  -3.149  -6.064  1.00 0.51  ? 328 LYS A HE3  1 
ATOM   1360 H  HZ1  . LYS A 1 92  ? -6.444  -4.597  -7.472  1.00 1.49  ? 328 LYS A HZ1  1 
ATOM   1361 H  HZ2  . LYS A 1 92  ? -7.433  -4.222  -8.790  1.00 1.56  ? 328 LYS A HZ2  1 
ATOM   1362 H  HZ3  . LYS A 1 92  ? -8.020  -5.210  -7.550  1.00 1.56  ? 328 LYS A HZ3  1 
ATOM   1363 N  N    . TYR A 1 93  ? -9.030  0.266   -2.937  1.00 0.41  ? 329 TYR A N    1 
ATOM   1364 C  CA   . TYR A 1 93  ? -9.309  1.020   -1.713  1.00 0.49  ? 329 TYR A CA   1 
ATOM   1365 C  C    . TYR A 1 93  ? -8.441  2.266   -1.590  1.00 0.39  ? 329 TYR A C    1 
ATOM   1366 O  O    . TYR A 1 93  ? -8.951  3.370   -1.396  1.00 0.36  ? 329 TYR A O    1 
ATOM   1367 C  CB   . TYR A 1 93  ? -9.086  0.126   -0.493  1.00 0.69  ? 329 TYR A CB   1 
ATOM   1368 C  CG   . TYR A 1 93  ? -9.503  0.755   0.823   1.00 1.05  ? 329 TYR A CG   1 
ATOM   1369 C  CD1  . TYR A 1 93  ? -10.199 1.960   0.867   1.00 1.54  ? 329 TYR A CD1  1 
ATOM   1370 C  CD2  . TYR A 1 93  ? -9.200  0.134   2.027   1.00 1.92  ? 329 TYR A CD2  1 
ATOM   1371 C  CE1  . TYR A 1 93  ? -10.577 2.523   2.071   1.00 1.90  ? 329 TYR A CE1  1 
ATOM   1372 C  CE2  . TYR A 1 93  ? -9.574  0.691   3.235   1.00 2.27  ? 329 TYR A CE2  1 
ATOM   1373 C  CZ   . TYR A 1 93  ? -10.261 1.885   3.252   1.00 1.97  ? 329 TYR A CZ   1 
ATOM   1374 O  OH   . TYR A 1 93  ? -10.635 2.443   4.453   1.00 2.45  ? 329 TYR A OH   1 
ATOM   1375 H  H    . TYR A 1 93  ? -8.976  -0.710  -2.880  1.00 0.47  ? 329 TYR A H    1 
ATOM   1376 H  HA   . TYR A 1 93  ? -10.348 1.314   -1.718  1.00 0.58  ? 329 TYR A HA   1 
ATOM   1377 H  HB2  . TYR A 1 93  ? -9.658  -0.782  -0.617  1.00 0.63  ? 329 TYR A HB2  1 
ATOM   1378 H  HB3  . TYR A 1 93  ? -8.037  -0.123  -0.426  1.00 0.89  ? 329 TYR A HB3  1 
ATOM   1379 H  HD1  . TYR A 1 93  ? -10.450 2.458   -0.055  1.00 2.14  ? 329 TYR A HD1  1 
ATOM   1380 H  HD2  . TYR A 1 93  ? -8.665  -0.803  2.012   1.00 2.60  ? 329 TYR A HD2  1 
ATOM   1381 H  HE1  . TYR A 1 93  ? -11.117 3.458   2.084   1.00 2.58  ? 329 TYR A HE1  1 
ATOM   1382 H  HE2  . TYR A 1 93  ? -9.327  0.191   4.160   1.00 3.10  ? 329 TYR A HE2  1 
ATOM   1383 H  HH   . TYR A 1 93  ? -10.302 1.904   5.174   1.00 2.50  ? 329 TYR A HH   1 
ATOM   1384 N  N    . LEU A 1 94  ? -7.127  2.073   -1.692  1.00 0.39  ? 330 LEU A N    1 
ATOM   1385 C  CA   . LEU A 1 94  ? -6.164  3.168   -1.582  1.00 0.39  ? 330 LEU A CA   1 
ATOM   1386 C  C    . LEU A 1 94  ? -6.655  4.423   -2.299  1.00 0.34  ? 330 LEU A C    1 
ATOM   1387 O  O    . LEU A 1 94  ? -6.623  5.520   -1.743  1.00 0.39  ? 330 LEU A O    1 
ATOM   1388 C  CB   . LEU A 1 94  ? -4.809  2.727   -2.151  1.00 0.44  ? 330 LEU A CB   1 
ATOM   1389 C  CG   . LEU A 1 94  ? -3.609  3.612   -1.799  1.00 0.46  ? 330 LEU A CG   1 
ATOM   1390 C  CD1  . LEU A 1 94  ? -3.451  4.743   -2.803  1.00 0.54  ? 330 LEU A CD1  1 
ATOM   1391 C  CD2  . LEU A 1 94  ? -3.741  4.157   -0.386  1.00 0.61  ? 330 LEU A CD2  1 
ATOM   1392 H  H    . LEU A 1 94  ? -6.792  1.163   -1.834  1.00 0.43  ? 330 LEU A H    1 
ATOM   1393 H  HA   . LEU A 1 94  ? -6.050  3.392   -0.535  1.00 0.45  ? 330 LEU A HA   1 
ATOM   1394 H  HB2  . LEU A 1 94  ? -4.607  1.733   -1.785  1.00 0.48  ? 330 LEU A HB2  1 
ATOM   1395 H  HB3  . LEU A 1 94  ? -4.893  2.684   -3.227  1.00 0.47  ? 330 LEU A HB3  1 
ATOM   1396 H  HG   . LEU A 1 94  ? -2.713  3.015   -1.842  1.00 0.43  ? 330 LEU A HG   1 
ATOM   1397 H  HD11 . LEU A 1 94  ? -2.861  5.533   -2.364  1.00 1.17  ? 330 LEU A HD11 1 
ATOM   1398 H  HD12 . LEU A 1 94  ? -4.421  5.127   -3.074  1.00 1.23  ? 330 LEU A HD12 1 
ATOM   1399 H  HD13 . LEU A 1 94  ? -2.952  4.372   -3.687  1.00 1.08  ? 330 LEU A HD13 1 
ATOM   1400 H  HD21 . LEU A 1 94  ? -2.843  4.693   -0.120  1.00 1.21  ? 330 LEU A HD21 1 
ATOM   1401 H  HD22 . LEU A 1 94  ? -3.895  3.342   0.305   1.00 1.28  ? 330 LEU A HD22 1 
ATOM   1402 H  HD23 . LEU A 1 94  ? -4.587  4.828   -0.340  1.00 0.95  ? 330 LEU A HD23 1 
ATOM   1403 N  N    . LEU A 1 95  ? -7.107  4.251   -3.536  1.00 0.30  ? 331 LEU A N    1 
ATOM   1404 C  CA   . LEU A 1 95  ? -7.602  5.369   -4.332  1.00 0.31  ? 331 LEU A CA   1 
ATOM   1405 C  C    . LEU A 1 95  ? -8.971  5.828   -3.838  1.00 0.30  ? 331 LEU A C    1 
ATOM   1406 O  O    . LEU A 1 95  ? -9.252  7.023   -3.781  1.00 0.34  ? 331 LEU A O    1 
ATOM   1407 C  CB   . LEU A 1 95  ? -7.681  4.966   -5.805  1.00 0.32  ? 331 LEU A CB   1 
ATOM   1408 C  CG   . LEU A 1 95  ? -6.445  5.322   -6.628  1.00 0.39  ? 331 LEU A CG   1 
ATOM   1409 C  CD1  . LEU A 1 95  ? -6.402  6.816   -6.883  1.00 0.61  ? 331 LEU A CD1  1 
ATOM   1410 C  CD2  . LEU A 1 95  ? -5.181  4.867   -5.914  1.00 0.53  ? 331 LEU A CD2  1 
ATOM   1411 H  H    . LEU A 1 95  ? -7.105  3.353   -3.924  1.00 0.31  ? 331 LEU A H    1 
ATOM   1412 H  HA   . LEU A 1 95  ? -6.904  6.185   -4.228  1.00 0.35  ? 331 LEU A HA   1 
ATOM   1413 H  HB2  . LEU A 1 95  ? -7.832  3.897   -5.858  1.00 0.33  ? 331 LEU A HB2  1 
ATOM   1414 H  HB3  . LEU A 1 95  ? -8.535  5.457   -6.247  1.00 0.39  ? 331 LEU A HB3  1 
ATOM   1415 H  HG   . LEU A 1 95  ? -6.493  4.818   -7.583  1.00 0.34  ? 331 LEU A HG   1 
ATOM   1416 H  HD11 . LEU A 1 95  ? -5.444  7.204   -6.573  1.00 1.28  ? 331 LEU A HD11 1 
ATOM   1417 H  HD12 . LEU A 1 95  ? -7.187  7.299   -6.316  1.00 1.07  ? 331 LEU A HD12 1 
ATOM   1418 H  HD13 . LEU A 1 95  ? -6.546  7.008   -7.935  1.00 1.28  ? 331 LEU A HD13 1 
ATOM   1419 H  HD21 . LEU A 1 95  ? -5.169  3.790   -5.853  1.00 1.12  ? 331 LEU A HD21 1 
ATOM   1420 H  HD22 . LEU A 1 95  ? -5.161  5.286   -4.918  1.00 1.14  ? 331 LEU A HD22 1 
ATOM   1421 H  HD23 . LEU A 1 95  ? -4.316  5.207   -6.464  1.00 1.14  ? 331 LEU A HD23 1 
ATOM   1422 N  N    . GLU A 1 96  ? -9.821  4.872   -3.499  1.00 0.28  ? 332 GLU A N    1 
ATOM   1423 C  CA   . GLU A 1 96  ? -11.169 5.172   -3.025  1.00 0.31  ? 332 GLU A CA   1 
ATOM   1424 C  C    . GLU A 1 96  ? -11.166 6.143   -1.840  1.00 0.30  ? 332 GLU A C    1 
ATOM   1425 O  O    . GLU A 1 96  ? -12.185 6.769   -1.549  1.00 0.34  ? 332 GLU A O    1 
ATOM   1426 C  CB   . GLU A 1 96  ? -11.884 3.880   -2.630  1.00 0.36  ? 332 GLU A CB   1 
ATOM   1427 C  CG   . GLU A 1 96  ? -13.351 4.077   -2.287  1.00 0.72  ? 332 GLU A CG   1 
ATOM   1428 C  CD   . GLU A 1 96  ? -14.112 2.769   -2.206  1.00 0.79  ? 332 GLU A CD   1 
ATOM   1429 O  OE1  . GLU A 1 96  ? -13.544 1.726   -2.594  1.00 1.36  ? 332 GLU A OE1  1 
ATOM   1430 O  OE2  . GLU A 1 96  ? -15.276 2.786   -1.754  1.00 1.39  ? 332 GLU A OE2  1 
ATOM   1431 H  H    . GLU A 1 96  ? -9.544  3.938   -3.589  1.00 0.27  ? 332 GLU A H    1 
ATOM   1432 H  HA   . GLU A 1 96  ? -11.708 5.629   -3.841  1.00 0.35  ? 332 GLU A HA   1 
ATOM   1433 H  HB2  . GLU A 1 96  ? -11.819 3.180   -3.451  1.00 0.64  ? 332 GLU A HB2  1 
ATOM   1434 H  HB3  . GLU A 1 96  ? -11.389 3.458   -1.768  1.00 0.47  ? 332 GLU A HB3  1 
ATOM   1435 H  HG2  . GLU A 1 96  ? -13.420 4.576   -1.333  1.00 1.06  ? 332 GLU A HG2  1 
ATOM   1436 H  HG3  . GLU A 1 96  ? -13.805 4.694   -3.049  1.00 0.99  ? 332 GLU A HG3  1 
ATOM   1437 N  N    . GLN A 1 97  ? -10.036 6.254   -1.141  1.00 0.28  ? 333 GLN A N    1 
ATOM   1438 C  CA   . GLN A 1 97  ? -9.953  7.137   0.021   1.00 0.30  ? 333 GLN A CA   1 
ATOM   1439 C  C    . GLN A 1 97  ? -9.531  8.563   -0.348  1.00 0.30  ? 333 GLN A C    1 
ATOM   1440 O  O    . GLN A 1 97  ? -10.320 9.498   -0.212  1.00 0.37  ? 333 GLN A O    1 
ATOM   1441 C  CB   . GLN A 1 97  ? -8.997  6.554   1.064   1.00 0.30  ? 333 GLN A CB   1 
ATOM   1442 C  CG   . GLN A 1 97  ? -9.026  7.284   2.397   1.00 0.38  ? 333 GLN A CG   1 
ATOM   1443 C  CD   . GLN A 1 97  ? -10.364 7.164   3.098   1.00 0.35  ? 333 GLN A CD   1 
ATOM   1444 O  OE1  . GLN A 1 97  ? -11.367 7.720   2.649   1.00 0.67  ? 333 GLN A OE1  1 
ATOM   1445 N  NE2  . GLN A 1 97  ? -10.385 6.432   4.206   1.00 0.69  ? 333 GLN A NE2  1 
ATOM   1446 H  H    . GLN A 1 97  ? -9.255  5.722   -1.395  1.00 0.28  ? 333 GLN A H    1 
ATOM   1447 H  HA   . GLN A 1 97  ? -10.943 7.196   0.446   1.00 0.31  ? 333 GLN A HA   1 
ATOM   1448 H  HB2  . GLN A 1 97  ? -9.259  5.521   1.240   1.00 0.33  ? 333 GLN A HB2  1 
ATOM   1449 H  HB3  . GLN A 1 97  ? -7.989  6.600   0.677   1.00 0.33  ? 333 GLN A HB3  1 
ATOM   1450 H  HG2  . GLN A 1 97  ? -8.263  6.866   3.037   1.00 0.58  ? 333 GLN A HG2  1 
ATOM   1451 H  HG3  . GLN A 1 97  ? -8.817  8.330   2.224   1.00 0.66  ? 333 GLN A HG3  1 
ATOM   1452 H  HE21 . GLN A 1 97  ? -9.549  6.018   4.500   1.00 0.94  ? 333 GLN A HE21 1 
ATOM   1453 H  HE22 . GLN A 1 97  ? -11.235 6.338   4.683   1.00 0.88  ? 333 GLN A HE22 1 
ATOM   1454 N  N    . LYS A 1 98  ? -8.290  8.738   -0.799  1.00 0.27  ? 334 LYS A N    1 
ATOM   1455 C  CA   . LYS A 1 98  ? -7.795  10.067  -1.163  1.00 0.29  ? 334 LYS A CA   1 
ATOM   1456 C  C    . LYS A 1 98  ? -7.752  10.282  -2.677  1.00 0.28  ? 334 LYS A C    1 
ATOM   1457 O  O    . LYS A 1 98  ? -7.100  11.213  -3.157  1.00 0.30  ? 334 LYS A O    1 
ATOM   1458 C  CB   . LYS A 1 98  ? -6.405  10.299  -0.573  1.00 0.30  ? 334 LYS A CB   1 
ATOM   1459 C  CG   . LYS A 1 98  ? -6.323  9.993   0.910   1.00 0.36  ? 334 LYS A CG   1 
ATOM   1460 C  CD   . LYS A 1 98  ? -6.755  11.186  1.750   1.00 0.91  ? 334 LYS A CD   1 
ATOM   1461 C  CE   . LYS A 1 98  ? -5.614  11.724  2.600   1.00 0.65  ? 334 LYS A CE   1 
ATOM   1462 N  NZ   . LYS A 1 98  ? -5.960  11.740  4.048   1.00 0.84  ? 334 LYS A NZ   1 
ATOM   1463 H  H    . LYS A 1 98  ? -7.695  7.963   -0.882  1.00 0.27  ? 334 LYS A H    1 
ATOM   1464 H  HA   . LYS A 1 98  ? -8.466  10.797  -0.736  1.00 0.31  ? 334 LYS A HA   1 
ATOM   1465 H  HB2  . LYS A 1 98  ? -5.692  9.673   -1.092  1.00 0.33  ? 334 LYS A HB2  1 
ATOM   1466 H  HB3  . LYS A 1 98  ? -6.137  11.334  -0.717  1.00 0.32  ? 334 LYS A HB3  1 
ATOM   1467 H  HG2  . LYS A 1 98  ? -6.967  9.155   1.132   1.00 0.91  ? 334 LYS A HG2  1 
ATOM   1468 H  HG3  . LYS A 1 98  ? -5.304  9.739   1.155   1.00 0.74  ? 334 LYS A HG3  1 
ATOM   1469 H  HD2  . LYS A 1 98  ? -7.099  11.969  1.092   1.00 1.53  ? 334 LYS A HD2  1 
ATOM   1470 H  HD3  . LYS A 1 98  ? -7.563  10.880  2.399   1.00 1.59  ? 334 LYS A HD3  1 
ATOM   1471 H  HE2  . LYS A 1 98  ? -4.745  11.102  2.455   1.00 0.83  ? 334 LYS A HE2  1 
ATOM   1472 H  HE3  . LYS A 1 98  ? -5.392  12.733  2.282   1.00 0.72  ? 334 LYS A HE3  1 
ATOM   1473 H  HZ1  . LYS A 1 98  ? -6.336  10.814  4.336   1.00 1.31  ? 334 LYS A HZ1  1 
ATOM   1474 H  HZ2  . LYS A 1 98  ? -6.679  12.467  4.237   1.00 1.44  ? 334 LYS A HZ2  1 
ATOM   1475 H  HZ3  . LYS A 1 98  ? -5.114  11.950  4.615   1.00 1.19  ? 334 LYS A HZ3  1 
ATOM   1476 N  N    . GLY A 1 99  ? -8.446  9.434   -3.430  1.00 0.27  ? 335 GLY A N    1 
ATOM   1477 C  CA   . GLY A 1 99  ? -8.469  9.570   -4.872  1.00 0.27  ? 335 GLY A CA   1 
ATOM   1478 C  C    . GLY A 1 99  ? -7.084  9.650   -5.483  1.00 0.25  ? 335 GLY A C    1 
ATOM   1479 O  O    . GLY A 1 99  ? -6.073  9.644   -4.773  1.00 0.24  ? 335 GLY A O    1 
ATOM   1480 H  H    . GLY A 1 99  ? -8.951  8.713   -3.008  1.00 0.27  ? 335 GLY A H    1 
ATOM   1481 H  HA2  . GLY A 1 99  ? -8.984  8.720   -5.293  1.00 0.27  ? 335 GLY A HA2  1 
ATOM   1482 H  HA3  . GLY A 1 99  ? -9.013  10.467  -5.128  1.00 0.30  ? 335 GLY A HA3  1 
ATOM   1483 N  N    . GLN A 1 100 ? -7.039  9.732   -6.807  1.00 0.25  ? 336 GLN A N    1 
ATOM   1484 C  CA   . GLN A 1 100 ? -5.777  9.816   -7.526  1.00 0.25  ? 336 GLN A CA   1 
ATOM   1485 C  C    . GLN A 1 100 ? -5.132  11.189  -7.359  1.00 0.26  ? 336 GLN A C    1 
ATOM   1486 O  O    . GLN A 1 100 ? -3.930  11.339  -7.560  1.00 0.27  ? 336 GLN A O    1 
ATOM   1487 C  CB   . GLN A 1 100 ? -5.986  9.515   -9.009  1.00 0.27  ? 336 GLN A CB   1 
ATOM   1488 C  CG   . GLN A 1 100 ? -5.152  8.348   -9.508  1.00 0.27  ? 336 GLN A CG   1 
ATOM   1489 C  CD   . GLN A 1 100 ? -5.950  7.388   -10.368 1.00 0.29  ? 336 GLN A CD   1 
ATOM   1490 O  OE1  . GLN A 1 100 ? -7.169  7.285   -10.235 1.00 0.95  ? 336 GLN A OE1  1 
ATOM   1491 N  NE2  . GLN A 1 100 ? -5.263  6.678   -11.254 1.00 1.05  ? 336 GLN A NE2  1 
ATOM   1492 H  H    . GLN A 1 100 ? -7.876  9.738   -7.313  1.00 0.27  ? 336 GLN A H    1 
ATOM   1493 H  HA   . GLN A 1 100 ? -5.113  9.074   -7.110  1.00 0.24  ? 336 GLN A HA   1 
ATOM   1494 H  HB2  . GLN A 1 100 ? -7.027  9.284   -9.175  1.00 0.28  ? 336 GLN A HB2  1 
ATOM   1495 H  HB3  . GLN A 1 100 ? -5.723  10.391  -9.583  1.00 0.30  ? 336 GLN A HB3  1 
ATOM   1496 H  HG2  . GLN A 1 100 ? -4.330  8.733   -10.094 1.00 0.30  ? 336 GLN A HG2  1 
ATOM   1497 H  HG3  . GLN A 1 100 ? -4.764  7.810   -8.654  1.00 0.28  ? 336 GLN A HG3  1 
ATOM   1498 H  HE21 . GLN A 1 100 ? -4.293  6.812   -11.304 1.00 1.72  ? 336 GLN A HE21 1 
ATOM   1499 H  HE22 . GLN A 1 100 ? -5.753  6.049   -11.824 1.00 1.08  ? 336 GLN A HE22 1 
ATOM   1500 N  N    . GLU A 1 101 ? -5.923  12.187  -6.971  1.00 0.28  ? 337 GLU A N    1 
ATOM   1501 C  CA   . GLU A 1 101 ? -5.389  13.524  -6.762  1.00 0.31  ? 337 GLU A CA   1 
ATOM   1502 C  C    . GLU A 1 101 ? -4.322  13.477  -5.676  1.00 0.29  ? 337 GLU A C    1 
ATOM   1503 O  O    . GLU A 1 101 ? -3.281  14.130  -5.777  1.00 0.31  ? 337 GLU A O    1 
ATOM   1504 C  CB   . GLU A 1 101 ? -6.503  14.499  -6.368  1.00 0.35  ? 337 GLU A CB   1 
ATOM   1505 C  CG   . GLU A 1 101 ? -7.455  13.954  -5.315  1.00 0.43  ? 337 GLU A CG   1 
ATOM   1506 C  CD   . GLU A 1 101 ? -8.366  15.023  -4.743  1.00 0.99  ? 337 GLU A CD   1 
ATOM   1507 O  OE1  . GLU A 1 101 ? -8.297  16.177  -5.218  1.00 1.60  ? 337 GLU A OE1  1 
ATOM   1508 O  OE2  . GLU A 1 101 ? -9.149  14.707  -3.823  1.00 1.76  ? 337 GLU A OE2  1 
ATOM   1509 H  H    . GLU A 1 101 ? -6.871  12.019  -6.806  1.00 0.28  ? 337 GLU A H    1 
ATOM   1510 H  HA   . GLU A 1 101 ? -4.936  13.852  -7.686  1.00 0.32  ? 337 GLU A HA   1 
ATOM   1511 H  HB2  . GLU A 1 101 ? -6.054  15.402  -5.982  1.00 0.36  ? 337 GLU A HB2  1 
ATOM   1512 H  HB3  . GLU A 1 101 ? -7.078  14.743  -7.250  1.00 0.40  ? 337 GLU A HB3  1 
ATOM   1513 H  HG2  . GLU A 1 101 ? -8.068  13.187  -5.762  1.00 0.76  ? 337 GLU A HG2  1 
ATOM   1514 H  HG3  . GLU A 1 101 ? -6.875  13.528  -4.509  1.00 0.57  ? 337 GLU A HG3  1 
ATOM   1515 N  N    . TYR A 1 102 ? -4.583  12.677  -4.645  1.00 0.28  ? 338 TYR A N    1 
ATOM   1516 C  CA   . TYR A 1 102 ? -3.647  12.519  -3.546  1.00 0.29  ? 338 TYR A CA   1 
ATOM   1517 C  C    . TYR A 1 102 ? -2.484  11.631  -3.964  1.00 0.27  ? 338 TYR A C    1 
ATOM   1518 O  O    . TYR A 1 102 ? -1.324  12.035  -3.890  1.00 0.29  ? 338 TYR A O    1 
ATOM   1519 C  CB   . TYR A 1 102 ? -4.352  11.917  -2.331  1.00 0.30  ? 338 TYR A CB   1 
ATOM   1520 C  CG   . TYR A 1 102 ? -3.468  11.805  -1.108  1.00 0.33  ? 338 TYR A CG   1 
ATOM   1521 C  CD1  . TYR A 1 102 ? -3.300  12.882  -0.246  1.00 1.25  ? 338 TYR A CD1  1 
ATOM   1522 C  CD2  . TYR A 1 102 ? -2.804  10.621  -0.815  1.00 1.19  ? 338 TYR A CD2  1 
ATOM   1523 C  CE1  . TYR A 1 102 ? -2.495  12.782  0.873   1.00 1.29  ? 338 TYR A CE1  1 
ATOM   1524 C  CE2  . TYR A 1 102 ? -1.997  10.513  0.303   1.00 1.19  ? 338 TYR A CE2  1 
ATOM   1525 C  CZ   . TYR A 1 102 ? -1.846  11.596  1.143   1.00 0.44  ? 338 TYR A CZ   1 
ATOM   1526 O  OH   . TYR A 1 102 ? -1.046  11.493  2.257   1.00 0.50  ? 338 TYR A OH   1 
ATOM   1527 H  H    . TYR A 1 102 ? -5.423  12.168  -4.632  1.00 0.29  ? 338 TYR A H    1 
ATOM   1528 H  HA   . TYR A 1 102 ? -3.266  13.494  -3.282  1.00 0.31  ? 338 TYR A HA   1 
ATOM   1529 H  HB2  . TYR A 1 102 ? -5.197  12.535  -2.072  1.00 0.34  ? 338 TYR A HB2  1 
ATOM   1530 H  HB3  . TYR A 1 102 ? -4.701  10.926  -2.581  1.00 0.28  ? 338 TYR A HB3  1 
ATOM   1531 H  HD1  . TYR A 1 102 ? -3.809  13.810  -0.460  1.00 2.14  ? 338 TYR A HD1  1 
ATOM   1532 H  HD2  . TYR A 1 102 ? -2.922  9.775   -1.475  1.00 2.08  ? 338 TYR A HD2  1 
ATOM   1533 H  HE1  . TYR A 1 102 ? -2.377  13.631  1.530   1.00 2.19  ? 338 TYR A HE1  1 
ATOM   1534 H  HE2  . TYR A 1 102 ? -1.490  9.583   0.514   1.00 2.07  ? 338 TYR A HE2  1 
ATOM   1535 H  HH   . TYR A 1 102 ? -1.323  12.138  2.911   1.00 0.88  ? 338 TYR A HH   1 
ATOM   1536 N  N    . ILE A 1 103 ? -2.798  10.412  -4.397  1.00 0.24  ? 339 ILE A N    1 
ATOM   1537 C  CA   . ILE A 1 103 ? -1.755  9.476   -4.814  1.00 0.24  ? 339 ILE A CA   1 
ATOM   1538 C  C    . ILE A 1 103 ? -0.834  10.126  -5.840  1.00 0.25  ? 339 ILE A C    1 
ATOM   1539 O  O    . ILE A 1 103 ? 0.363   9.850   -5.876  1.00 0.27  ? 339 ILE A O    1 
ATOM   1540 C  CB   . ILE A 1 103 ? -2.313  8.169   -5.412  1.00 0.24  ? 339 ILE A CB   1 
ATOM   1541 C  CG1  . ILE A 1 103 ? -3.550  7.690   -4.650  1.00 0.24  ? 339 ILE A CG1  1 
ATOM   1542 C  CG2  . ILE A 1 103 ? -1.235  7.095   -5.398  1.00 0.26  ? 339 ILE A CG2  1 
ATOM   1543 C  CD1  . ILE A 1 103 ? -3.493  7.953   -3.159  1.00 0.26  ? 339 ILE A CD1  1 
ATOM   1544 H  H    . ILE A 1 103 ? -3.743  10.141  -4.423  1.00 0.24  ? 339 ILE A H    1 
ATOM   1545 H  HA   . ILE A 1 103 ? -1.171  9.225   -3.939  1.00 0.24  ? 339 ILE A HA   1 
ATOM   1546 H  HB   . ILE A 1 103 ? -2.583  8.358   -6.442  1.00 0.26  ? 339 ILE A HB   1 
ATOM   1547 H  HG12 . ILE A 1 103 ? -4.420  8.190   -5.043  1.00 0.24  ? 339 ILE A HG12 1 
ATOM   1548 H  HG13 . ILE A 1 103 ? -3.659  6.625   -4.795  1.00 0.25  ? 339 ILE A HG13 1 
ATOM   1549 H  HG21 . ILE A 1 103 ? -0.328  7.501   -4.970  1.00 1.02  ? 339 ILE A HG21 1 
ATOM   1550 H  HG22 . ILE A 1 103 ? -1.040  6.765   -6.407  1.00 1.06  ? 339 ILE A HG22 1 
ATOM   1551 H  HG23 . ILE A 1 103 ? -1.569  6.257   -4.803  1.00 0.98  ? 339 ILE A HG23 1 
ATOM   1552 H  HD11 . ILE A 1 103 ? -4.005  7.161   -2.633  1.00 0.96  ? 339 ILE A HD11 1 
ATOM   1553 H  HD12 . ILE A 1 103 ? -3.971  8.895   -2.939  1.00 0.98  ? 339 ILE A HD12 1 
ATOM   1554 H  HD13 . ILE A 1 103 ? -2.462  7.989   -2.838  1.00 1.03  ? 339 ILE A HD13 1 
ATOM   1555 N  N    . ASN A 1 104 ? -1.402  10.996  -6.668  1.00 0.30  ? 340 ASN A N    1 
ATOM   1556 C  CA   . ASN A 1 104 ? -0.629  11.693  -7.686  1.00 0.33  ? 340 ASN A CA   1 
ATOM   1557 C  C    . ASN A 1 104 ? 0.336   12.669  -7.030  1.00 0.35  ? 340 ASN A C    1 
ATOM   1558 O  O    . ASN A 1 104 ? 1.490   12.790  -7.439  1.00 0.38  ? 340 ASN A O    1 
ATOM   1559 C  CB   . ASN A 1 104 ? -1.558  12.435  -8.650  1.00 0.34  ? 340 ASN A CB   1 
ATOM   1560 C  CG   . ASN A 1 104 ? -2.188  11.509  -9.673  1.00 0.37  ? 340 ASN A CG   1 
ATOM   1561 O  OD1  . ASN A 1 104 ? -1.692  10.411  -9.922  1.00 1.02  ? 340 ASN A OD1  1 
ATOM   1562 N  ND2  . ASN A 1 104 ? -3.288  11.951  -10.272 1.00 1.13  ? 340 ASN A ND2  1 
ATOM   1563 H  H    . ASN A 1 104 ? -2.361  11.180  -6.587  1.00 0.35  ? 340 ASN A H    1 
ATOM   1564 H  HA   . ASN A 1 104 ? -0.063  10.956  -8.235  1.00 0.34  ? 340 ASN A HA   1 
ATOM   1565 H  HB2  . ASN A 1 104 ? -2.348  12.909  -8.087  1.00 0.33  ? 340 ASN A HB2  1 
ATOM   1566 H  HB3  . ASN A 1 104 ? -0.992  13.191  -9.176  1.00 0.39  ? 340 ASN A HB3  1 
ATOM   1567 H  HD21 . ASN A 1 104 ? -3.626  12.836  -10.024 1.00 1.81  ? 340 ASN A HD21 1 
ATOM   1568 H  HD22 . ASN A 1 104 ? -3.717  11.373  -10.937 1.00 1.17  ? 340 ASN A HD22 1 
ATOM   1569 N  N    . ASN A 1 105 ? -0.144  13.350  -5.994  1.00 0.35  ? 341 ASN A N    1 
ATOM   1570 C  CA   . ASN A 1 105 ? 0.679   14.302  -5.261  1.00 0.39  ? 341 ASN A CA   1 
ATOM   1571 C  C    . ASN A 1 105 ? 1.765   13.566  -4.483  1.00 0.36  ? 341 ASN A C    1 
ATOM   1572 O  O    . ASN A 1 105 ? 2.868   14.080  -4.292  1.00 0.40  ? 341 ASN A O    1 
ATOM   1573 C  CB   . ASN A 1 105 ? -0.187  15.126  -4.307  1.00 0.42  ? 341 ASN A CB   1 
ATOM   1574 C  CG   . ASN A 1 105 ? 0.439   16.463  -3.961  1.00 0.52  ? 341 ASN A CG   1 
ATOM   1575 O  OD1  . ASN A 1 105 ? 1.545   16.777  -4.401  1.00 1.09  ? 341 ASN A OD1  1 
ATOM   1576 N  ND2  . ASN A 1 105 ? -0.270  17.259  -3.168  1.00 1.21  ? 341 ASN A ND2  1 
ATOM   1577 H  H    . ASN A 1 105 ? -1.071  13.199  -5.708  1.00 0.33  ? 341 ASN A H    1 
ATOM   1578 H  HA   . ASN A 1 105 ? 1.146   14.962  -5.978  1.00 0.45  ? 341 ASN A HA   1 
ATOM   1579 H  HB2  . ASN A 1 105 ? -1.146  15.309  -4.769  1.00 0.43  ? 341 ASN A HB2  1 
ATOM   1580 H  HB3  . ASN A 1 105 ? -0.333  14.570  -3.393  1.00 0.39  ? 341 ASN A HB3  1 
ATOM   1581 H  HD21 . ASN A 1 105 ? -1.143  16.943  -2.855  1.00 1.85  ? 341 ASN A HD21 1 
ATOM   1582 H  HD22 . ASN A 1 105 ? 0.111   18.130  -2.928  1.00 1.28  ? 341 ASN A HD22 1 
ATOM   1583 N  N    . ILE A 1 106 ? 1.442   12.353  -4.040  1.00 0.33  ? 342 ILE A N    1 
ATOM   1584 C  CA   . ILE A 1 106 ? 2.378   11.530  -3.287  1.00 0.36  ? 342 ILE A CA   1 
ATOM   1585 C  C    . ILE A 1 106 ? 3.432   10.920  -4.204  1.00 0.42  ? 342 ILE A C    1 
ATOM   1586 O  O    . ILE A 1 106 ? 4.609   11.275  -4.138  1.00 0.89  ? 342 ILE A O    1 
ATOM   1587 C  CB   . ILE A 1 106 ? 1.645   10.394  -2.551  1.00 0.36  ? 342 ILE A CB   1 
ATOM   1588 C  CG1  . ILE A 1 106 ? 0.764   10.954  -1.434  1.00 0.38  ? 342 ILE A CG1  1 
ATOM   1589 C  CG2  . ILE A 1 106 ? 2.643   9.390   -1.997  1.00 0.44  ? 342 ILE A CG2  1 
ATOM   1590 C  CD1  . ILE A 1 106 ? 1.466   11.053  -0.097  1.00 0.45  ? 342 ILE A CD1  1 
ATOM   1591 H  H    . ILE A 1 106 ? 0.549   11.998  -4.227  1.00 0.31  ? 342 ILE A H    1 
ATOM   1592 H  HA   . ILE A 1 106 ? 2.863   12.156  -2.554  1.00 0.38  ? 342 ILE A HA   1 
ATOM   1593 H  HB   . ILE A 1 106 ? 1.020   9.880   -3.267  1.00 0.35  ? 342 ILE A HB   1 
ATOM   1594 H  HG12 . ILE A 1 106 ? 0.435   11.944  -1.709  1.00 0.35  ? 342 ILE A HG12 1 
ATOM   1595 H  HG13 . ILE A 1 106 ? -0.097  10.316  -1.312  1.00 0.44  ? 342 ILE A HG13 1 
ATOM   1596 H  HG21 . ILE A 1 106 ? 2.128   8.687   -1.359  1.00 1.08  ? 342 ILE A HG21 1 
ATOM   1597 H  HG22 . ILE A 1 106 ? 3.397   9.909   -1.426  1.00 1.17  ? 342 ILE A HG22 1 
ATOM   1598 H  HG23 . ILE A 1 106 ? 3.110   8.860   -2.814  1.00 1.07  ? 342 ILE A HG23 1 
ATOM   1599 H  HD11 . ILE A 1 106 ? 1.030   11.855  0.481   1.00 0.95  ? 342 ILE A HD11 1 
ATOM   1600 H  HD12 . ILE A 1 106 ? 2.516   11.254  -0.254  1.00 1.17  ? 342 ILE A HD12 1 
ATOM   1601 H  HD13 . ILE A 1 106 ? 1.353   10.121  0.438   1.00 1.19  ? 342 ILE A HD13 1 
ATOM   1602 N  N    . HIS A 1 107 ? 2.991   9.989   -5.050  1.00 0.45  ? 343 HIS A N    1 
ATOM   1603 C  CA   . HIS A 1 107 ? 3.881   9.303   -5.986  1.00 0.48  ? 343 HIS A CA   1 
ATOM   1604 C  C    . HIS A 1 107 ? 4.851   10.275  -6.645  1.00 0.65  ? 343 HIS A C    1 
ATOM   1605 O  O    . HIS A 1 107 ? 6.063   10.055  -6.640  1.00 0.79  ? 343 HIS A O    1 
ATOM   1606 C  CB   . HIS A 1 107 ? 3.066   8.576   -7.058  1.00 0.73  ? 343 HIS A CB   1 
ATOM   1607 C  CG   . HIS A 1 107 ? 3.859   7.560   -7.824  1.00 1.11  ? 343 HIS A CG   1 
ATOM   1608 N  ND1  . HIS A 1 107 ? 5.037   7.859   -8.476  1.00 1.64  ? 343 HIS A ND1  1 
ATOM   1609 C  CD2  . HIS A 1 107 ? 3.636   6.242   -8.041  1.00 1.99  ? 343 HIS A CD2  1 
ATOM   1610 C  CE1  . HIS A 1 107 ? 5.504   6.770   -9.060  1.00 2.12  ? 343 HIS A CE1  1 
ATOM   1611 N  NE2  . HIS A 1 107 ? 4.672   5.775   -8.810  1.00 2.33  ? 343 HIS A NE2  1 
ATOM   1612 H  H    . HIS A 1 107 ? 2.041   9.751   -5.033  1.00 0.81  ? 343 HIS A H    1 
ATOM   1613 H  HA   . HIS A 1 107 ? 4.447   8.576   -5.426  1.00 0.44  ? 343 HIS A HA   1 
ATOM   1614 H  HB2  . HIS A 1 107 ? 2.240   8.065   -6.588  1.00 1.14  ? 343 HIS A HB2  1 
ATOM   1615 H  HB3  . HIS A 1 107 ? 2.684   9.300   -7.761  1.00 1.04  ? 343 HIS A HB3  1 
ATOM   1616 H  HD1  . HIS A 1 107 ? 5.468   8.739   -8.507  1.00 2.14  ? 343 HIS A HD1  1 
ATOM   1617 H  HD2  . HIS A 1 107 ? 2.798   5.664   -7.676  1.00 2.69  ? 343 HIS A HD2  1 
ATOM   1618 H  HE1  . HIS A 1 107 ? 6.411   6.704   -9.642  1.00 2.70  ? 343 HIS A HE1  1 
ATOM   1619 N  N    . LEU A 1 108 ? 4.317   11.350  -7.213  1.00 0.88  ? 344 LEU A N    1 
ATOM   1620 C  CA   . LEU A 1 108 ? 5.148   12.347  -7.872  1.00 1.21  ? 344 LEU A CA   1 
ATOM   1621 C  C    . LEU A 1 108 ? 6.076   13.028  -6.860  1.00 1.80  ? 344 LEU A C    1 
ATOM   1622 O  O    . LEU A 1 108 ? 7.159   12.518  -6.580  1.00 2.55  ? 344 LEU A O    1 
ATOM   1623 C  CB   . LEU A 1 108 ? 4.275   13.371  -8.605  1.00 1.65  ? 344 LEU A CB   1 
ATOM   1624 C  CG   . LEU A 1 108 ? 5.025   14.570  -9.190  1.00 2.14  ? 344 LEU A CG   1 
ATOM   1625 C  CD1  . LEU A 1 108 ? 5.082   14.473  -10.707 1.00 2.85  ? 344 LEU A CD1  1 
ATOM   1626 C  CD2  . LEU A 1 108 ? 4.365   15.873  -8.764  1.00 2.78  ? 344 LEU A CD2  1 
ATOM   1627 H  H    . LEU A 1 108 ? 3.345   11.476  -7.187  1.00 0.93  ? 344 LEU A H    1 
ATOM   1628 H  HA   . LEU A 1 108 ? 5.758   11.829  -8.598  1.00 1.75  ? 344 LEU A HA   1 
ATOM   1629 H  HB2  . LEU A 1 108 ? 3.764   12.864  -9.411  1.00 2.16  ? 344 LEU A HB2  1 
ATOM   1630 H  HB3  . LEU A 1 108 ? 3.534   13.743  -7.912  1.00 2.06  ? 344 LEU A HB3  1 
ATOM   1631 H  HG   . LEU A 1 108 ? 6.039   14.570  -8.819  1.00 2.40  ? 344 LEU A HG   1 
ATOM   1632 H  HD11 . LEU A 1 108 ? 4.783   13.481  -11.017 1.00 3.38  ? 344 LEU A HD11 1 
ATOM   1633 H  HD12 . LEU A 1 108 ? 6.090   14.666  -11.043 1.00 3.17  ? 344 LEU A HD12 1 
ATOM   1634 H  HD13 . LEU A 1 108 ? 4.412   15.201  -11.140 1.00 3.21  ? 344 LEU A HD13 1 
ATOM   1635 H  HD21 . LEU A 1 108 ? 3.693   16.207  -9.541  1.00 3.33  ? 344 LEU A HD21 1 
ATOM   1636 H  HD22 . LEU A 1 108 ? 5.124   16.622  -8.597  1.00 3.01  ? 344 LEU A HD22 1 
ATOM   1637 H  HD23 . LEU A 1 108 ? 3.810   15.714  -7.851  1.00 3.12  ? 344 LEU A HD23 1 
ATOM   1638 N  N    . THR A 1 109 ? 5.651   14.171  -6.307  1.00 2.25  ? 345 THR A N    1 
ATOM   1639 C  CA   . THR A 1 109 ? 6.450   14.905  -5.322  1.00 3.23  ? 345 THR A CA   1 
ATOM   1640 C  C    . THR A 1 109 ? 5.883   16.305  -5.115  1.00 3.44  ? 345 THR A C    1 
ATOM   1641 O  O    . THR A 1 109 ? 4.853   16.659  -5.688  1.00 3.33  ? 345 THR A O    1 
ATOM   1642 C  CB   . THR A 1 109 ? 7.920   15.016  -5.752  1.00 3.97  ? 345 THR A CB   1 
ATOM   1643 O  OG1  . THR A 1 109 ? 8.063   14.834  -7.150  1.00 3.82  ? 345 THR A OG1  1 
ATOM   1644 C  CG2  . THR A 1 109 ? 8.828   14.022  -5.057  1.00 4.87  ? 345 THR A CG2  1 
ATOM   1645 H  H    . THR A 1 109 ? 4.777   14.529  -6.557  1.00 2.31  ? 345 THR A H    1 
ATOM   1646 H  HA   . THR A 1 109 ? 6.397   14.367  -4.386  1.00 3.72  ? 345 THR A HA   1 
ATOM   1647 H  HB   . THR A 1 109 ? 8.274   16.007  -5.507  1.00 4.42  ? 345 THR A HB   1 
ATOM   1648 H  HG1  . THR A 1 109 ? 8.377   13.943  -7.327  1.00 4.01  ? 345 THR A HG1  1 
ATOM   1649 H  HG21 . THR A 1 109 ? 8.243   13.182  -4.711  1.00 5.14  ? 345 THR A HG21 1 
ATOM   1650 H  HG22 . THR A 1 109 ? 9.306   14.499  -4.215  1.00 5.34  ? 345 THR A HG22 1 
ATOM   1651 H  HG23 . THR A 1 109 ? 9.580   13.676  -5.751  1.00 5.16  ? 345 THR A HG23 1 
ATOM   1652 N  N    . HIS A 1 110 ? 6.570   17.101  -4.303  1.00 4.17  ? 346 HIS A N    1 
ATOM   1653 C  CA   . HIS A 1 110 ? 6.142   18.467  -4.031  1.00 4.65  ? 346 HIS A CA   1 
ATOM   1654 C  C    . HIS A 1 110 ? 6.684   19.430  -5.089  1.00 4.76  ? 346 HIS A C    1 
ATOM   1655 O  O    . HIS A 1 110 ? 6.121   20.502  -5.308  1.00 5.06  ? 346 HIS A O    1 
ATOM   1656 C  CB   . HIS A 1 110 ? 6.598   18.903  -2.637  1.00 5.25  ? 346 HIS A CB   1 
ATOM   1657 C  CG   . HIS A 1 110 ? 7.902   19.640  -2.629  1.00 5.72  ? 346 HIS A CG   1 
ATOM   1658 N  ND1  . HIS A 1 110 ? 9.079   19.095  -3.096  1.00 6.41  ? 346 HIS A ND1  1 
ATOM   1659 C  CD2  . HIS A 1 110 ? 8.210   20.888  -2.202  1.00 6.01  ? 346 HIS A CD2  1 
ATOM   1660 C  CE1  . HIS A 1 110 ? 10.056  19.974  -2.954  1.00 7.03  ? 346 HIS A CE1  1 
ATOM   1661 N  NE2  . HIS A 1 110 ? 9.555   21.070  -2.415  1.00 6.81  ? 346 HIS A NE2  1 
ATOM   1662 H  H    . HIS A 1 110 ? 7.389   16.763  -3.882  1.00 4.59  ? 346 HIS A H    1 
ATOM   1663 H  HA   . HIS A 1 110 ? 5.063   18.487  -4.069  1.00 4.90  ? 346 HIS A HA   1 
ATOM   1664 H  HB2  . HIS A 1 110 ? 5.849   19.552  -2.209  1.00 5.45  ? 346 HIS A HB2  1 
ATOM   1665 H  HB3  . HIS A 1 110 ? 6.707   18.027  -2.013  1.00 5.58  ? 346 HIS A HB3  1 
ATOM   1666 H  HD1  . HIS A 1 110 ? 9.184   18.197  -3.474  1.00 6.64  ? 346 HIS A HD1  1 
ATOM   1667 H  HD2  . HIS A 1 110 ? 7.527   21.607  -1.772  1.00 5.93  ? 346 HIS A HD2  1 
ATOM   1668 H  HE1  . HIS A 1 110 ? 11.088  19.822  -3.235  1.00 7.79  ? 346 HIS A HE1  1 
ATOM   1669 N  N    . SER A 1 111 ? 7.777   19.039  -5.748  1.00 4.94  ? 347 SER A N    1 
ATOM   1670 C  CA   . SER A 1 111 ? 8.384   19.869  -6.783  1.00 5.44  ? 347 SER A CA   1 
ATOM   1671 C  C    . SER A 1 111 ? 9.739   19.309  -7.216  1.00 5.93  ? 347 SER A C    1 
ATOM   1672 O  O    . SER A 1 111 ? 10.125  19.428  -8.378  1.00 6.29  ? 347 SER A O    1 
ATOM   1673 C  CB   . SER A 1 111 ? 8.551   21.306  -6.284  1.00 5.84  ? 347 SER A CB   1 
ATOM   1674 O  OG   . SER A 1 111 ? 8.659   21.346  -4.872  1.00 6.17  ? 347 SER A OG   1 
ATOM   1675 H  H    . SER A 1 111 ? 8.182   18.174  -5.536  1.00 4.99  ? 347 SER A H    1 
ATOM   1676 H  HA   . SER A 1 111 ? 7.722   19.871  -7.636  1.00 5.61  ? 347 SER A HA   1 
ATOM   1677 H  HB2  . SER A 1 111 ? 9.445   21.732  -6.713  1.00 6.15  ? 347 SER A HB2  1 
ATOM   1678 H  HB3  . SER A 1 111 ? 7.693   21.890  -6.584  1.00 5.98  ? 347 SER A HB3  1 
ATOM   1679 H  HG   . SER A 1 111 ? 9.427   21.867  -4.625  1.00 6.43  ? 347 SER A HG   1 
ATOM   1680 N  N    . LEU A 1 112 ? 10.456  18.705  -6.273  1.00 6.29  ? 348 LEU A N    1 
ATOM   1681 C  CA   . LEU A 1 112 ? 11.770  18.133  -6.555  1.00 7.07  ? 348 LEU A CA   1 
ATOM   1682 C  C    . LEU A 1 112 ? 11.752  17.290  -7.832  1.00 7.49  ? 348 LEU A C    1 
ATOM   1683 O  O    . LEU A 1 112 ? 12.129  17.771  -8.901  1.00 7.41  ? 348 LEU A O    1 
ATOM   1684 C  CB   . LEU A 1 112 ? 12.246  17.285  -5.372  1.00 7.84  ? 348 LEU A CB   1 
ATOM   1685 C  CG   . LEU A 1 112 ? 13.070  18.036  -4.326  1.00 8.51  ? 348 LEU A CG   1 
ATOM   1686 C  CD1  . LEU A 1 112 ? 13.013  17.317  -2.987  1.00 9.02  ? 348 LEU A CD1  1 
ATOM   1687 C  CD2  . LEU A 1 112 ? 14.510  18.185  -4.790  1.00 9.25  ? 348 LEU A CD2  1 
ATOM   1688 H  H    . LEU A 1 112 ? 10.097  18.645  -5.363  1.00 6.25  ? 348 LEU A H    1 
ATOM   1689 H  HA   . LEU A 1 112 ? 12.460  18.952  -6.694  1.00 7.11  ? 348 LEU A HA   1 
ATOM   1690 H  HB2  . LEU A 1 112 ? 11.376  16.867  -4.885  1.00 7.67  ? 348 LEU A HB2  1 
ATOM   1691 H  HB3  . LEU A 1 112 ? 12.846  16.474  -5.756  1.00 8.36  ? 348 LEU A HB3  1 
ATOM   1692 H  HG   . LEU A 1 112 ? 12.655  19.024  -4.192  1.00 8.35  ? 348 LEU A HG   1 
ATOM   1693 H  HD11 . LEU A 1 112 ? 12.095  16.753  -2.919  1.00 9.16  ? 348 LEU A HD11 1 
ATOM   1694 H  HD12 . LEU A 1 112 ? 13.050  18.042  -2.187  1.00 9.23  ? 348 LEU A HD12 1 
ATOM   1695 H  HD13 . LEU A 1 112 ? 13.854  16.645  -2.903  1.00 9.27  ? 348 LEU A HD13 1 
ATOM   1696 H  HD21 . LEU A 1 112 ? 15.026  18.882  -4.146  1.00 9.33  ? 348 LEU A HD21 1 
ATOM   1697 H  HD22 . LEU A 1 112 ? 14.524  18.555  -5.806  1.00 9.54  ? 348 LEU A HD22 1 
ATOM   1698 H  HD23 . LEU A 1 112 ? 15.003  17.226  -4.751  1.00 9.63  ? 348 LEU A HD23 1 
ATOM   1699 N  N    . GLU A 1 113 ? 11.313  16.033  -7.711  1.00 8.21  ? 349 GLU A N    1 
ATOM   1700 C  CA   . GLU A 1 113 ? 11.245  15.113  -8.850  1.00 8.89  ? 349 GLU A CA   1 
ATOM   1701 C  C    . GLU A 1 113 ? 12.493  15.212  -9.725  1.00 9.07  ? 349 GLU A C    1 
ATOM   1702 O  O    . GLU A 1 113 ? 12.429  15.006  -10.938 1.00 9.49  ? 349 GLU A O    1 
ATOM   1703 C  CB   . GLU A 1 113 ? 9.997   15.388  -9.692  1.00 9.55  ? 349 GLU A CB   1 
ATOM   1704 C  CG   . GLU A 1 113 ? 10.004  16.749  -10.364 1.00 9.65  ? 349 GLU A CG   1 
ATOM   1705 C  CD   . GLU A 1 113 ? 8.772   16.988  -11.215 1.00 10.01 ? 349 GLU A CD   1 
ATOM   1706 O  OE1  . GLU A 1 113 ? 8.089   16.000  -11.561 1.00 10.07 ? 349 GLU A OE1  1 
ATOM   1707 O  OE2  . GLU A 1 113 ? 8.490   18.162  -11.536 1.00 10.46 ? 349 GLU A OE2  1 
ATOM   1708 H  H    . GLU A 1 113 ? 11.025  15.714  -6.833  1.00 8.44  ? 349 GLU A H    1 
ATOM   1709 H  HA   . GLU A 1 113 ? 11.182  14.111  -8.455  1.00 9.05  ? 349 GLU A HA   1 
ATOM   1710 H  HB2  . GLU A 1 113 ? 9.921   14.632  -10.459 1.00 9.98  ? 349 GLU A HB2  1 
ATOM   1711 H  HB3  . GLU A 1 113 ? 9.127   15.330  -9.055  1.00 9.79  ? 349 GLU A HB3  1 
ATOM   1712 H  HG2  . GLU A 1 113 ? 10.046  17.509  -9.600  1.00 9.25  ? 349 GLU A HG2  1 
ATOM   1713 H  HG3  . GLU A 1 113 ? 10.879  16.822  -10.994 1.00 10.11 ? 349 GLU A HG3  1 
ATOM   1714 N  N    . GLU A 1 114 ? 13.625  15.530  -9.106  1.00 9.00  ? 350 GLU A N    1 
ATOM   1715 C  CA   . GLU A 1 114 ? 14.885  15.659  -9.833  1.00 9.42  ? 350 GLU A CA   1 
ATOM   1716 C  C    . GLU A 1 114 ? 15.889  14.578  -9.429  1.00 9.89  ? 350 GLU A C    1 
ATOM   1717 O  O    . GLU A 1 114 ? 16.801  14.256  -10.191 1.00 9.93  ? 350 GLU A O    1 
ATOM   1718 C  CB   . GLU A 1 114 ? 15.498  17.044  -9.604  1.00 9.39  ? 350 GLU A CB   1 
ATOM   1719 C  CG   . GLU A 1 114 ? 15.254  17.608  -8.212  1.00 9.87  ? 350 GLU A CG   1 
ATOM   1720 C  CD   . GLU A 1 114 ? 15.667  16.654  -7.109  1.00 10.41 ? 350 GLU A CD   1 
ATOM   1721 O  OE1  . GLU A 1 114 ? 16.844  16.699  -6.695  1.00 10.64 ? 350 GLU A OE1  1 
ATOM   1722 O  OE2  . GLU A 1 114 ? 14.812  15.863  -6.657  1.00 10.79 ? 350 GLU A OE2  1 
ATOM   1723 H  H    . GLU A 1 114 ? 13.610  15.686  -8.140  1.00 8.84  ? 350 GLU A H    1 
ATOM   1724 H  HA   . GLU A 1 114 ? 14.668  15.547  -10.884 1.00 9.70  ? 350 GLU A HA   1 
ATOM   1725 H  HB2  . GLU A 1 114 ? 16.565  16.982  -9.759  1.00 9.08  ? 350 GLU A HB2  1 
ATOM   1726 H  HB3  . GLU A 1 114 ? 15.080  17.732  -10.325 1.00 9.57  ? 350 GLU A HB3  1 
ATOM   1727 H  HG2  . GLU A 1 114 ? 15.819  18.520  -8.105  1.00 10.12 ? 350 GLU A HG2  1 
ATOM   1728 H  HG3  . GLU A 1 114 ? 14.203  17.824  -8.105  1.00 9.85  ? 350 GLU A HG3  1 
ATOM   1729 N  N    . CYS A 1 115 ? 15.727  14.023  -8.229  1.00 10.47 ? 351 CYS A N    1 
ATOM   1730 C  CA   . CYS A 1 115 ? 16.633  12.988  -7.742  1.00 11.19 ? 351 CYS A CA   1 
ATOM   1731 C  C    . CYS A 1 115 ? 18.033  13.555  -7.530  1.00 11.52 ? 351 CYS A C    1 
ATOM   1732 O  O    . CYS A 1 115 ? 18.872  13.499  -8.429  1.00 11.58 ? 351 CYS A O    1 
ATOM   1733 C  CB   . CYS A 1 115 ? 16.689  11.820  -8.729  1.00 11.61 ? 351 CYS A CB   1 
ATOM   1734 S  SG   . CYS A 1 115 ? 15.089  11.380  -9.446  1.00 12.03 ? 351 CYS A SG   1 
ATOM   1735 H  H    . CYS A 1 115 ? 14.988  14.319  -7.659  1.00 10.55 ? 351 CYS A H    1 
ATOM   1736 H  HA   . CYS A 1 115 ? 16.253  12.632  -6.796  1.00 11.41 ? 351 CYS A HA   1 
ATOM   1737 H  HB2  . CYS A 1 115 ? 17.353  12.077  -9.542  1.00 11.84 ? 351 CYS A HB2  1 
ATOM   1738 H  HB3  . CYS A 1 115 ? 17.074  10.948  -8.221  1.00 11.70 ? 351 CYS A HB3  1 
ATOM   1739 H  HG   . CYS A 1 115 ? 15.234  10.676  -10.083 1.00 11.98 ? 351 CYS A HG   1 
ATOM   1740 N  N    . LEU A 1 116 ? 18.264  14.108  -6.337  1.00 11.95 ? 352 LEU A N    1 
ATOM   1741 C  CA   . LEU A 1 116 ? 19.551  14.709  -5.969  1.00 12.51 ? 352 LEU A CA   1 
ATOM   1742 C  C    . LEU A 1 116 ? 19.633  16.171  -6.417  1.00 13.21 ? 352 LEU A C    1 
ATOM   1743 O  O    . LEU A 1 116 ? 20.035  17.033  -5.638  1.00 13.72 ? 352 LEU A O    1 
ATOM   1744 C  CB   . LEU A 1 116 ? 20.731  13.884  -6.512  1.00 12.87 ? 352 LEU A CB   1 
ATOM   1745 C  CG   . LEU A 1 116 ? 21.411  14.418  -7.777  1.00 12.92 ? 352 LEU A CG   1 
ATOM   1746 C  CD1  . LEU A 1 116 ? 22.379  15.540  -7.435  1.00 13.16 ? 352 LEU A CD1  1 
ATOM   1747 C  CD2  . LEU A 1 116 ? 22.141  13.293  -8.498  1.00 13.18 ? 352 LEU A CD2  1 
ATOM   1748 H  H    . LEU A 1 116 ? 17.538  14.119  -5.678  1.00 12.03 ? 352 LEU A H    1 
ATOM   1749 H  HA   . LEU A 1 116 ? 19.600  14.696  -4.889  1.00 12.35 ? 352 LEU A HA   1 
ATOM   1750 H  HB2  . LEU A 1 116 ? 21.478  13.820  -5.735  1.00 12.88 ? 352 LEU A HB2  1 
ATOM   1751 H  HB3  . LEU A 1 116 ? 20.373  12.886  -6.720  1.00 13.31 ? 352 LEU A HB3  1 
ATOM   1752 H  HG   . LEU A 1 116 ? 20.665  14.813  -8.447  1.00 12.81 ? 352 LEU A HG   1 
ATOM   1753 H  HD11 . LEU A 1 116 ? 22.113  15.968  -6.480  1.00 13.34 ? 352 LEU A HD11 1 
ATOM   1754 H  HD12 . LEU A 1 116 ? 22.328  16.302  -8.198  1.00 13.27 ? 352 LEU A HD12 1 
ATOM   1755 H  HD13 . LEU A 1 116 ? 23.384  15.146  -7.387  1.00 13.23 ? 352 LEU A HD13 1 
ATOM   1756 H  HD21 . LEU A 1 116 ? 22.874  13.713  -9.169  1.00 13.40 ? 352 LEU A HD21 1 
ATOM   1757 H  HD22 . LEU A 1 116 ? 21.430  12.706  -9.061  1.00 13.37 ? 352 LEU A HD22 1 
ATOM   1758 H  HD23 . LEU A 1 116 ? 22.634  12.663  -7.774  1.00 13.12 ? 352 LEU A HD23 1 
ATOM   1759 N  N    . VAL A 1 117 ? 19.234  16.449  -7.660  1.00 13.41 ? 353 VAL A N    1 
ATOM   1760 C  CA   . VAL A 1 117 ? 19.247  17.809  -8.194  1.00 14.25 ? 353 VAL A CA   1 
ATOM   1761 C  C    . VAL A 1 117 ? 19.068  17.795  -9.710  1.00 14.69 ? 353 VAL A C    1 
ATOM   1762 O  O    . VAL A 1 117 ? 18.196  18.478  -10.244 1.00 14.79 ? 353 VAL A O    1 
ATOM   1763 C  CB   . VAL A 1 117 ? 20.546  18.566  -7.834  1.00 14.53 ? 353 VAL A CB   1 
ATOM   1764 C  CG1  . VAL A 1 117 ? 21.106  19.308  -9.042  1.00 15.12 ? 353 VAL A CG1  1 
ATOM   1765 C  CG2  . VAL A 1 117 ? 20.295  19.534  -6.688  1.00 14.32 ? 353 VAL A CG2  1 
ATOM   1766 H  H    . VAL A 1 117 ? 18.913  15.724  -8.230  1.00 13.10 ? 353 VAL A H    1 
ATOM   1767 H  HA   . VAL A 1 117 ? 18.415  18.341  -7.755  1.00 14.55 ? 353 VAL A HA   1 
ATOM   1768 H  HB   . VAL A 1 117 ? 21.282  17.845  -7.511  1.00 14.66 ? 353 VAL A HB   1 
ATOM   1769 H  HG11 . VAL A 1 117 ? 21.465  18.596  -9.769  1.00 15.21 ? 353 VAL A HG11 1 
ATOM   1770 H  HG12 . VAL A 1 117 ? 21.922  19.940  -8.726  1.00 15.32 ? 353 VAL A HG12 1 
ATOM   1771 H  HG13 . VAL A 1 117 ? 20.330  19.916  -9.483  1.00 15.41 ? 353 VAL A HG13 1 
ATOM   1772 H  HG21 . VAL A 1 117 ? 20.116  20.523  -7.084  1.00 14.13 ? 353 VAL A HG21 1 
ATOM   1773 H  HG22 . VAL A 1 117 ? 21.158  19.557  -6.039  1.00 14.40 ? 353 VAL A HG22 1 
ATOM   1774 H  HG23 . VAL A 1 117 ? 19.431  19.210  -6.125  1.00 14.42 ? 353 VAL A HG23 1 
ATOM   1775 N  N    . ARG A 1 118 ? 19.895  17.004  -10.390 1.00 15.11 ? 354 ARG A N    1 
ATOM   1776 C  CA   . ARG A 1 118 ? 19.837  16.887  -11.846 1.00 15.71 ? 354 ARG A CA   1 
ATOM   1777 C  C    . ARG A 1 118 ? 19.957  18.254  -12.524 1.00 16.42 ? 354 ARG A C    1 
ATOM   1778 O  O    . ARG A 1 118 ? 21.053  18.671  -12.897 1.00 16.62 ? 354 ARG A O    1 
ATOM   1779 C  CB   . ARG A 1 118 ? 18.543  16.188  -12.275 1.00 15.83 ? 354 ARG A CB   1 
ATOM   1780 C  CG   . ARG A 1 118 ? 18.736  14.723  -12.639 1.00 15.89 ? 354 ARG A CG   1 
ATOM   1781 C  CD   . ARG A 1 118 ? 18.117  14.387  -13.989 1.00 16.08 ? 354 ARG A CD   1 
ATOM   1782 N  NE   . ARG A 1 118 ? 16.931  13.545  -13.850 1.00 16.24 ? 354 ARG A NE   1 
ATOM   1783 C  CZ   . ARG A 1 118 ? 16.951  12.306  -13.364 1.00 16.52 ? 354 ARG A CZ   1 
ATOM   1784 N  NH1  . ARG A 1 118 ? 18.093  11.752  -12.973 1.00 16.67 ? 354 ARG A NH1  1 
ATOM   1785 N  NH2  . ARG A 1 118 ? 15.823  11.614  -13.271 1.00 16.79 ? 354 ARG A NH2  1 
ATOM   1786 H  H    . ARG A 1 118 ? 20.564  16.483  -9.899  1.00 15.12 ? 354 ARG A H    1 
ATOM   1787 H  HA   . ARG A 1 118 ? 20.675  16.280  -12.154 1.00 15.74 ? 354 ARG A HA   1 
ATOM   1788 H  HB2  . ARG A 1 118 ? 17.831  16.245  -11.465 1.00 15.77 ? 354 ARG A HB2  1 
ATOM   1789 H  HB3  . ARG A 1 118 ? 18.139  16.702  -13.134 1.00 16.10 ? 354 ARG A HB3  1 
ATOM   1790 H  HG2  . ARG A 1 118 ? 19.794  14.510  -12.679 1.00 16.05 ? 354 ARG A HG2  1 
ATOM   1791 H  HG3  . ARG A 1 118 ? 18.274  14.111  -11.879 1.00 15.78 ? 354 ARG A HG3  1 
ATOM   1792 H  HD2  . ARG A 1 118 ? 17.840  15.304  -14.486 1.00 16.33 ? 354 ARG A HD2  1 
ATOM   1793 H  HD3  . ARG A 1 118 ? 18.850  13.863  -14.585 1.00 16.00 ? 354 ARG A HD3  1 
ATOM   1794 H  HE   . ARG A 1 118 ? 16.073  13.924  -14.134 1.00 16.25 ? 354 ARG A HE   1 
ATOM   1795 H  HH11 . ARG A 1 118 ? 18.949  12.263  -13.041 1.00 16.56 ? 354 ARG A HH11 1 
ATOM   1796 H  HH12 . ARG A 1 118 ? 18.097  10.821  -12.608 1.00 16.98 ? 354 ARG A HH12 1 
ATOM   1797 H  HH21 . ARG A 1 118 ? 14.959  12.025  -13.564 1.00 16.78 ? 354 ARG A HH21 1 
ATOM   1798 H  HH22 . ARG A 1 118 ? 15.836  10.684  -12.905 1.00 17.09 ? 354 ARG A HH22 1 
ATOM   1799 N  N    . THR A 1 119 ? 18.831  18.950  -12.685 1.00 16.93 ? 355 THR A N    1 
ATOM   1800 C  CA   . THR A 1 119 ? 18.831  20.262  -13.320 1.00 17.75 ? 355 THR A CA   1 
ATOM   1801 C  C    . THR A 1 119 ? 17.754  21.158  -12.720 1.00 18.01 ? 355 THR A C    1 
ATOM   1802 O  O    . THR A 1 119 ? 16.955  21.755  -13.443 1.00 17.96 ? 355 THR A O    1 
ATOM   1803 C  CB   . THR A 1 119 ? 18.609  20.122  -14.827 1.00 18.23 ? 355 THR A CB   1 
ATOM   1804 O  OG1  . THR A 1 119 ? 17.244  19.868  -15.110 1.00 17.78 ? 355 THR A OG1  1 
ATOM   1805 C  CG2  . THR A 1 119 ? 19.423  19.009  -15.451 1.00 18.69 ? 355 THR A CG2  1 
ATOM   1806 H  H    . THR A 1 119 ? 17.984  18.574  -12.369 1.00 16.84 ? 355 THR A H    1 
ATOM   1807 H  HA   . THR A 1 119 ? 19.797  20.714  -13.148 1.00 18.00 ? 355 THR A HA   1 
ATOM   1808 H  HB   . THR A 1 119 ? 18.890  21.047  -15.310 1.00 18.75 ? 355 THR A HB   1 
ATOM   1809 H  HG1  . THR A 1 119 ? 17.058  18.935  -14.987 1.00 18.01 ? 355 THR A HG1  1 
ATOM   1810 H  HG21 . THR A 1 119 ? 18.959  18.058  -15.233 1.00 18.87 ? 355 THR A HG21 1 
ATOM   1811 H  HG22 . THR A 1 119 ? 20.423  19.023  -15.045 1.00 18.90 ? 355 THR A HG22 1 
ATOM   1812 H  HG23 . THR A 1 119 ? 19.466  19.151  -16.521 1.00 18.77 ? 355 THR A HG23 1 
ATOM   1813 N  N    . THR A 1 120 ? 17.735  21.249  -11.394 1.00 18.43 ? 356 THR A N    1 
ATOM   1814 C  CA   . THR A 1 120 ? 16.752  22.073  -10.699 1.00 18.86 ? 356 THR A CA   1 
ATOM   1815 C  C    . THR A 1 120 ? 17.429  23.229  -9.969  1.00 19.49 ? 356 THR A C    1 
ATOM   1816 O  O    . THR A 1 120 ? 16.712  24.023  -9.327  1.00 19.64 ? 356 THR A O    1 
ATOM   1817 C  CB   . THR A 1 120 ? 15.954  21.226  -9.707  1.00 18.90 ? 356 THR A CB   1 
ATOM   1818 O  OG1  . THR A 1 120 ? 14.645  21.744  -9.544  1.00 19.42 ? 356 THR A OG1  1 
ATOM   1819 C  CG2  . THR A 1 120 ? 16.593  21.153  -8.337  1.00 19.05 ? 356 THR A CG2  1 
ATOM   1820 O  OXT  . THR A 1 120 ? 18.673  23.327  -10.045 1.00 19.94 ? 356 THR A OXT  1 
ATOM   1821 H  H    . THR A 1 120 ? 18.395  20.750  -10.870 1.00 18.54 ? 356 THR A H    1 
ATOM   1822 H  HA   . THR A 1 120 ? 16.077  22.478  -11.439 1.00 18.85 ? 356 THR A HA   1 
ATOM   1823 H  HB   . THR A 1 120 ? 15.876  20.220  -10.091 1.00 18.56 ? 356 THR A HB   1 
ATOM   1824 H  HG1  . THR A 1 120 ? 14.115  21.120  -9.043  1.00 19.73 ? 356 THR A HG1  1 
ATOM   1825 H  HG21 . THR A 1 120 ? 16.588  22.133  -7.885  1.00 19.01 ? 356 THR A HG21 1 
ATOM   1826 H  HG22 . THR A 1 120 ? 17.611  20.805  -8.433  1.00 19.35 ? 356 THR A HG22 1 
ATOM   1827 H  HG23 . THR A 1 120 ? 16.035  20.467  -7.717  1.00 19.00 ? 356 THR A HG23 1 
HETATM 1828 ZN ZN   . ZN  B 2 .   ? -3.073  -1.430  -1.995  1.00 0.34  ? 999 ZN  A ZN   1 
# 
